data_2PMV
#
_entry.id   2PMV
#
_cell.length_a   90.100
_cell.length_b   67.300
_cell.length_c   147.700
_cell.angle_alpha   90.00
_cell.angle_beta   96.80
_cell.angle_gamma   90.00
#
_symmetry.space_group_name_H-M   'P 1 21 1'
#
loop_
_entity.id
_entity.type
_entity.pdbx_description
1 polymer 'Gastric intrinsic factor'
2 branched 2-acetamido-2-deoxy-beta-D-glucopyranose-(1-4)-2-acetamido-2-deoxy-beta-D-glucopyranose
3 non-polymer COBALAMIN
4 water water
#
_entity_poly.entity_id   1
_entity_poly.type   'polypeptide(L)'
_entity_poly.pdbx_seq_one_letter_code
;STQTQSSCSVPSAQEPLVNGIQVLMENSVTSSAYPNPSILIAMNLAGAYNLKAQKLLTYQLMSSDNNDLTIGHLGLTIMA
LTSSCRDPGDKVSILQRQMENWAPSSPNAEASAFYGPSLAILALCQKNSEATLPIAVRFAKTLLANSSPFNVDTGAMATL
ALTCMYNKIPVGSEEGYRSLFGQVLKDIVEKISMKIKDNGIIGDIYSTGLAMQALSVTPEPSKKEWNCKKTTDMILNEIK
QGKFHNPMSIAQILPSLKGKTYLDVPQVTCSPDHEVQPTLPSNPGPGPTSASNITVIYTINNQLRGVELLFNETINVSVK
SGSVLLVVLEEAQRKNPMFKFETTMTSWGLVVSSINNIAENVNHKTYWQFLSGVTPLNEGVADYIPFNHEHITANFTQY
;
_entity_poly.pdbx_strand_id   A,B,C,D
#
# COMPACT_ATOMS: atom_id res chain seq x y z
N SER A 7 29.21 13.12 -6.61
CA SER A 7 29.84 12.89 -5.27
C SER A 7 30.79 11.70 -5.33
N CYS A 8 30.65 10.92 -6.39
CA CYS A 8 31.47 9.72 -6.55
C CYS A 8 31.59 9.33 -8.01
N SER A 9 32.01 10.29 -8.82
CA SER A 9 32.19 10.07 -10.24
C SER A 9 33.49 9.26 -10.36
N VAL A 10 33.80 8.77 -11.56
CA VAL A 10 35.03 8.04 -11.73
C VAL A 10 36.14 9.07 -11.91
N PRO A 11 37.19 8.96 -11.09
CA PRO A 11 38.35 9.87 -11.11
C PRO A 11 38.97 9.96 -12.50
N SER A 12 39.04 11.18 -13.01
CA SER A 12 39.65 11.41 -14.32
C SER A 12 41.10 11.05 -14.15
N ALA A 13 41.41 9.78 -14.37
CA ALA A 13 42.75 9.27 -14.20
C ALA A 13 42.50 7.79 -14.33
N GLN A 14 41.26 7.42 -14.06
CA GLN A 14 40.81 6.05 -14.16
C GLN A 14 39.90 5.97 -15.39
N GLU A 15 39.58 7.12 -15.96
CA GLU A 15 38.73 7.15 -17.13
C GLU A 15 39.23 6.27 -18.27
N PRO A 16 40.55 6.27 -18.52
CA PRO A 16 41.04 5.41 -19.61
C PRO A 16 40.54 3.98 -19.40
N LEU A 17 40.52 3.54 -18.14
CA LEU A 17 40.07 2.20 -17.79
C LEU A 17 38.63 2.03 -18.24
N VAL A 18 37.78 2.97 -17.86
CA VAL A 18 36.39 2.85 -18.26
C VAL A 18 36.30 2.84 -19.77
N ASN A 19 37.01 3.75 -20.42
CA ASN A 19 36.96 3.82 -21.87
C ASN A 19 37.29 2.46 -22.48
N GLY A 20 38.33 1.81 -21.94
CA GLY A 20 38.75 0.50 -22.43
C GLY A 20 37.64 -0.55 -22.41
N ILE A 21 36.98 -0.73 -21.27
CA ILE A 21 35.92 -1.74 -21.22
C ILE A 21 34.78 -1.37 -22.13
N GLN A 22 34.50 -0.07 -22.27
CA GLN A 22 33.43 0.35 -23.16
C GLN A 22 33.73 -0.19 -24.54
N VAL A 23 34.98 0.01 -24.99
CA VAL A 23 35.41 -0.48 -26.29
C VAL A 23 35.33 -1.98 -26.31
N LEU A 24 35.78 -2.66 -25.24
CA LEU A 24 35.70 -4.13 -25.24
C LEU A 24 34.23 -4.55 -25.47
N MET A 25 33.31 -3.90 -24.75
CA MET A 25 31.90 -4.24 -24.86
C MET A 25 31.30 -3.95 -26.24
N GLU A 26 31.60 -2.78 -26.80
CA GLU A 26 31.06 -2.43 -28.12
C GLU A 26 31.64 -3.36 -29.16
N ASN A 27 32.92 -3.69 -29.00
CA ASN A 27 33.61 -4.54 -29.94
C ASN A 27 33.06 -5.95 -30.05
N SER A 28 32.19 -6.34 -29.12
CA SER A 28 31.66 -7.69 -29.13
C SER A 28 30.46 -7.82 -30.06
N VAL A 29 29.98 -6.69 -30.56
CA VAL A 29 28.82 -6.71 -31.46
C VAL A 29 29.21 -7.16 -32.87
N THR A 30 28.62 -8.25 -33.34
CA THR A 30 28.95 -8.78 -34.66
C THR A 30 27.71 -9.38 -35.28
N SER A 31 27.81 -9.77 -36.54
CA SER A 31 26.65 -10.33 -37.23
C SER A 31 26.14 -11.65 -36.64
N SER A 32 27.03 -12.40 -36.02
CA SER A 32 26.67 -13.67 -35.41
C SER A 32 26.48 -13.55 -33.89
N ALA A 33 27.02 -12.49 -33.31
CA ALA A 33 26.89 -12.27 -31.87
C ALA A 33 25.39 -12.22 -31.50
N TYR A 34 25.07 -12.62 -30.27
CA TYR A 34 23.69 -12.59 -29.79
C TYR A 34 23.35 -11.10 -29.59
N PRO A 35 22.29 -10.59 -30.24
CA PRO A 35 21.89 -9.18 -30.12
C PRO A 35 21.54 -8.85 -28.67
N ASN A 36 22.46 -8.16 -28.00
CA ASN A 36 22.24 -7.81 -26.62
C ASN A 36 21.69 -6.38 -26.42
N PRO A 37 20.40 -6.24 -26.09
CA PRO A 37 19.84 -4.89 -25.88
C PRO A 37 20.52 -4.09 -24.73
N SER A 38 21.06 -4.78 -23.72
CA SER A 38 21.71 -4.07 -22.63
C SER A 38 22.97 -3.43 -23.14
N ILE A 39 23.65 -4.08 -24.08
CA ILE A 39 24.87 -3.47 -24.55
C ILE A 39 24.55 -2.20 -25.32
N LEU A 40 23.47 -2.21 -26.09
CA LEU A 40 23.05 -1.06 -26.87
C LEU A 40 22.69 0.08 -25.93
N ILE A 41 21.95 -0.24 -24.86
CA ILE A 41 21.55 0.75 -23.88
C ILE A 41 22.77 1.39 -23.25
N ALA A 42 23.72 0.54 -22.88
CA ALA A 42 24.95 1.01 -22.27
C ALA A 42 25.76 1.90 -23.21
N MET A 43 26.04 1.44 -24.42
CA MET A 43 26.81 2.33 -25.27
C MET A 43 26.05 3.60 -25.55
N ASN A 44 24.74 3.51 -25.74
CA ASN A 44 24.03 4.74 -26.01
C ASN A 44 24.05 5.70 -24.82
N LEU A 45 23.96 5.21 -23.58
CA LEU A 45 23.99 6.12 -22.43
C LEU A 45 25.39 6.72 -22.23
N ALA A 46 26.40 5.97 -22.62
CA ALA A 46 27.77 6.40 -22.50
C ALA A 46 28.18 7.32 -23.62
N GLY A 47 27.58 7.15 -24.79
CA GLY A 47 27.99 7.92 -25.95
C GLY A 47 28.83 6.92 -26.72
N ALA A 48 28.24 6.28 -27.72
CA ALA A 48 28.90 5.25 -28.50
C ALA A 48 30.21 5.64 -29.20
N TYR A 49 31.18 4.73 -29.25
CA TYR A 49 32.45 5.01 -29.93
C TYR A 49 32.35 4.45 -31.34
N ASN A 50 32.07 3.18 -31.43
CA ASN A 50 31.98 2.48 -32.69
C ASN A 50 30.60 2.61 -33.33
N LEU A 51 30.48 3.59 -34.23
CA LEU A 51 29.20 3.81 -34.88
C LEU A 51 28.72 2.65 -35.74
N LYS A 52 29.63 1.81 -36.24
CA LYS A 52 29.15 0.67 -37.03
C LYS A 52 28.58 -0.34 -36.07
N ALA A 53 29.23 -0.60 -34.99
CA ALA A 53 28.67 -1.59 -34.06
C ALA A 53 27.33 -1.05 -33.56
N GLN A 54 27.28 0.25 -33.30
CA GLN A 54 26.03 0.86 -32.84
C GLN A 54 24.88 0.62 -33.81
N LYS A 55 25.13 0.90 -35.08
CA LYS A 55 24.12 0.73 -36.12
C LYS A 55 23.73 -0.73 -36.32
N LEU A 56 24.72 -1.61 -36.35
CA LEU A 56 24.44 -3.02 -36.54
C LEU A 56 23.48 -3.56 -35.47
N LEU A 57 23.80 -3.33 -34.20
CA LEU A 57 22.97 -3.80 -33.07
C LEU A 57 21.58 -3.22 -33.15
N THR A 58 21.50 -1.93 -33.41
CA THR A 58 20.22 -1.26 -33.52
C THR A 58 19.38 -1.93 -34.58
N TYR A 59 20.00 -2.35 -35.68
CA TYR A 59 19.24 -3.00 -36.75
C TYR A 59 18.80 -4.40 -36.36
N GLN A 60 19.69 -5.13 -35.68
CA GLN A 60 19.36 -6.47 -35.24
C GLN A 60 18.17 -6.43 -34.27
N LEU A 61 18.11 -5.41 -33.40
CA LEU A 61 16.98 -5.36 -32.48
C LEU A 61 15.72 -4.88 -33.18
N MET A 62 15.83 -3.94 -34.11
CA MET A 62 14.65 -3.42 -34.80
C MET A 62 13.94 -4.55 -35.51
N SER A 63 14.73 -5.52 -35.92
CA SER A 63 14.17 -6.66 -36.63
C SER A 63 13.96 -7.91 -35.77
N SER A 64 14.17 -7.81 -34.45
CA SER A 64 13.94 -8.97 -33.59
C SER A 64 12.45 -9.28 -33.69
N ASP A 65 12.10 -10.55 -33.56
CA ASP A 65 10.70 -10.98 -33.65
C ASP A 65 9.99 -10.85 -32.31
N ASN A 66 8.89 -10.12 -32.28
CA ASN A 66 8.18 -9.94 -31.00
C ASN A 66 7.81 -11.23 -30.29
N ASN A 67 7.60 -12.32 -31.04
CA ASN A 67 7.22 -13.59 -30.44
C ASN A 67 8.39 -14.40 -29.88
N ASP A 68 9.59 -13.87 -30.06
CA ASP A 68 10.78 -14.52 -29.55
C ASP A 68 11.22 -13.88 -28.25
N LEU A 69 10.63 -12.75 -27.91
CA LEU A 69 11.03 -12.03 -26.72
C LEU A 69 10.15 -12.22 -25.52
N THR A 70 10.78 -12.33 -24.36
CA THR A 70 10.10 -12.47 -23.08
C THR A 70 9.75 -11.08 -22.58
N ILE A 71 8.91 -11.03 -21.56
CA ILE A 71 8.49 -9.77 -20.97
C ILE A 71 9.72 -8.86 -20.74
N GLY A 72 10.77 -9.42 -20.16
CA GLY A 72 11.96 -8.65 -19.91
C GLY A 72 12.74 -8.30 -21.16
N HIS A 73 12.84 -9.23 -22.11
CA HIS A 73 13.55 -8.97 -23.37
C HIS A 73 12.89 -7.72 -23.94
N LEU A 74 11.58 -7.85 -24.11
CA LEU A 74 10.75 -6.81 -24.64
C LEU A 74 11.08 -5.48 -23.99
N GLY A 75 11.02 -5.43 -22.67
CA GLY A 75 11.31 -4.19 -21.97
C GLY A 75 12.69 -3.65 -22.35
N LEU A 76 13.69 -4.52 -22.30
CA LEU A 76 15.04 -4.14 -22.63
C LEU A 76 15.15 -3.63 -24.08
N THR A 77 14.49 -4.32 -24.99
CA THR A 77 14.54 -3.96 -26.38
C THR A 77 13.84 -2.62 -26.68
N ILE A 78 12.75 -2.35 -25.97
CA ILE A 78 12.05 -1.09 -26.15
C ILE A 78 12.98 0.06 -25.69
N MET A 79 13.64 -0.14 -24.56
CA MET A 79 14.56 0.89 -24.08
C MET A 79 15.78 1.02 -25.01
N ALA A 80 16.26 -0.08 -25.55
CA ALA A 80 17.43 0.00 -26.41
C ALA A 80 17.09 0.80 -27.65
N LEU A 81 15.96 0.48 -28.29
CA LEU A 81 15.56 1.20 -29.48
C LEU A 81 15.41 2.67 -29.13
N THR A 82 14.63 2.96 -28.09
CA THR A 82 14.47 4.34 -27.70
C THR A 82 15.82 5.09 -27.54
N SER A 83 16.81 4.44 -26.92
CA SER A 83 18.13 5.05 -26.72
C SER A 83 18.84 5.27 -28.05
N SER A 84 18.33 4.64 -29.10
CA SER A 84 18.90 4.81 -30.44
C SER A 84 18.01 5.72 -31.25
N CYS A 85 17.04 6.34 -30.58
CA CYS A 85 16.07 7.23 -31.18
C CYS A 85 15.29 6.57 -32.31
N ARG A 86 14.86 5.34 -32.04
CA ARG A 86 14.08 4.55 -32.99
C ARG A 86 12.72 4.20 -32.39
N ASP A 87 11.69 4.28 -33.21
CA ASP A 87 10.34 3.96 -32.76
C ASP A 87 10.34 2.47 -32.48
N PRO A 88 9.80 2.06 -31.34
CA PRO A 88 9.70 0.67 -30.89
C PRO A 88 8.42 0.10 -31.45
N GLY A 89 7.52 1.01 -31.78
CA GLY A 89 6.23 0.64 -32.30
C GLY A 89 5.60 -0.58 -31.66
N ASP A 90 5.28 -1.50 -32.55
CA ASP A 90 4.67 -2.77 -32.25
C ASP A 90 4.90 -3.35 -30.85
N LYS A 91 6.19 -3.43 -30.47
CA LYS A 91 6.60 -3.99 -29.19
C LYS A 91 5.97 -3.41 -27.95
N VAL A 92 5.71 -2.11 -27.92
CA VAL A 92 5.12 -1.51 -26.73
C VAL A 92 3.68 -2.00 -26.51
N SER A 93 2.92 -2.12 -27.61
CA SER A 93 1.52 -2.59 -27.55
C SER A 93 1.52 -4.03 -27.05
N ILE A 94 2.37 -4.83 -27.67
CA ILE A 94 2.49 -6.22 -27.32
C ILE A 94 2.86 -6.35 -25.85
N LEU A 95 3.85 -5.57 -25.41
CA LEU A 95 4.29 -5.63 -24.01
C LEU A 95 3.18 -5.21 -23.04
N GLN A 96 2.51 -4.11 -23.34
CA GLN A 96 1.43 -3.61 -22.50
C GLN A 96 0.36 -4.70 -22.25
N ARG A 97 -0.06 -5.40 -23.29
CA ARG A 97 -1.07 -6.43 -23.09
C ARG A 97 -0.50 -7.67 -22.42
N GLN A 98 0.77 -7.97 -22.62
CA GLN A 98 1.26 -9.14 -21.92
C GLN A 98 1.32 -8.84 -20.43
N MET A 99 1.67 -7.60 -20.09
CA MET A 99 1.77 -7.18 -18.70
C MET A 99 0.43 -7.10 -17.99
N GLU A 100 -0.62 -6.72 -18.70
CA GLU A 100 -1.92 -6.63 -18.04
C GLU A 100 -2.33 -8.03 -17.69
N ASN A 101 -1.62 -9.00 -18.29
CA ASN A 101 -1.90 -10.41 -18.13
C ASN A 101 -0.89 -11.12 -17.26
N TRP A 102 0.04 -10.37 -16.72
CA TRP A 102 1.07 -10.96 -15.89
C TRP A 102 0.74 -11.01 -14.40
N ALA A 103 1.27 -12.03 -13.74
CA ALA A 103 1.09 -12.23 -12.32
C ALA A 103 2.13 -13.27 -11.94
N PRO A 104 2.61 -13.24 -10.69
CA PRO A 104 3.61 -14.24 -10.31
C PRO A 104 2.98 -15.63 -10.16
N SER A 105 3.80 -16.67 -10.25
CA SER A 105 3.29 -18.05 -10.13
C SER A 105 2.60 -18.28 -8.76
N SER A 106 3.08 -17.63 -7.72
CA SER A 106 2.47 -17.79 -6.41
C SER A 106 3.01 -16.69 -5.51
N PRO A 107 2.49 -16.57 -4.28
CA PRO A 107 2.97 -15.52 -3.36
C PRO A 107 4.30 -15.84 -2.70
N ASN A 108 4.82 -17.03 -2.97
CA ASN A 108 6.10 -17.48 -2.43
C ASN A 108 7.14 -17.63 -3.53
N ALA A 109 6.79 -17.14 -4.72
CA ALA A 109 7.66 -17.20 -5.87
C ALA A 109 8.97 -16.48 -5.55
N GLU A 110 10.07 -17.00 -6.10
CA GLU A 110 11.43 -16.47 -5.89
C GLU A 110 11.52 -14.98 -6.27
N ALA A 111 12.36 -14.25 -5.55
CA ALA A 111 12.52 -12.81 -5.81
C ALA A 111 12.80 -12.45 -7.28
N SER A 112 13.70 -13.19 -7.93
CA SER A 112 14.04 -12.90 -9.32
C SER A 112 12.88 -13.06 -10.30
N ALA A 113 11.74 -13.53 -9.82
CA ALA A 113 10.61 -13.68 -10.71
C ALA A 113 10.16 -12.30 -11.12
N PHE A 114 10.50 -11.33 -10.30
CA PHE A 114 10.08 -9.97 -10.51
C PHE A 114 11.00 -9.16 -11.41
N TYR A 115 12.18 -9.69 -11.68
CA TYR A 115 13.16 -8.98 -12.52
C TYR A 115 12.60 -8.57 -13.90
N GLY A 116 12.18 -9.54 -14.72
CA GLY A 116 11.62 -9.23 -16.05
C GLY A 116 10.49 -8.20 -15.98
N PRO A 117 9.48 -8.45 -15.14
CA PRO A 117 8.36 -7.54 -14.98
C PRO A 117 8.84 -6.10 -14.63
N SER A 118 9.89 -5.99 -13.82
CA SER A 118 10.44 -4.67 -13.44
C SER A 118 10.93 -3.97 -14.69
N LEU A 119 11.62 -4.73 -15.53
CA LEU A 119 12.16 -4.19 -16.77
C LEU A 119 11.03 -3.71 -17.66
N ALA A 120 9.95 -4.48 -17.69
CA ALA A 120 8.84 -4.15 -18.52
C ALA A 120 8.16 -2.90 -18.04
N ILE A 121 7.92 -2.82 -16.74
CA ILE A 121 7.22 -1.66 -16.23
C ILE A 121 8.06 -0.43 -16.46
N LEU A 122 9.37 -0.56 -16.32
CA LEU A 122 10.21 0.60 -16.55
C LEU A 122 10.01 1.06 -17.99
N ALA A 123 10.09 0.13 -18.93
CA ALA A 123 9.92 0.49 -20.35
C ALA A 123 8.58 1.20 -20.60
N LEU A 124 7.51 0.54 -20.17
CA LEU A 124 6.16 1.04 -20.32
C LEU A 124 6.03 2.38 -19.61
N CYS A 125 6.67 2.51 -18.45
CA CYS A 125 6.58 3.77 -17.73
C CYS A 125 7.20 4.90 -18.58
N GLN A 126 8.33 4.61 -19.23
CA GLN A 126 8.97 5.60 -20.07
C GLN A 126 8.11 6.00 -21.29
N LYS A 127 7.38 5.05 -21.86
CA LYS A 127 6.53 5.39 -23.01
C LYS A 127 5.22 6.09 -22.65
N ASN A 128 4.61 5.71 -21.53
CA ASN A 128 3.33 6.29 -21.17
C ASN A 128 3.05 5.99 -19.72
N SER A 129 3.55 6.85 -18.86
CA SER A 129 3.38 6.64 -17.44
C SER A 129 1.94 6.40 -17.00
N GLU A 130 1.02 7.28 -17.37
CA GLU A 130 -0.36 7.13 -16.92
C GLU A 130 -1.02 5.83 -17.36
N ALA A 131 -0.70 5.40 -18.58
CA ALA A 131 -1.30 4.15 -19.06
C ALA A 131 -0.75 2.95 -18.31
N THR A 132 0.34 3.16 -17.58
CA THR A 132 1.02 2.12 -16.85
C THR A 132 0.68 2.05 -15.36
N LEU A 133 -0.03 3.05 -14.83
CA LEU A 133 -0.36 3.04 -13.40
C LEU A 133 -0.99 1.75 -12.94
N PRO A 134 -2.12 1.35 -13.57
CA PRO A 134 -2.80 0.11 -13.17
C PRO A 134 -1.81 -1.03 -12.92
N ILE A 135 -1.03 -1.33 -13.94
CA ILE A 135 -0.06 -2.41 -13.86
C ILE A 135 0.98 -2.19 -12.76
N ALA A 136 1.40 -0.95 -12.62
CA ALA A 136 2.42 -0.61 -11.64
C ALA A 136 1.89 -0.71 -10.21
N VAL A 137 0.62 -0.33 -10.01
CA VAL A 137 0.04 -0.41 -8.67
C VAL A 137 -0.02 -1.88 -8.27
N ARG A 138 -0.56 -2.67 -9.19
CA ARG A 138 -0.69 -4.10 -9.03
C ARG A 138 0.69 -4.69 -8.77
N PHE A 139 1.69 -4.21 -9.51
CA PHE A 139 3.06 -4.71 -9.39
C PHE A 139 3.64 -4.39 -8.00
N ALA A 140 3.40 -3.17 -7.55
CA ALA A 140 3.90 -2.76 -6.24
C ALA A 140 3.27 -3.60 -5.13
N LYS A 141 1.99 -3.92 -5.26
CA LYS A 141 1.31 -4.71 -4.25
C LYS A 141 1.78 -6.15 -4.25
N THR A 142 2.01 -6.68 -5.44
CA THR A 142 2.48 -8.05 -5.53
C THR A 142 3.84 -8.14 -4.89
N LEU A 143 4.63 -7.08 -5.05
CA LEU A 143 6.00 -7.05 -4.53
C LEU A 143 5.96 -6.90 -3.01
N LEU A 144 5.04 -6.06 -2.56
CA LEU A 144 4.87 -5.85 -1.14
C LEU A 144 4.43 -7.14 -0.42
N ALA A 145 3.64 -7.93 -1.12
CA ALA A 145 3.16 -9.18 -0.58
C ALA A 145 4.13 -10.37 -0.65
N ASN A 146 5.17 -10.30 -1.47
CA ASN A 146 6.11 -11.44 -1.61
C ASN A 146 7.05 -11.57 -0.39
N SER A 147 7.44 -12.80 -0.03
CA SER A 147 8.34 -13.01 1.10
C SER A 147 9.70 -13.65 0.79
N SER A 148 9.87 -14.19 -0.41
CA SER A 148 11.13 -14.82 -0.76
C SER A 148 12.44 -14.11 -0.34
N PRO A 149 13.54 -14.88 -0.22
CA PRO A 149 14.81 -14.25 0.16
C PRO A 149 15.20 -13.23 -0.93
N PHE A 150 15.64 -12.06 -0.49
CA PHE A 150 16.02 -10.94 -1.34
C PHE A 150 17.11 -11.11 -2.41
N ASN A 151 16.82 -10.60 -3.60
CA ASN A 151 17.76 -10.61 -4.71
C ASN A 151 18.10 -9.14 -5.04
N VAL A 152 19.36 -8.76 -4.90
CA VAL A 152 19.76 -7.40 -5.18
C VAL A 152 19.54 -6.99 -6.62
N ASP A 153 19.90 -7.86 -7.56
CA ASP A 153 19.72 -7.53 -8.98
C ASP A 153 18.24 -7.12 -9.19
N THR A 154 17.33 -7.98 -8.76
CA THR A 154 15.90 -7.70 -8.91
C THR A 154 15.47 -6.45 -8.16
N GLY A 155 15.93 -6.31 -6.93
CA GLY A 155 15.58 -5.16 -6.14
C GLY A 155 15.92 -3.88 -6.89
N ALA A 156 17.12 -3.88 -7.47
CA ALA A 156 17.64 -2.74 -8.22
C ALA A 156 16.70 -2.43 -9.36
N MET A 157 16.40 -3.43 -10.18
CA MET A 157 15.51 -3.19 -11.28
C MET A 157 14.19 -2.68 -10.78
N ALA A 158 13.67 -3.30 -9.72
CA ALA A 158 12.38 -2.90 -9.23
C ALA A 158 12.33 -1.47 -8.75
N THR A 159 13.40 -0.99 -8.10
CA THR A 159 13.36 0.40 -7.62
C THR A 159 13.40 1.40 -8.81
N LEU A 160 14.13 1.05 -9.87
CA LEU A 160 14.16 1.90 -11.05
C LEU A 160 12.73 2.06 -11.60
N ALA A 161 12.09 0.94 -11.85
CA ALA A 161 10.74 0.97 -12.39
C ALA A 161 9.80 1.75 -11.47
N LEU A 162 9.84 1.48 -10.17
CA LEU A 162 8.94 2.17 -9.26
C LEU A 162 9.30 3.64 -9.13
N THR A 163 10.58 3.97 -9.25
CA THR A 163 10.98 5.37 -9.15
C THR A 163 10.46 6.12 -10.36
N CYS A 164 10.45 5.43 -11.50
CA CYS A 164 9.94 6.03 -12.72
C CYS A 164 8.50 6.42 -12.46
N MET A 165 7.70 5.47 -11.98
CA MET A 165 6.29 5.76 -11.70
C MET A 165 6.09 6.83 -10.62
N TYR A 166 6.83 6.66 -9.54
CA TYR A 166 6.78 7.57 -8.41
C TYR A 166 6.90 9.02 -8.82
N ASN A 167 7.71 9.30 -9.83
CA ASN A 167 7.89 10.66 -10.29
C ASN A 167 6.88 11.13 -11.33
N LYS A 168 6.03 10.23 -11.80
CA LYS A 168 5.06 10.63 -12.80
C LYS A 168 3.63 10.44 -12.33
N ILE A 169 3.35 10.83 -11.10
CA ILE A 169 1.99 10.71 -10.58
C ILE A 169 1.09 11.79 -11.23
N PRO A 170 0.13 11.36 -12.05
CA PRO A 170 -0.79 12.29 -12.71
C PRO A 170 -1.36 13.39 -11.82
N VAL A 171 -1.24 14.65 -12.26
CA VAL A 171 -1.80 15.77 -11.51
C VAL A 171 -3.30 15.52 -11.36
N GLY A 172 -3.83 15.73 -10.16
CA GLY A 172 -5.26 15.54 -9.94
C GLY A 172 -5.62 14.15 -9.48
N SER A 173 -4.94 13.18 -10.07
CA SER A 173 -5.09 11.77 -9.76
C SER A 173 -4.22 11.65 -8.55
N GLU A 174 -4.67 12.14 -7.40
CA GLU A 174 -3.88 12.13 -6.12
C GLU A 174 -4.31 11.00 -5.05
N GLU A 175 -4.41 9.74 -5.33
CA GLU A 175 -4.96 8.70 -4.43
C GLU A 175 -3.99 7.64 -3.91
N GLY A 176 -3.05 8.05 -3.06
CA GLY A 176 -1.99 7.20 -2.42
C GLY A 176 -1.09 6.35 -3.34
N TYR A 177 -1.15 6.58 -4.64
CA TYR A 177 -0.27 5.85 -5.57
C TYR A 177 1.15 6.17 -5.13
N ARG A 178 1.37 7.45 -4.86
CA ARG A 178 2.68 7.91 -4.44
C ARG A 178 3.06 7.21 -3.14
N SER A 179 2.07 7.08 -2.26
CA SER A 179 2.25 6.46 -0.97
C SER A 179 2.68 4.99 -1.12
N LEU A 180 1.95 4.25 -1.96
CA LEU A 180 2.23 2.86 -2.24
C LEU A 180 3.65 2.70 -2.83
N PHE A 181 3.93 3.37 -3.94
CA PHE A 181 5.25 3.24 -4.56
C PHE A 181 6.35 3.67 -3.62
N GLY A 182 6.17 4.80 -2.94
CA GLY A 182 7.19 5.29 -2.03
C GLY A 182 7.51 4.30 -0.93
N GLN A 183 6.45 3.68 -0.41
CA GLN A 183 6.58 2.73 0.66
C GLN A 183 7.35 1.48 0.18
N VAL A 184 6.94 0.92 -0.94
CA VAL A 184 7.63 -0.25 -1.46
C VAL A 184 9.09 0.09 -1.79
N LEU A 185 9.33 1.32 -2.26
CA LEU A 185 10.70 1.72 -2.57
C LEU A 185 11.53 1.79 -1.30
N LYS A 186 10.97 2.36 -0.24
CA LYS A 186 11.65 2.49 1.05
C LYS A 186 12.07 1.10 1.55
N ASP A 187 11.12 0.18 1.37
CA ASP A 187 11.19 -1.22 1.70
C ASP A 187 12.42 -1.85 1.04
N ILE A 188 12.47 -1.76 -0.29
CA ILE A 188 13.55 -2.29 -1.10
C ILE A 188 14.89 -1.63 -0.79
N VAL A 189 14.90 -0.34 -0.55
CA VAL A 189 16.15 0.33 -0.29
C VAL A 189 16.77 -0.22 0.98
N GLU A 190 15.91 -0.49 1.96
CA GLU A 190 16.37 -1.05 3.20
C GLU A 190 17.01 -2.40 2.95
N LYS A 191 16.40 -3.22 2.11
CA LYS A 191 16.96 -4.52 1.80
C LYS A 191 18.22 -4.41 0.92
N ILE A 192 18.28 -3.38 0.06
CA ILE A 192 19.47 -3.24 -0.76
C ILE A 192 20.60 -2.85 0.19
N SER A 193 20.33 -1.83 1.00
CA SER A 193 21.32 -1.43 1.98
C SER A 193 21.40 -2.68 2.81
N MET A 194 22.44 -2.87 3.59
CA MET A 194 22.50 -4.09 4.39
C MET A 194 22.77 -5.34 3.57
N LYS A 195 23.07 -5.16 2.29
CA LYS A 195 23.49 -6.23 1.41
C LYS A 195 24.80 -5.62 0.95
N ILE A 196 25.03 -4.41 1.45
CA ILE A 196 26.19 -3.58 1.18
C ILE A 196 27.37 -3.98 2.09
N LYS A 197 28.37 -4.64 1.51
CA LYS A 197 29.59 -5.05 2.21
C LYS A 197 30.43 -3.85 2.64
N ASP A 198 31.40 -4.11 3.51
CA ASP A 198 32.25 -3.02 3.98
C ASP A 198 33.24 -2.66 2.90
N ASN A 199 33.57 -3.65 2.07
CA ASN A 199 34.49 -3.45 0.96
C ASN A 199 33.87 -2.59 -0.14
N GLY A 200 32.56 -2.37 -0.09
CA GLY A 200 31.91 -1.55 -1.10
C GLY A 200 30.99 -2.30 -2.06
N ILE A 201 31.12 -3.63 -2.09
CA ILE A 201 30.30 -4.46 -2.94
C ILE A 201 28.87 -4.34 -2.46
N ILE A 202 27.91 -4.53 -3.36
CA ILE A 202 26.49 -4.49 -3.00
C ILE A 202 25.82 -5.75 -3.51
N GLY A 203 25.66 -6.73 -2.61
CA GLY A 203 25.11 -8.00 -3.00
C GLY A 203 26.38 -8.74 -3.37
N ASP A 204 26.73 -8.71 -4.66
CA ASP A 204 27.95 -9.33 -5.17
C ASP A 204 28.50 -8.40 -6.26
N ILE A 205 29.67 -8.69 -6.83
CA ILE A 205 30.18 -7.78 -7.86
C ILE A 205 29.29 -7.64 -9.07
N TYR A 206 28.76 -8.76 -9.55
CA TYR A 206 27.92 -8.68 -10.73
C TYR A 206 26.53 -8.12 -10.54
N SER A 207 26.21 -7.72 -9.30
CA SER A 207 24.90 -7.14 -9.04
C SER A 207 25.13 -5.71 -8.57
N THR A 208 26.39 -5.35 -8.34
CA THR A 208 26.69 -4.03 -7.84
C THR A 208 26.35 -2.87 -8.77
N GLY A 209 26.55 -3.05 -10.07
CA GLY A 209 26.24 -1.99 -11.02
C GLY A 209 24.79 -1.60 -10.95
N LEU A 210 23.91 -2.60 -11.06
CA LEU A 210 22.50 -2.31 -10.99
C LEU A 210 22.16 -1.67 -9.66
N ALA A 211 22.76 -2.14 -8.58
CA ALA A 211 22.46 -1.57 -7.28
C ALA A 211 22.87 -0.09 -7.21
N MET A 212 23.96 0.25 -7.87
CA MET A 212 24.40 1.65 -7.87
C MET A 212 23.36 2.53 -8.58
N GLN A 213 22.74 2.01 -9.62
CA GLN A 213 21.75 2.82 -10.29
C GLN A 213 20.59 3.06 -9.36
N ALA A 214 20.10 1.98 -8.76
CA ALA A 214 18.98 2.09 -7.84
C ALA A 214 19.27 3.07 -6.70
N LEU A 215 20.43 2.92 -6.06
CA LEU A 215 20.72 3.82 -4.93
C LEU A 215 20.82 5.29 -5.29
N SER A 216 21.27 5.61 -6.48
CA SER A 216 21.41 7.01 -6.85
C SER A 216 20.10 7.65 -7.27
N VAL A 217 19.08 6.82 -7.36
CA VAL A 217 17.81 7.27 -7.85
C VAL A 217 16.56 7.12 -6.95
N THR A 218 16.60 6.27 -5.91
CA THR A 218 15.41 6.14 -5.08
C THR A 218 15.14 7.45 -4.39
N PRO A 219 13.85 7.81 -4.28
CA PRO A 219 13.44 9.06 -3.64
C PRO A 219 13.79 9.18 -2.16
N GLU A 220 13.89 8.03 -1.49
CA GLU A 220 14.19 7.99 -0.07
C GLU A 220 15.32 7.01 0.31
N PRO A 221 16.48 7.56 0.74
CA PRO A 221 17.61 6.71 1.13
C PRO A 221 17.28 5.84 2.34
N SER A 222 18.19 4.95 2.70
CA SER A 222 17.97 4.08 3.84
C SER A 222 18.61 4.72 5.07
N LYS A 223 18.20 4.27 6.26
CA LYS A 223 18.74 4.81 7.51
C LYS A 223 20.27 4.80 7.50
N LYS A 224 20.84 3.61 7.26
CA LYS A 224 22.30 3.50 7.20
C LYS A 224 22.78 4.14 5.89
N GLU A 225 23.66 5.11 6.01
CA GLU A 225 24.22 5.83 4.88
C GLU A 225 25.08 4.94 3.97
N TRP A 226 25.06 5.25 2.68
CA TRP A 226 25.82 4.47 1.73
C TRP A 226 27.00 5.22 1.17
N ASN A 227 28.18 4.68 1.43
CA ASN A 227 29.40 5.27 0.93
C ASN A 227 29.50 4.93 -0.56
N CYS A 228 29.15 5.90 -1.38
CA CYS A 228 29.16 5.73 -2.81
C CYS A 228 30.59 5.59 -3.37
N LYS A 229 31.47 6.51 -2.98
CA LYS A 229 32.85 6.47 -3.44
C LYS A 229 33.51 5.12 -3.14
N LYS A 230 33.28 4.61 -1.94
CA LYS A 230 33.86 3.34 -1.57
C LYS A 230 33.49 2.25 -2.58
N THR A 231 32.24 2.28 -3.05
CA THR A 231 31.77 1.29 -4.02
C THR A 231 32.35 1.52 -5.42
N THR A 232 32.38 2.76 -5.89
CA THR A 232 32.91 3.00 -7.22
C THR A 232 34.40 2.65 -7.28
N ASP A 233 35.13 2.95 -6.20
CA ASP A 233 36.55 2.62 -6.12
C ASP A 233 36.73 1.10 -6.11
N MET A 234 35.88 0.40 -5.37
CA MET A 234 35.99 -1.04 -5.38
C MET A 234 35.76 -1.57 -6.80
N ILE A 235 34.83 -0.96 -7.52
CA ILE A 235 34.54 -1.38 -8.88
C ILE A 235 35.75 -1.19 -9.79
N LEU A 236 36.37 -0.01 -9.74
CA LEU A 236 37.53 0.27 -10.57
C LEU A 236 38.61 -0.79 -10.33
N ASN A 237 38.89 -1.08 -9.08
CA ASN A 237 39.88 -2.10 -8.77
C ASN A 237 39.50 -3.47 -9.31
N GLU A 238 38.21 -3.77 -9.25
CA GLU A 238 37.79 -5.06 -9.73
C GLU A 238 38.04 -5.15 -11.24
N ILE A 239 37.84 -4.03 -11.94
CA ILE A 239 38.07 -4.02 -13.39
C ILE A 239 39.55 -4.34 -13.57
N LYS A 240 40.41 -3.65 -12.80
CA LYS A 240 41.86 -3.84 -12.87
C LYS A 240 42.33 -5.27 -12.52
N GLN A 241 41.41 -6.08 -12.01
CA GLN A 241 41.74 -7.45 -11.67
C GLN A 241 41.14 -8.40 -12.68
N GLY A 242 40.65 -7.85 -13.79
CA GLY A 242 40.06 -8.70 -14.83
C GLY A 242 38.68 -9.28 -14.58
N LYS A 243 37.96 -8.72 -13.62
CA LYS A 243 36.63 -9.23 -13.29
C LYS A 243 35.54 -8.89 -14.29
N PHE A 244 35.73 -7.83 -15.06
CA PHE A 244 34.71 -7.41 -16.01
C PHE A 244 35.03 -7.64 -17.47
N HIS A 245 35.41 -8.87 -17.82
CA HIS A 245 35.70 -9.14 -19.20
C HIS A 245 34.40 -9.50 -19.98
N ASN A 246 33.37 -9.96 -19.29
CA ASN A 246 32.14 -10.30 -19.97
C ASN A 246 31.46 -9.00 -20.46
N PRO A 247 31.16 -8.90 -21.77
CA PRO A 247 30.51 -7.68 -22.25
C PRO A 247 29.23 -7.37 -21.51
N MET A 248 28.42 -8.38 -21.21
CA MET A 248 27.19 -8.15 -20.46
C MET A 248 27.53 -7.59 -19.07
N SER A 249 28.65 -8.02 -18.49
CA SER A 249 28.99 -7.47 -17.18
C SER A 249 29.42 -6.01 -17.34
N ILE A 250 30.01 -5.67 -18.47
CA ILE A 250 30.40 -4.29 -18.69
C ILE A 250 29.14 -3.42 -18.86
N ALA A 251 28.16 -3.99 -19.55
CA ALA A 251 26.91 -3.33 -19.83
C ALA A 251 26.19 -2.94 -18.55
N GLN A 252 26.35 -3.75 -17.50
CA GLN A 252 25.65 -3.41 -16.26
C GLN A 252 26.38 -2.48 -15.29
N ILE A 253 27.65 -2.14 -15.57
CA ILE A 253 28.34 -1.18 -14.69
C ILE A 253 28.67 0.13 -15.44
N LEU A 254 28.79 0.05 -16.77
CA LEU A 254 29.14 1.21 -17.59
C LEU A 254 28.24 2.40 -17.29
N PRO A 255 26.92 2.19 -17.27
CA PRO A 255 26.02 3.31 -16.98
C PRO A 255 26.41 4.04 -15.71
N SER A 256 26.66 3.28 -14.66
CA SER A 256 27.02 3.88 -13.38
C SER A 256 28.34 4.63 -13.44
N LEU A 257 29.30 4.03 -14.15
CA LEU A 257 30.61 4.65 -14.30
C LEU A 257 30.54 5.94 -15.10
N LYS A 258 29.49 6.11 -15.88
CA LYS A 258 29.36 7.32 -16.68
C LYS A 258 28.36 8.28 -16.02
N GLY A 259 27.95 7.96 -14.80
CA GLY A 259 27.00 8.78 -14.09
C GLY A 259 25.59 8.79 -14.64
N LYS A 260 25.15 7.68 -15.24
CA LYS A 260 23.81 7.59 -15.84
C LYS A 260 23.07 6.36 -15.29
N THR A 261 21.79 6.25 -15.60
CA THR A 261 21.04 5.07 -15.20
C THR A 261 20.05 4.83 -16.30
N TYR A 262 19.33 3.72 -16.22
CA TYR A 262 18.32 3.44 -17.23
C TYR A 262 17.22 4.52 -17.30
N LEU A 263 17.14 5.36 -16.28
CA LEU A 263 16.13 6.40 -16.28
C LEU A 263 16.51 7.51 -17.21
N ASP A 264 17.78 7.52 -17.62
CA ASP A 264 18.25 8.58 -18.52
C ASP A 264 18.00 8.26 -20.00
N VAL A 265 17.63 7.01 -20.28
CA VAL A 265 17.38 6.52 -21.62
C VAL A 265 16.51 7.44 -22.47
N PRO A 266 15.40 7.91 -21.90
CA PRO A 266 14.54 8.80 -22.70
C PRO A 266 15.18 10.09 -23.11
N GLN A 267 16.23 10.47 -22.40
CA GLN A 267 16.92 11.74 -22.67
C GLN A 267 18.16 11.60 -23.53
N VAL A 268 18.38 10.41 -24.08
CA VAL A 268 19.57 10.23 -24.89
C VAL A 268 19.56 11.05 -26.17
N THR A 269 20.69 11.72 -26.42
CA THR A 269 20.90 12.55 -27.61
C THR A 269 21.52 11.64 -28.67
N CYS A 270 20.93 11.59 -29.87
CA CYS A 270 21.49 10.76 -30.93
C CYS A 270 22.28 11.57 -31.95
N SER A 271 23.37 10.95 -32.42
CA SER A 271 24.32 11.53 -33.38
C SER A 271 24.93 12.78 -32.75
N PRO A 272 25.55 12.61 -31.55
CA PRO A 272 26.21 13.61 -30.71
C PRO A 272 27.26 14.53 -31.37
N ASP A 273 27.22 15.81 -31.00
CA ASP A 273 28.14 16.79 -31.55
C ASP A 273 29.49 16.68 -30.85
N THR A 289 42.50 -34.51 -28.61
CA THR A 289 42.10 -33.14 -28.25
C THR A 289 42.39 -32.81 -26.80
N SER A 290 43.40 -33.43 -26.20
CA SER A 290 43.36 -33.24 -24.76
C SER A 290 44.21 -32.64 -23.68
N ALA A 291 44.38 -33.53 -22.65
CA ALA A 291 45.10 -33.40 -21.37
C ALA A 291 46.02 -32.22 -21.23
N SER A 292 46.46 -31.92 -20.00
CA SER A 292 47.35 -30.78 -19.84
C SER A 292 48.15 -30.55 -18.54
N ASN A 293 47.59 -29.94 -17.48
CA ASN A 293 48.35 -29.71 -16.24
C ASN A 293 47.48 -29.63 -15.00
N ILE A 294 46.19 -29.55 -15.22
CA ILE A 294 45.30 -29.39 -14.10
C ILE A 294 44.29 -30.51 -14.20
N THR A 295 43.81 -30.97 -13.07
CA THR A 295 42.81 -32.02 -13.11
C THR A 295 41.67 -31.57 -12.25
N VAL A 296 40.47 -31.67 -12.79
CA VAL A 296 39.27 -31.26 -12.07
C VAL A 296 38.33 -32.45 -11.90
N ILE A 297 37.62 -32.43 -10.79
CA ILE A 297 36.68 -33.48 -10.44
C ILE A 297 35.25 -32.97 -10.69
N TYR A 298 34.60 -33.53 -11.70
CA TYR A 298 33.27 -33.10 -12.10
C TYR A 298 32.14 -34.10 -11.88
N THR A 299 31.24 -33.73 -10.98
CA THR A 299 30.06 -34.50 -10.61
C THR A 299 28.80 -33.95 -11.31
N ILE A 300 27.92 -34.84 -11.76
CA ILE A 300 26.66 -34.40 -12.37
C ILE A 300 25.57 -35.13 -11.58
N ASN A 301 24.55 -34.39 -11.16
CA ASN A 301 23.49 -34.96 -10.32
C ASN A 301 22.05 -34.77 -10.80
N ASN A 302 21.11 -35.38 -10.09
CA ASN A 302 19.67 -35.28 -10.40
C ASN A 302 18.90 -36.06 -9.32
N GLN A 303 17.67 -35.64 -9.01
CA GLN A 303 16.84 -36.33 -8.01
C GLN A 303 15.38 -36.05 -8.38
N LEU A 304 14.58 -37.04 -8.87
CA LEU A 304 13.21 -36.64 -9.27
C LEU A 304 11.76 -37.25 -9.51
N ARG A 305 11.02 -36.38 -10.23
CA ARG A 305 9.62 -36.44 -10.75
C ARG A 305 9.86 -37.34 -11.94
N GLY A 306 9.71 -36.82 -13.17
CA GLY A 306 9.96 -37.63 -14.36
C GLY A 306 11.13 -38.64 -14.23
N VAL A 307 11.35 -39.13 -13.01
CA VAL A 307 12.38 -40.10 -12.58
C VAL A 307 13.67 -39.87 -13.35
N GLU A 308 14.38 -40.95 -13.69
CA GLU A 308 15.62 -40.81 -14.46
C GLU A 308 16.73 -40.16 -13.60
N LEU A 309 17.00 -40.73 -12.43
CA LEU A 309 18.02 -40.16 -11.54
C LEU A 309 19.43 -40.49 -11.98
N LEU A 310 20.33 -39.55 -11.72
CA LEU A 310 21.74 -39.69 -12.08
C LEU A 310 22.56 -39.40 -10.83
N PHE A 311 23.88 -39.48 -11.01
CA PHE A 311 24.87 -39.23 -9.97
C PHE A 311 26.10 -39.96 -10.45
N ASN A 312 26.95 -39.24 -11.21
CA ASN A 312 28.19 -39.79 -11.77
C ASN A 312 29.35 -38.79 -11.79
N GLU A 313 30.47 -39.17 -11.15
CA GLU A 313 31.67 -38.33 -11.09
C GLU A 313 32.62 -38.62 -12.25
N THR A 314 33.80 -37.99 -12.19
CA THR A 314 34.83 -38.14 -13.21
C THR A 314 35.95 -37.17 -12.85
N ILE A 315 37.12 -37.39 -13.42
CA ILE A 315 38.26 -36.51 -13.16
C ILE A 315 38.74 -36.07 -14.54
N ASN A 316 38.85 -34.77 -14.78
CA ASN A 316 39.26 -34.29 -16.10
C ASN A 316 40.63 -33.63 -16.15
N VAL A 317 41.30 -33.76 -17.29
CA VAL A 317 42.62 -33.19 -17.49
C VAL A 317 42.52 -31.95 -18.36
N SER A 318 42.44 -30.79 -17.75
CA SER A 318 42.33 -29.53 -18.50
C SER A 318 43.64 -28.76 -18.48
N VAL A 319 43.88 -27.96 -19.52
CA VAL A 319 45.12 -27.18 -19.60
C VAL A 319 45.38 -26.29 -18.37
N LYS A 320 46.54 -25.67 -18.44
CA LYS A 320 47.12 -24.75 -17.49
C LYS A 320 46.39 -24.29 -16.22
N SER A 321 45.22 -23.77 -16.44
CA SER A 321 44.31 -23.19 -15.50
C SER A 321 44.03 -22.39 -16.72
N GLY A 322 42.96 -21.63 -16.76
CA GLY A 322 42.70 -20.95 -18.03
C GLY A 322 41.60 -21.86 -18.53
N SER A 323 41.80 -22.65 -19.59
CA SER A 323 40.75 -23.55 -20.10
C SER A 323 39.59 -23.39 -19.13
N VAL A 324 38.72 -22.42 -19.45
CA VAL A 324 37.56 -22.10 -18.65
C VAL A 324 36.92 -23.39 -18.15
N LEU A 325 36.02 -23.28 -17.20
CA LEU A 325 35.37 -24.49 -16.72
C LEU A 325 34.64 -25.22 -17.85
N LEU A 326 34.44 -24.57 -18.99
CA LEU A 326 33.74 -25.18 -20.13
C LEU A 326 34.58 -26.21 -20.87
N VAL A 327 35.90 -26.11 -20.75
CA VAL A 327 36.76 -27.07 -21.42
C VAL A 327 36.58 -28.41 -20.70
N VAL A 328 36.44 -28.34 -19.38
CA VAL A 328 36.24 -29.50 -18.52
C VAL A 328 35.02 -30.28 -18.97
N LEU A 329 33.90 -29.59 -19.17
CA LEU A 329 32.68 -30.23 -19.61
C LEU A 329 32.82 -30.81 -21.01
N GLU A 330 33.59 -30.15 -21.86
CA GLU A 330 33.77 -30.61 -23.24
C GLU A 330 34.57 -31.91 -23.30
N GLU A 331 35.64 -31.97 -22.53
CA GLU A 331 36.48 -33.16 -22.47
C GLU A 331 35.74 -34.29 -21.83
N ALA A 332 34.94 -33.99 -20.80
CA ALA A 332 34.15 -35.00 -20.12
C ALA A 332 33.17 -35.62 -21.13
N GLN A 333 32.73 -34.82 -22.10
CA GLN A 333 31.82 -35.34 -23.10
C GLN A 333 32.60 -36.14 -24.14
N ARG A 334 33.91 -35.88 -24.22
CA ARG A 334 34.79 -36.55 -25.17
C ARG A 334 34.96 -38.01 -24.74
N LYS A 335 35.28 -38.21 -23.46
CA LYS A 335 35.45 -39.55 -22.90
C LYS A 335 34.20 -40.35 -23.22
N ASN A 336 33.17 -39.62 -23.66
CA ASN A 336 31.88 -40.15 -24.06
C ASN A 336 31.09 -41.00 -23.04
N PRO A 337 31.30 -40.79 -21.71
CA PRO A 337 30.52 -41.62 -20.77
C PRO A 337 29.03 -41.27 -20.93
N MET A 338 28.64 -41.04 -22.18
CA MET A 338 27.29 -40.69 -22.60
C MET A 338 26.75 -39.45 -21.93
N PHE A 339 27.45 -38.97 -20.89
CA PHE A 339 27.00 -37.76 -20.22
C PHE A 339 27.54 -36.54 -20.97
N LYS A 340 26.91 -36.30 -22.12
CA LYS A 340 27.23 -35.18 -22.98
C LYS A 340 26.30 -34.05 -22.55
N PHE A 341 26.29 -32.96 -23.30
CA PHE A 341 25.43 -31.85 -22.94
C PHE A 341 25.13 -30.92 -24.09
N GLU A 342 24.25 -29.97 -23.82
CA GLU A 342 23.84 -28.98 -24.80
C GLU A 342 24.02 -27.61 -24.16
N THR A 343 24.30 -26.61 -24.99
CA THR A 343 24.51 -25.28 -24.47
C THR A 343 23.62 -24.32 -25.23
N THR A 344 23.07 -23.33 -24.54
CA THR A 344 22.20 -22.35 -25.18
C THR A 344 22.72 -20.91 -24.96
N MET A 345 22.72 -20.13 -26.05
CA MET A 345 23.20 -18.74 -26.05
C MET A 345 22.27 -17.69 -25.46
N THR A 346 22.85 -16.81 -24.66
CA THR A 346 22.07 -15.73 -24.02
C THR A 346 22.89 -14.43 -23.90
N SER A 347 22.25 -13.38 -23.38
CA SER A 347 22.92 -12.09 -23.19
C SER A 347 24.17 -12.18 -22.30
N TRP A 348 24.30 -13.21 -21.47
CA TRP A 348 25.47 -13.36 -20.59
C TRP A 348 26.46 -14.40 -21.15
N GLY A 349 26.06 -15.11 -22.21
CA GLY A 349 26.93 -16.10 -22.80
C GLY A 349 26.34 -17.48 -22.84
N LEU A 350 27.22 -18.49 -22.89
CA LEU A 350 26.79 -19.89 -22.94
C LEU A 350 26.19 -20.43 -21.64
N VAL A 351 24.97 -20.91 -21.73
CA VAL A 351 24.27 -21.49 -20.59
C VAL A 351 24.20 -23.00 -20.81
N VAL A 352 24.59 -23.76 -19.78
CA VAL A 352 24.50 -25.20 -19.91
C VAL A 352 23.01 -25.52 -19.69
N SER A 353 22.32 -25.79 -20.79
CA SER A 353 20.88 -26.06 -20.76
C SER A 353 20.48 -27.54 -20.65
N SER A 354 21.42 -28.44 -20.91
CA SER A 354 21.11 -29.85 -20.82
C SER A 354 22.34 -30.70 -20.49
N ILE A 355 22.13 -31.71 -19.65
CA ILE A 355 23.20 -32.64 -19.29
C ILE A 355 22.64 -34.05 -19.29
N ASN A 356 23.29 -34.93 -20.04
CA ASN A 356 22.87 -36.32 -20.14
C ASN A 356 21.39 -36.44 -20.48
N ASN A 357 21.02 -35.79 -21.57
CA ASN A 357 19.66 -35.79 -22.10
C ASN A 357 18.52 -35.32 -21.20
N ILE A 358 18.77 -34.27 -20.40
CA ILE A 358 17.75 -33.70 -19.53
C ILE A 358 17.92 -32.18 -19.48
N ALA A 359 17.01 -31.50 -20.17
CA ALA A 359 17.02 -30.05 -20.28
C ALA A 359 16.43 -29.26 -19.11
N GLU A 360 16.74 -27.96 -19.10
CA GLU A 360 16.28 -27.07 -18.04
C GLU A 360 14.76 -26.90 -17.92
N ASN A 361 14.08 -26.54 -19.01
CA ASN A 361 12.63 -26.32 -18.95
C ASN A 361 12.19 -25.33 -17.84
N VAL A 362 11.98 -24.08 -18.24
CA VAL A 362 11.58 -23.02 -17.32
C VAL A 362 10.14 -23.17 -16.79
N ASN A 363 9.36 -24.02 -17.43
CA ASN A 363 7.98 -24.24 -16.96
C ASN A 363 8.02 -24.90 -15.60
N HIS A 364 9.03 -25.74 -15.38
CA HIS A 364 9.18 -26.46 -14.13
C HIS A 364 10.13 -25.74 -13.19
N LYS A 365 10.44 -24.48 -13.51
CA LYS A 365 11.34 -23.64 -12.70
C LYS A 365 12.54 -24.49 -12.37
N THR A 366 13.01 -25.26 -13.35
CA THR A 366 14.12 -26.15 -13.11
C THR A 366 15.33 -25.91 -14.01
N TYR A 367 16.54 -26.03 -13.46
CA TYR A 367 17.78 -25.82 -14.22
C TYR A 367 19.00 -26.52 -13.60
N TRP A 368 20.14 -26.37 -14.26
CA TRP A 368 21.37 -26.95 -13.76
C TRP A 368 22.20 -25.91 -12.98
N GLN A 369 22.38 -26.12 -11.68
CA GLN A 369 23.18 -25.17 -10.88
C GLN A 369 24.59 -25.68 -10.67
N PHE A 370 25.57 -24.83 -10.94
CA PHE A 370 26.96 -25.18 -10.76
C PHE A 370 27.50 -24.69 -9.42
N LEU A 371 28.42 -25.46 -8.85
CA LEU A 371 29.02 -25.10 -7.58
C LEU A 371 30.35 -25.76 -7.36
N SER A 372 31.19 -25.04 -6.61
CA SER A 372 32.53 -25.47 -6.22
C SER A 372 32.34 -26.02 -4.82
N GLY A 373 32.47 -27.34 -4.69
CA GLY A 373 32.25 -27.93 -3.39
C GLY A 373 30.77 -27.81 -3.14
N VAL A 374 30.38 -26.90 -2.25
CA VAL A 374 28.97 -26.74 -1.93
C VAL A 374 28.40 -25.35 -2.31
N THR A 375 29.30 -24.37 -2.50
CA THR A 375 28.91 -23.01 -2.84
C THR A 375 28.74 -22.78 -4.36
N PRO A 376 27.65 -22.12 -4.76
CA PRO A 376 27.37 -21.86 -6.18
C PRO A 376 28.35 -20.91 -6.85
N LEU A 377 28.70 -21.21 -8.09
CA LEU A 377 29.59 -20.36 -8.85
C LEU A 377 28.98 -18.97 -9.16
N ASN A 378 29.84 -17.95 -9.25
CA ASN A 378 29.36 -16.60 -9.54
C ASN A 378 29.64 -16.25 -11.00
N GLU A 379 30.04 -17.24 -11.81
CA GLU A 379 30.34 -17.03 -13.23
C GLU A 379 29.88 -18.23 -14.05
N GLY A 380 29.67 -18.03 -15.35
CA GLY A 380 29.25 -19.14 -16.19
C GLY A 380 30.40 -20.04 -16.58
N VAL A 381 30.09 -21.15 -17.25
CA VAL A 381 31.11 -22.12 -17.65
C VAL A 381 32.12 -21.60 -18.67
N ALA A 382 31.77 -20.56 -19.41
CA ALA A 382 32.73 -20.04 -20.37
C ALA A 382 33.59 -18.97 -19.73
N ASP A 383 33.32 -18.62 -18.48
CA ASP A 383 34.08 -17.57 -17.80
C ASP A 383 34.91 -18.07 -16.61
N TYR A 384 34.38 -19.05 -15.90
CA TYR A 384 35.03 -19.59 -14.72
C TYR A 384 36.34 -20.32 -14.97
N ILE A 385 37.30 -20.05 -14.09
CA ILE A 385 38.60 -20.70 -14.19
C ILE A 385 38.88 -21.59 -12.97
N PRO A 386 38.65 -22.92 -13.13
CA PRO A 386 38.83 -23.97 -12.12
C PRO A 386 40.31 -24.10 -11.71
N PHE A 387 40.54 -24.30 -10.41
CA PHE A 387 41.90 -24.45 -9.89
C PHE A 387 42.35 -25.92 -9.81
N ASN A 388 43.50 -26.14 -9.17
CA ASN A 388 44.13 -27.45 -9.01
C ASN A 388 43.26 -28.70 -9.10
N HIS A 389 42.67 -29.08 -7.97
CA HIS A 389 41.80 -30.24 -7.91
C HIS A 389 40.44 -29.80 -7.41
N GLU A 390 39.76 -28.97 -8.18
CA GLU A 390 38.44 -28.49 -7.78
C GLU A 390 37.33 -29.51 -8.07
N HIS A 391 36.44 -29.66 -7.09
CA HIS A 391 35.31 -30.56 -7.24
C HIS A 391 34.09 -29.70 -7.62
N ILE A 392 33.83 -29.66 -8.92
CA ILE A 392 32.74 -28.89 -9.47
C ILE A 392 31.55 -29.79 -9.78
N THR A 393 30.43 -29.54 -9.10
CA THR A 393 29.21 -30.32 -9.23
C THR A 393 28.12 -29.63 -10.07
N ALA A 394 27.25 -30.42 -10.70
CA ALA A 394 26.16 -29.90 -11.52
C ALA A 394 24.81 -30.47 -11.11
N ASN A 395 24.31 -30.01 -9.96
CA ASN A 395 23.03 -30.46 -9.41
C ASN A 395 21.83 -29.90 -10.20
N PHE A 396 20.92 -30.77 -10.64
CA PHE A 396 19.75 -30.31 -11.38
C PHE A 396 18.67 -29.97 -10.34
N THR A 397 18.69 -28.73 -9.87
CA THR A 397 17.75 -28.27 -8.86
C THR A 397 16.64 -27.38 -9.46
N GLN A 398 15.90 -26.72 -8.58
CA GLN A 398 14.85 -25.80 -9.01
C GLN A 398 15.19 -24.48 -8.35
N TYR A 399 14.53 -23.43 -8.79
CA TYR A 399 14.78 -22.11 -8.23
C TYR A 399 13.49 -21.45 -7.84
N SER B 7 24.02 30.42 -14.38
CA SER B 7 24.56 31.77 -14.73
C SER B 7 23.47 32.85 -14.62
N CYS B 8 22.81 33.15 -15.74
CA CYS B 8 21.76 34.18 -15.73
C CYS B 8 20.49 33.86 -14.94
N SER B 9 20.55 32.83 -14.10
CA SER B 9 19.38 32.51 -13.30
C SER B 9 18.93 33.76 -12.54
N VAL B 10 17.66 33.76 -12.13
CA VAL B 10 17.15 34.91 -11.41
C VAL B 10 17.70 34.94 -10.00
N PRO B 11 18.43 36.01 -9.66
CA PRO B 11 19.01 36.15 -8.32
C PRO B 11 17.97 36.08 -7.22
N SER B 12 18.07 35.04 -6.39
CA SER B 12 17.16 34.83 -5.25
C SER B 12 17.15 36.06 -4.36
N ALA B 13 16.31 37.01 -4.73
CA ALA B 13 16.16 38.29 -4.04
C ALA B 13 15.13 39.02 -4.88
N GLN B 14 15.15 38.68 -6.18
CA GLN B 14 14.25 39.24 -7.17
C GLN B 14 13.13 38.22 -7.33
N GLU B 15 13.37 37.02 -6.83
CA GLU B 15 12.40 35.94 -6.95
C GLU B 15 10.98 36.33 -6.54
N PRO B 16 10.83 37.21 -5.54
CA PRO B 16 9.47 37.60 -5.12
C PRO B 16 8.74 38.34 -6.25
N LEU B 17 9.54 38.91 -7.15
CA LEU B 17 9.04 39.62 -8.32
C LEU B 17 8.36 38.60 -9.25
N VAL B 18 9.08 37.49 -9.48
CA VAL B 18 8.61 36.39 -10.31
C VAL B 18 7.39 35.68 -9.70
N ASN B 19 7.46 35.40 -8.42
CA ASN B 19 6.35 34.71 -7.75
C ASN B 19 5.07 35.53 -7.93
N GLY B 20 5.21 36.84 -7.79
CA GLY B 20 4.06 37.72 -7.92
C GLY B 20 3.31 37.51 -9.22
N ILE B 21 4.05 37.48 -10.33
CA ILE B 21 3.38 37.30 -11.60
C ILE B 21 2.84 35.90 -11.73
N GLN B 22 3.53 34.92 -11.16
CA GLN B 22 3.04 33.56 -11.23
C GLN B 22 1.69 33.49 -10.56
N VAL B 23 1.51 34.27 -9.49
CA VAL B 23 0.24 34.27 -8.79
C VAL B 23 -0.83 34.95 -9.63
N LEU B 24 -0.48 36.02 -10.32
CA LEU B 24 -1.48 36.68 -11.17
C LEU B 24 -1.95 35.69 -12.22
N MET B 25 -1.00 34.96 -12.80
CA MET B 25 -1.31 33.99 -13.85
C MET B 25 -2.20 32.85 -13.34
N GLU B 26 -1.84 32.31 -12.18
CA GLU B 26 -2.60 31.20 -11.62
C GLU B 26 -3.99 31.66 -11.22
N ASN B 27 -4.08 32.86 -10.66
CA ASN B 27 -5.38 33.40 -10.26
C ASN B 27 -6.40 33.45 -11.38
N SER B 28 -5.92 33.56 -12.62
CA SER B 28 -6.81 33.66 -13.76
C SER B 28 -7.50 32.35 -14.16
N VAL B 29 -7.03 31.24 -13.59
CA VAL B 29 -7.61 29.95 -13.90
C VAL B 29 -8.93 29.83 -13.15
N THR B 30 -10.03 29.62 -13.88
CA THR B 30 -11.35 29.48 -13.23
C THR B 30 -12.27 28.65 -14.12
N SER B 31 -13.33 28.11 -13.54
CA SER B 31 -14.27 27.27 -14.31
C SER B 31 -14.77 27.89 -15.62
N SER B 32 -14.94 29.20 -15.60
CA SER B 32 -15.43 29.95 -16.77
C SER B 32 -14.31 30.47 -17.70
N ALA B 33 -13.11 30.69 -17.18
CA ALA B 33 -12.01 31.16 -18.01
C ALA B 33 -11.76 30.05 -19.05
N TYR B 34 -11.49 30.45 -20.29
CA TYR B 34 -11.19 29.50 -21.37
C TYR B 34 -9.79 28.94 -21.04
N PRO B 35 -9.65 27.61 -21.05
CA PRO B 35 -8.42 26.86 -20.74
C PRO B 35 -7.17 27.24 -21.56
N ASN B 36 -6.17 27.81 -20.87
CA ASN B 36 -4.95 28.20 -21.56
C ASN B 36 -3.82 27.18 -21.29
N PRO B 37 -3.54 26.30 -22.27
CA PRO B 37 -2.49 25.30 -22.11
C PRO B 37 -1.11 25.88 -21.84
N SER B 38 -0.84 27.06 -22.39
CA SER B 38 0.45 27.67 -22.17
C SER B 38 0.61 27.93 -20.69
N ILE B 39 -0.50 28.26 -20.01
CA ILE B 39 -0.46 28.55 -18.59
C ILE B 39 -0.13 27.31 -17.79
N LEU B 40 -0.83 26.22 -18.14
CA LEU B 40 -0.62 24.97 -17.45
C LEU B 40 0.84 24.57 -17.59
N ILE B 41 1.41 24.72 -18.79
CA ILE B 41 2.81 24.38 -18.99
C ILE B 41 3.67 25.27 -18.11
N ALA B 42 3.34 26.56 -18.05
CA ALA B 42 4.13 27.48 -17.23
C ALA B 42 4.13 27.03 -15.76
N MET B 43 2.97 26.82 -15.17
CA MET B 43 2.96 26.40 -13.78
C MET B 43 3.57 25.00 -13.53
N ASN B 44 3.46 24.08 -14.47
CA ASN B 44 4.06 22.77 -14.22
C ASN B 44 5.57 22.88 -14.27
N LEU B 45 6.07 23.73 -15.14
CA LEU B 45 7.51 23.91 -15.31
C LEU B 45 8.10 24.71 -14.16
N ALA B 46 7.25 25.48 -13.49
CA ALA B 46 7.70 26.32 -12.39
C ALA B 46 7.39 25.71 -11.03
N GLY B 47 6.49 24.73 -10.99
CA GLY B 47 6.11 24.16 -9.73
C GLY B 47 4.96 25.03 -9.32
N ALA B 48 3.76 24.49 -9.40
CA ALA B 48 2.56 25.25 -9.11
C ALA B 48 2.29 25.59 -7.67
N TYR B 49 1.68 26.75 -7.45
CA TYR B 49 1.31 27.22 -6.11
C TYR B 49 -0.13 26.77 -5.80
N ASN B 50 -1.07 27.23 -6.61
CA ASN B 50 -2.46 26.90 -6.42
C ASN B 50 -2.81 25.51 -7.00
N LEU B 51 -2.70 24.48 -6.15
CA LEU B 51 -2.96 23.11 -6.62
C LEU B 51 -4.35 22.81 -7.17
N LYS B 52 -5.27 23.58 -6.80
CA LYS B 52 -6.67 23.35 -7.22
C LYS B 52 -6.83 23.99 -8.59
N ALA B 53 -6.17 25.02 -8.86
CA ALA B 53 -6.20 25.62 -10.19
C ALA B 53 -5.50 24.66 -11.17
N GLN B 54 -4.34 24.13 -10.75
CA GLN B 54 -3.60 23.21 -11.59
C GLN B 54 -4.46 22.00 -11.98
N LYS B 55 -5.21 21.47 -11.03
CA LYS B 55 -6.06 20.32 -11.28
C LYS B 55 -7.20 20.69 -12.25
N LEU B 56 -7.86 21.78 -11.94
CA LEU B 56 -8.95 22.27 -12.74
C LEU B 56 -8.49 22.48 -14.19
N LEU B 57 -7.38 23.18 -14.39
CA LEU B 57 -6.86 23.40 -15.73
C LEU B 57 -6.52 22.08 -16.42
N THR B 58 -5.84 21.18 -15.72
CA THR B 58 -5.52 19.87 -16.30
C THR B 58 -6.80 19.21 -16.79
N TYR B 59 -7.82 19.20 -15.93
CA TYR B 59 -9.09 18.58 -16.28
C TYR B 59 -9.77 19.27 -17.45
N GLN B 60 -9.82 20.59 -17.46
CA GLN B 60 -10.44 21.27 -18.58
C GLN B 60 -9.70 20.85 -19.85
N LEU B 61 -8.36 20.92 -19.82
CA LEU B 61 -7.58 20.54 -20.98
C LEU B 61 -7.84 19.10 -21.45
N MET B 62 -8.00 18.16 -20.54
CA MET B 62 -8.34 16.79 -20.94
C MET B 62 -9.76 16.96 -21.47
N SER B 63 -10.19 16.12 -22.40
CA SER B 63 -11.57 16.25 -22.91
C SER B 63 -11.89 17.42 -23.85
N SER B 64 -10.98 18.37 -23.99
CA SER B 64 -11.26 19.53 -24.84
C SER B 64 -11.42 19.16 -26.33
N ASP B 65 -12.64 18.77 -26.73
CA ASP B 65 -12.95 18.41 -28.11
C ASP B 65 -11.74 18.62 -29.04
N ASN B 66 -11.05 17.54 -29.36
CA ASN B 66 -9.86 17.58 -30.21
C ASN B 66 -10.06 18.12 -31.64
N ASN B 67 -11.31 18.40 -31.99
CA ASN B 67 -11.63 18.89 -33.32
C ASN B 67 -11.70 20.41 -33.39
N ASP B 68 -11.94 21.05 -32.26
CA ASP B 68 -12.06 22.50 -32.27
C ASP B 68 -10.67 23.11 -32.16
N LEU B 69 -9.66 22.27 -32.01
CA LEU B 69 -8.32 22.79 -31.83
C LEU B 69 -7.48 22.95 -33.07
N THR B 70 -6.74 24.05 -33.14
CA THR B 70 -5.88 24.25 -34.29
C THR B 70 -4.62 23.44 -34.07
N ILE B 71 -3.88 23.26 -35.16
CA ILE B 71 -2.61 22.58 -35.16
C ILE B 71 -1.81 23.08 -33.93
N GLY B 72 -1.75 24.40 -33.74
CA GLY B 72 -1.03 24.99 -32.61
C GLY B 72 -1.66 24.76 -31.23
N HIS B 73 -2.97 24.85 -31.13
CA HIS B 73 -3.69 24.62 -29.87
C HIS B 73 -3.29 23.21 -29.45
N LEU B 74 -3.52 22.27 -30.35
CA LEU B 74 -3.24 20.86 -30.10
C LEU B 74 -1.86 20.64 -29.52
N GLY B 75 -0.85 21.10 -30.24
CA GLY B 75 0.51 20.90 -29.76
C GLY B 75 0.70 21.38 -28.33
N LEU B 76 0.19 22.56 -28.05
CA LEU B 76 0.30 23.16 -26.73
C LEU B 76 -0.44 22.32 -25.68
N THR B 77 -1.62 21.84 -26.05
CA THR B 77 -2.41 21.02 -25.14
C THR B 77 -1.70 19.72 -24.85
N ILE B 78 -1.10 19.12 -25.87
CA ILE B 78 -0.41 17.87 -25.67
C ILE B 78 0.74 18.06 -24.68
N MET B 79 1.45 19.18 -24.80
CA MET B 79 2.55 19.41 -23.88
C MET B 79 2.01 19.73 -22.48
N ALA B 80 0.94 20.50 -22.41
CA ALA B 80 0.38 20.82 -21.11
C ALA B 80 0.07 19.50 -20.36
N LEU B 81 -0.76 18.67 -20.98
CA LEU B 81 -1.14 17.40 -20.38
C LEU B 81 0.09 16.57 -19.94
N THR B 82 1.08 16.52 -20.81
CA THR B 82 2.31 15.79 -20.53
C THR B 82 2.99 16.39 -19.29
N SER B 83 3.02 17.72 -19.17
CA SER B 83 3.67 18.32 -18.01
C SER B 83 2.87 18.07 -16.74
N SER B 84 1.67 17.51 -16.89
CA SER B 84 0.83 17.17 -15.74
C SER B 84 0.84 15.66 -15.62
N CYS B 85 1.75 15.02 -16.35
CA CYS B 85 1.87 13.57 -16.35
C CYS B 85 0.58 12.89 -16.75
N ARG B 86 -0.13 13.50 -17.70
CA ARG B 86 -1.39 12.95 -18.19
C ARG B 86 -1.22 12.46 -19.61
N ASP B 87 -1.90 11.37 -19.94
CA ASP B 87 -1.82 10.81 -21.27
C ASP B 87 -2.65 11.66 -22.24
N PRO B 88 -1.98 12.45 -23.09
CA PRO B 88 -2.72 13.29 -24.03
C PRO B 88 -3.57 12.38 -24.88
N GLY B 89 -3.11 11.13 -24.94
CA GLY B 89 -3.77 10.11 -25.71
C GLY B 89 -4.14 10.51 -27.12
N ASP B 90 -5.42 10.36 -27.40
CA ASP B 90 -6.04 10.63 -28.67
C ASP B 90 -5.58 11.89 -29.39
N LYS B 91 -5.27 12.94 -28.63
CA LYS B 91 -4.83 14.22 -29.22
C LYS B 91 -3.57 14.12 -30.05
N VAL B 92 -2.70 13.17 -29.71
CA VAL B 92 -1.46 12.99 -30.42
C VAL B 92 -1.62 12.41 -31.81
N SER B 93 -2.48 11.41 -31.97
CA SER B 93 -2.67 10.85 -33.31
C SER B 93 -3.42 11.87 -34.19
N ILE B 94 -4.39 12.58 -33.61
CA ILE B 94 -5.13 13.58 -34.36
C ILE B 94 -4.17 14.62 -34.92
N LEU B 95 -3.22 15.03 -34.10
CA LEU B 95 -2.25 16.02 -34.55
C LEU B 95 -1.27 15.40 -35.55
N GLN B 96 -0.85 14.17 -35.27
CA GLN B 96 0.09 13.48 -36.14
C GLN B 96 -0.49 13.36 -37.55
N ARG B 97 -1.76 12.98 -37.66
CA ARG B 97 -2.40 12.82 -38.97
C ARG B 97 -2.54 14.16 -39.68
N GLN B 98 -2.84 15.22 -38.94
CA GLN B 98 -2.92 16.52 -39.56
C GLN B 98 -1.53 16.94 -40.05
N MET B 99 -0.48 16.78 -39.24
CA MET B 99 0.82 17.20 -39.72
C MET B 99 1.36 16.36 -40.86
N GLU B 100 0.95 15.11 -40.97
CA GLU B 100 1.44 14.31 -42.09
C GLU B 100 0.88 14.94 -43.39
N ASN B 101 -0.18 15.71 -43.23
CA ASN B 101 -0.83 16.36 -44.35
C ASN B 101 -0.53 17.84 -44.46
N TRP B 102 0.35 18.34 -43.60
CA TRP B 102 0.64 19.77 -43.61
C TRP B 102 1.65 20.20 -44.65
N ALA B 103 1.34 21.32 -45.29
CA ALA B 103 2.19 21.94 -46.28
C ALA B 103 1.90 23.44 -46.17
N PRO B 104 2.84 24.27 -46.62
CA PRO B 104 2.68 25.72 -46.57
C PRO B 104 1.79 26.15 -47.73
N SER B 105 0.87 27.08 -47.49
CA SER B 105 -0.04 27.57 -48.53
C SER B 105 0.67 27.99 -49.83
N SER B 106 1.88 28.55 -49.70
CA SER B 106 2.63 28.99 -50.87
C SER B 106 4.11 29.21 -50.53
N PRO B 107 4.99 29.18 -51.56
CA PRO B 107 6.45 29.37 -51.40
C PRO B 107 6.73 30.80 -51.10
N ASN B 108 5.90 31.38 -50.26
CA ASN B 108 6.01 32.77 -49.96
C ASN B 108 4.90 33.15 -48.99
N ALA B 109 4.65 32.31 -47.99
CA ALA B 109 3.59 32.58 -47.04
C ALA B 109 4.19 33.38 -45.94
N GLU B 110 3.33 34.11 -45.25
CA GLU B 110 3.70 34.93 -44.13
C GLU B 110 4.42 34.02 -43.11
N ALA B 111 5.56 34.48 -42.60
CA ALA B 111 6.32 33.68 -41.65
C ALA B 111 5.48 33.21 -40.44
N SER B 112 4.51 34.00 -40.01
CA SER B 112 3.68 33.61 -38.88
C SER B 112 2.88 32.32 -39.13
N ALA B 113 2.77 31.93 -40.40
CA ALA B 113 2.02 30.72 -40.72
C ALA B 113 2.78 29.46 -40.33
N PHE B 114 4.04 29.61 -39.95
CA PHE B 114 4.83 28.46 -39.57
C PHE B 114 4.85 28.30 -38.04
N TYR B 115 4.15 29.18 -37.35
CA TYR B 115 4.10 29.12 -35.89
C TYR B 115 3.38 27.88 -35.35
N GLY B 116 2.14 27.68 -35.78
CA GLY B 116 1.37 26.52 -35.38
C GLY B 116 2.12 25.24 -35.75
N PRO B 117 2.69 25.15 -36.96
CA PRO B 117 3.44 23.96 -37.36
C PRO B 117 4.67 23.70 -36.48
N SER B 118 5.29 24.77 -35.99
CA SER B 118 6.49 24.63 -35.13
C SER B 118 6.05 24.02 -33.80
N LEU B 119 5.00 24.59 -33.22
CA LEU B 119 4.43 24.12 -31.98
C LEU B 119 4.08 22.64 -32.12
N ALA B 120 3.38 22.30 -33.20
CA ALA B 120 2.96 20.93 -33.46
C ALA B 120 4.14 19.97 -33.57
N ILE B 121 5.11 20.36 -34.38
CA ILE B 121 6.25 19.50 -34.56
C ILE B 121 6.97 19.32 -33.23
N LEU B 122 7.00 20.35 -32.38
CA LEU B 122 7.67 20.19 -31.09
C LEU B 122 6.96 19.09 -30.27
N ALA B 123 5.65 19.19 -30.17
CA ALA B 123 4.90 18.20 -29.43
C ALA B 123 5.12 16.78 -29.95
N LEU B 124 4.99 16.66 -31.27
CA LEU B 124 5.13 15.39 -31.96
C LEU B 124 6.51 14.84 -31.76
N CYS B 125 7.50 15.72 -31.85
CA CYS B 125 8.87 15.25 -31.71
C CYS B 125 9.06 14.67 -30.30
N GLN B 126 8.35 15.20 -29.32
CA GLN B 126 8.49 14.72 -27.96
C GLN B 126 7.85 13.37 -27.72
N LYS B 127 6.82 13.04 -28.49
CA LYS B 127 6.13 11.76 -28.35
C LYS B 127 6.69 10.64 -29.22
N ASN B 128 7.19 10.98 -30.40
CA ASN B 128 7.75 9.98 -31.30
C ASN B 128 8.59 10.73 -32.30
N SER B 129 9.87 10.88 -32.00
CA SER B 129 10.76 11.63 -32.86
C SER B 129 10.90 11.04 -34.25
N GLU B 130 10.97 9.71 -34.34
CA GLU B 130 11.13 9.07 -35.65
C GLU B 130 9.92 9.29 -36.55
N ALA B 131 8.73 9.18 -35.98
CA ALA B 131 7.51 9.36 -36.75
C ALA B 131 7.41 10.80 -37.25
N THR B 132 8.06 11.70 -36.53
CA THR B 132 8.08 13.13 -36.84
C THR B 132 9.12 13.53 -37.88
N LEU B 133 10.22 12.79 -37.99
CA LEU B 133 11.30 13.07 -38.98
C LEU B 133 10.82 13.56 -40.38
N PRO B 134 9.99 12.77 -41.08
CA PRO B 134 9.51 13.18 -42.41
C PRO B 134 8.90 14.58 -42.37
N ILE B 135 7.99 14.80 -41.44
CA ILE B 135 7.33 16.08 -41.31
C ILE B 135 8.30 17.22 -41.03
N ALA B 136 9.25 17.00 -40.12
CA ALA B 136 10.20 18.06 -39.79
C ALA B 136 11.16 18.36 -40.94
N VAL B 137 11.48 17.37 -41.75
CA VAL B 137 12.38 17.59 -42.86
C VAL B 137 11.68 18.50 -43.85
N ARG B 138 10.44 18.15 -44.14
CA ARG B 138 9.63 18.92 -45.06
C ARG B 138 9.59 20.37 -44.52
N PHE B 139 9.26 20.50 -43.25
CA PHE B 139 9.16 21.79 -42.60
C PHE B 139 10.46 22.61 -42.70
N ALA B 140 11.60 21.97 -42.46
CA ALA B 140 12.89 22.65 -42.53
C ALA B 140 13.15 23.23 -43.92
N LYS B 141 12.96 22.41 -44.94
CA LYS B 141 13.14 22.84 -46.31
C LYS B 141 12.23 24.03 -46.60
N THR B 142 10.94 23.82 -46.39
CA THR B 142 9.94 24.85 -46.61
C THR B 142 10.36 26.14 -45.92
N LEU B 143 10.90 26.00 -44.71
CA LEU B 143 11.33 27.14 -43.91
C LEU B 143 12.53 27.82 -44.55
N LEU B 144 13.42 27.00 -45.07
CA LEU B 144 14.61 27.47 -45.74
C LEU B 144 14.24 28.31 -46.98
N ALA B 145 13.46 27.72 -47.87
CA ALA B 145 13.02 28.37 -49.11
C ALA B 145 12.18 29.64 -48.91
N ASN B 146 11.45 29.72 -47.80
CA ASN B 146 10.62 30.88 -47.54
C ASN B 146 11.44 32.14 -47.55
N SER B 147 10.88 33.20 -48.12
CA SER B 147 11.57 34.49 -48.21
C SER B 147 10.93 35.56 -47.35
N SER B 148 9.63 35.39 -47.09
CA SER B 148 8.86 36.32 -46.27
C SER B 148 9.64 36.89 -45.08
N PRO B 149 9.34 38.16 -44.70
CA PRO B 149 10.01 38.84 -43.58
C PRO B 149 10.08 37.97 -42.32
N PHE B 150 11.16 38.09 -41.59
CA PHE B 150 11.37 37.30 -40.37
C PHE B 150 10.50 37.69 -39.17
N ASN B 151 9.99 36.67 -38.48
CA ASN B 151 9.15 36.86 -37.29
C ASN B 151 9.79 36.17 -36.07
N VAL B 152 10.25 36.97 -35.10
CA VAL B 152 10.91 36.46 -33.91
C VAL B 152 10.22 35.25 -33.30
N ASP B 153 8.91 35.38 -33.06
CA ASP B 153 8.11 34.31 -32.49
C ASP B 153 8.25 32.99 -33.24
N THR B 154 7.89 33.00 -34.51
CA THR B 154 8.00 31.82 -35.31
C THR B 154 9.44 31.33 -35.27
N GLY B 155 10.40 32.25 -35.35
CA GLY B 155 11.79 31.85 -35.29
C GLY B 155 12.15 31.10 -34.00
N ALA B 156 11.62 31.57 -32.88
CA ALA B 156 11.86 30.96 -31.59
C ALA B 156 11.23 29.58 -31.52
N MET B 157 9.96 29.48 -31.86
CA MET B 157 9.28 28.20 -31.81
C MET B 157 9.91 27.18 -32.78
N ALA B 158 10.31 27.67 -33.94
CA ALA B 158 10.88 26.78 -34.93
C ALA B 158 12.20 26.23 -34.44
N THR B 159 13.00 27.03 -33.75
CA THR B 159 14.27 26.49 -33.31
C THR B 159 14.02 25.45 -32.24
N LEU B 160 13.06 25.71 -31.35
CA LEU B 160 12.74 24.71 -30.34
C LEU B 160 12.34 23.39 -31.03
N ALA B 161 11.43 23.47 -32.00
CA ALA B 161 10.99 22.25 -32.70
C ALA B 161 12.15 21.58 -33.40
N LEU B 162 12.92 22.35 -34.14
CA LEU B 162 14.04 21.76 -34.86
C LEU B 162 15.17 21.29 -33.95
N THR B 163 15.31 21.90 -32.77
CA THR B 163 16.37 21.46 -31.85
C THR B 163 15.92 20.08 -31.28
N CYS B 164 14.65 19.95 -30.93
CA CYS B 164 14.19 18.65 -30.46
C CYS B 164 14.62 17.60 -31.49
N MET B 165 14.29 17.80 -32.75
CA MET B 165 14.65 16.84 -33.82
C MET B 165 16.15 16.64 -34.03
N TYR B 166 16.89 17.73 -33.97
CA TYR B 166 18.31 17.70 -34.17
C TYR B 166 18.97 16.72 -33.25
N ASN B 167 18.44 16.62 -32.03
CA ASN B 167 19.01 15.75 -31.04
C ASN B 167 18.45 14.34 -31.04
N LYS B 168 17.45 14.07 -31.87
CA LYS B 168 16.85 12.74 -31.90
C LYS B 168 16.94 12.08 -33.27
N ILE B 169 18.02 12.35 -33.99
CA ILE B 169 18.20 11.75 -35.32
C ILE B 169 18.36 10.24 -35.09
N PRO B 170 17.50 9.41 -35.69
CA PRO B 170 17.60 7.95 -35.50
C PRO B 170 18.93 7.40 -35.86
N VAL B 171 19.51 6.61 -34.95
CA VAL B 171 20.80 5.98 -35.18
C VAL B 171 20.74 5.24 -36.52
N GLY B 172 21.76 5.44 -37.35
CA GLY B 172 21.78 4.76 -38.63
C GLY B 172 21.05 5.42 -39.80
N SER B 173 20.50 6.60 -39.62
CA SER B 173 19.80 7.27 -40.73
C SER B 173 20.67 8.44 -41.19
N GLU B 174 21.91 8.44 -40.74
CA GLU B 174 22.89 9.47 -40.99
C GLU B 174 23.04 10.13 -42.39
N GLU B 175 21.89 10.34 -43.04
CA GLU B 175 21.85 10.95 -44.35
C GLU B 175 21.63 12.48 -44.32
N GLY B 176 22.48 13.20 -43.58
CA GLY B 176 22.38 14.65 -43.54
C GLY B 176 21.12 15.35 -43.08
N TYR B 177 20.29 14.68 -42.29
CA TYR B 177 19.09 15.30 -41.74
C TYR B 177 19.65 16.30 -40.74
N ARG B 178 20.69 15.87 -40.03
CA ARG B 178 21.32 16.70 -39.03
C ARG B 178 21.88 17.95 -39.69
N SER B 179 22.41 17.80 -40.90
CA SER B 179 22.95 18.94 -41.65
C SER B 179 21.84 19.95 -41.92
N LEU B 180 20.74 19.44 -42.49
CA LEU B 180 19.58 20.27 -42.81
C LEU B 180 19.13 21.08 -41.60
N PHE B 181 18.84 20.40 -40.50
CA PHE B 181 18.35 21.08 -39.33
C PHE B 181 19.37 22.09 -38.81
N GLY B 182 20.62 21.64 -38.68
CA GLY B 182 21.67 22.52 -38.18
C GLY B 182 21.71 23.81 -38.96
N GLN B 183 21.57 23.69 -40.28
CA GLN B 183 21.59 24.83 -41.19
C GLN B 183 20.44 25.79 -40.86
N VAL B 184 19.21 25.32 -40.99
CA VAL B 184 18.06 26.13 -40.70
C VAL B 184 18.17 26.77 -39.30
N LEU B 185 18.67 26.00 -38.34
CA LEU B 185 18.81 26.54 -37.00
C LEU B 185 19.81 27.70 -36.96
N LYS B 186 20.92 27.54 -37.69
CA LYS B 186 21.96 28.57 -37.78
C LYS B 186 21.39 29.87 -38.38
N ASP B 187 20.63 29.75 -39.46
CA ASP B 187 20.02 30.91 -40.09
C ASP B 187 19.16 31.64 -39.09
N ILE B 188 18.31 30.87 -38.41
CA ILE B 188 17.40 31.42 -37.44
C ILE B 188 18.10 32.12 -36.27
N VAL B 189 19.17 31.55 -35.72
CA VAL B 189 19.78 32.28 -34.61
C VAL B 189 20.34 33.61 -35.12
N GLU B 190 20.83 33.61 -36.34
CA GLU B 190 21.36 34.85 -36.90
C GLU B 190 20.25 35.87 -36.93
N LYS B 191 19.09 35.49 -37.44
CA LYS B 191 17.96 36.41 -37.51
C LYS B 191 17.39 36.71 -36.12
N ILE B 192 17.44 35.74 -35.21
CA ILE B 192 16.90 36.03 -33.89
C ILE B 192 17.86 37.03 -33.28
N SER B 193 19.15 36.79 -33.44
CA SER B 193 20.13 37.74 -32.96
C SER B 193 19.84 38.90 -33.90
N MET B 194 20.29 40.11 -33.59
CA MET B 194 20.03 41.23 -34.50
C MET B 194 18.55 41.61 -34.53
N LYS B 195 17.86 41.18 -33.49
CA LYS B 195 16.46 41.47 -33.24
C LYS B 195 16.55 41.71 -31.74
N ILE B 196 17.78 41.65 -31.25
CA ILE B 196 18.12 41.86 -29.85
C ILE B 196 18.50 43.33 -29.69
N LYS B 197 17.70 44.10 -28.95
CA LYS B 197 18.00 45.51 -28.70
C LYS B 197 19.23 45.54 -27.83
N ASP B 198 19.69 46.74 -27.47
CA ASP B 198 20.87 46.86 -26.62
C ASP B 198 20.50 46.72 -25.17
N ASN B 199 19.26 47.06 -24.86
CA ASN B 199 18.77 46.97 -23.49
C ASN B 199 18.51 45.55 -23.05
N GLY B 200 18.70 44.58 -23.93
CA GLY B 200 18.47 43.20 -23.57
C GLY B 200 17.21 42.56 -24.14
N ILE B 201 16.25 43.38 -24.57
CA ILE B 201 14.99 42.90 -25.13
C ILE B 201 15.17 42.25 -26.47
N ILE B 202 14.38 41.22 -26.77
CA ILE B 202 14.47 40.54 -28.07
C ILE B 202 13.14 40.64 -28.80
N GLY B 203 13.10 41.44 -29.87
CA GLY B 203 11.87 41.66 -30.60
C GLY B 203 11.15 42.74 -29.83
N ASP B 204 10.41 42.32 -28.82
CA ASP B 204 9.72 43.24 -27.94
C ASP B 204 9.62 42.51 -26.59
N ILE B 205 9.12 43.17 -25.57
CA ILE B 205 9.08 42.51 -24.29
C ILE B 205 8.28 41.23 -24.26
N TYR B 206 7.25 41.16 -25.10
CA TYR B 206 6.40 40.00 -25.06
C TYR B 206 6.79 38.79 -25.89
N SER B 207 7.90 38.90 -26.62
CA SER B 207 8.36 37.79 -27.40
C SER B 207 9.78 37.43 -26.96
N THR B 208 10.24 38.11 -25.91
CA THR B 208 11.56 37.85 -25.33
C THR B 208 11.64 36.46 -24.64
N GLY B 209 10.60 36.07 -23.92
CA GLY B 209 10.58 34.78 -23.27
C GLY B 209 10.87 33.63 -24.24
N LEU B 210 10.09 33.51 -25.32
CA LEU B 210 10.35 32.43 -26.22
C LEU B 210 11.71 32.59 -26.88
N ALA B 211 12.09 33.83 -27.16
CA ALA B 211 13.38 34.04 -27.80
C ALA B 211 14.45 33.47 -26.89
N MET B 212 14.34 33.80 -25.60
CA MET B 212 15.29 33.32 -24.60
C MET B 212 15.40 31.81 -24.61
N GLN B 213 14.26 31.14 -24.70
CA GLN B 213 14.26 29.69 -24.73
C GLN B 213 15.03 29.20 -25.92
N ALA B 214 14.67 29.73 -27.08
CA ALA B 214 15.32 29.31 -28.31
C ALA B 214 16.83 29.57 -28.26
N LEU B 215 17.25 30.74 -27.78
CA LEU B 215 18.68 31.02 -27.70
C LEU B 215 19.43 30.10 -26.73
N SER B 216 18.78 29.73 -25.65
CA SER B 216 19.34 28.85 -24.63
C SER B 216 19.52 27.43 -25.13
N VAL B 217 18.75 27.08 -26.16
CA VAL B 217 18.73 25.72 -26.65
C VAL B 217 19.35 25.34 -28.00
N THR B 218 19.49 26.30 -28.92
CA THR B 218 20.06 26.00 -30.26
C THR B 218 21.45 25.41 -30.20
N PRO B 219 21.69 24.36 -31.00
CA PRO B 219 23.01 23.75 -30.99
C PRO B 219 24.15 24.74 -31.25
N GLU B 220 24.00 25.59 -32.25
CA GLU B 220 25.07 26.55 -32.52
C GLU B 220 24.60 28.00 -32.40
N PRO B 221 25.31 28.77 -31.57
CA PRO B 221 25.01 30.19 -31.32
C PRO B 221 25.36 31.07 -32.53
N SER B 222 24.93 32.33 -32.50
CA SER B 222 25.22 33.25 -33.60
C SER B 222 26.59 33.92 -33.39
N LYS B 223 27.17 34.44 -34.47
CA LYS B 223 28.47 35.11 -34.41
C LYS B 223 28.37 36.24 -33.39
N LYS B 224 27.34 37.07 -33.53
CA LYS B 224 27.07 38.16 -32.59
C LYS B 224 26.60 37.34 -31.40
N GLU B 225 27.16 37.53 -30.22
CA GLU B 225 26.69 36.69 -29.13
C GLU B 225 25.73 37.30 -28.13
N TRP B 226 24.87 36.42 -27.60
CA TRP B 226 23.86 36.81 -26.64
C TRP B 226 24.28 36.81 -25.17
N ASN B 227 24.02 37.94 -24.53
CA ASN B 227 24.31 38.17 -23.12
C ASN B 227 23.00 37.85 -22.38
N CYS B 228 22.88 36.61 -21.90
CA CYS B 228 21.67 36.20 -21.19
C CYS B 228 21.32 37.01 -19.92
N LYS B 229 22.30 37.25 -19.04
CA LYS B 229 22.01 38.00 -17.81
C LYS B 229 21.45 39.39 -18.12
N LYS B 230 21.95 39.99 -19.19
CA LYS B 230 21.48 41.31 -19.62
C LYS B 230 19.97 41.25 -19.84
N THR B 231 19.56 40.29 -20.67
CA THR B 231 18.17 40.11 -20.99
C THR B 231 17.28 39.76 -19.79
N THR B 232 17.72 38.85 -18.95
CA THR B 232 16.85 38.50 -17.86
C THR B 232 16.72 39.66 -16.88
N ASP B 233 17.81 40.39 -16.69
CA ASP B 233 17.77 41.53 -15.78
C ASP B 233 16.78 42.56 -16.36
N MET B 234 16.87 42.83 -17.66
CA MET B 234 15.97 43.78 -18.27
C MET B 234 14.51 43.33 -18.10
N ILE B 235 14.27 42.02 -18.17
CA ILE B 235 12.92 41.50 -17.99
C ILE B 235 12.48 41.72 -16.53
N LEU B 236 13.40 41.54 -15.58
CA LEU B 236 13.04 41.76 -14.19
C LEU B 236 12.61 43.22 -13.94
N ASN B 237 13.31 44.18 -14.54
CA ASN B 237 12.93 45.60 -14.37
C ASN B 237 11.60 45.82 -15.05
N GLU B 238 11.43 45.15 -16.18
CA GLU B 238 10.21 45.24 -16.96
C GLU B 238 9.04 44.82 -16.07
N ILE B 239 9.26 43.76 -15.28
CA ILE B 239 8.21 43.30 -14.39
C ILE B 239 7.93 44.41 -13.40
N LYS B 240 9.00 44.97 -12.86
CA LYS B 240 8.92 46.07 -11.90
C LYS B 240 8.13 47.26 -12.47
N GLN B 241 8.33 47.55 -13.75
CA GLN B 241 7.61 48.65 -14.37
C GLN B 241 6.12 48.33 -14.48
N GLY B 242 5.72 47.10 -14.15
CA GLY B 242 4.32 46.73 -14.24
C GLY B 242 3.88 46.21 -15.61
N LYS B 243 4.84 45.85 -16.45
CA LYS B 243 4.58 45.34 -17.80
C LYS B 243 3.99 43.90 -17.92
N PHE B 244 3.76 43.23 -16.79
CA PHE B 244 3.20 41.88 -16.85
C PHE B 244 2.02 41.66 -15.93
N HIS B 245 0.83 41.83 -16.45
CA HIS B 245 -0.37 41.61 -15.68
C HIS B 245 -1.19 40.54 -16.43
N ASN B 246 -0.97 40.46 -17.75
CA ASN B 246 -1.69 39.54 -18.61
C ASN B 246 -1.24 38.09 -18.48
N PRO B 247 -2.18 37.21 -18.11
CA PRO B 247 -1.91 35.78 -17.92
C PRO B 247 -1.07 35.10 -19.00
N MET B 248 -1.45 35.31 -20.26
CA MET B 248 -0.73 34.69 -21.36
C MET B 248 0.72 35.25 -21.46
N SER B 249 0.86 36.56 -21.28
CA SER B 249 2.18 37.17 -21.35
C SER B 249 3.09 36.58 -20.27
N ILE B 250 2.51 36.35 -19.10
CA ILE B 250 3.25 35.78 -17.97
C ILE B 250 3.62 34.33 -18.25
N ALA B 251 2.67 33.58 -18.82
CA ALA B 251 2.91 32.18 -19.14
C ALA B 251 4.07 32.06 -20.10
N GLN B 252 4.31 33.11 -20.87
CA GLN B 252 5.39 33.06 -21.83
C GLN B 252 6.75 33.55 -21.36
N ILE B 253 6.82 34.14 -20.17
CA ILE B 253 8.15 34.51 -19.64
C ILE B 253 8.50 33.62 -18.45
N LEU B 254 7.50 33.18 -17.70
CA LEU B 254 7.78 32.38 -16.51
C LEU B 254 8.84 31.27 -16.72
N PRO B 255 8.62 30.37 -17.69
CA PRO B 255 9.59 29.30 -17.91
C PRO B 255 11.02 29.80 -17.96
N SER B 256 11.26 30.83 -18.76
CA SER B 256 12.62 31.37 -18.88
C SER B 256 13.10 31.84 -17.52
N LEU B 257 12.23 32.51 -16.79
CA LEU B 257 12.59 33.02 -15.48
C LEU B 257 12.89 31.89 -14.47
N LYS B 258 12.59 30.66 -14.87
CA LYS B 258 12.79 29.51 -14.01
C LYS B 258 13.86 28.58 -14.56
N GLY B 259 14.63 29.04 -15.54
CA GLY B 259 15.66 28.18 -16.11
C GLY B 259 15.09 27.01 -16.90
N LYS B 260 13.87 27.17 -17.41
CA LYS B 260 13.26 26.08 -18.16
C LYS B 260 12.87 26.47 -19.59
N THR B 261 12.68 25.47 -20.43
CA THR B 261 12.17 25.71 -21.79
C THR B 261 11.13 24.62 -22.01
N TYR B 262 10.36 24.73 -23.09
CA TYR B 262 9.35 23.73 -23.38
C TYR B 262 10.01 22.38 -23.65
N LEU B 263 11.32 22.37 -23.84
CA LEU B 263 11.97 21.10 -24.09
C LEU B 263 12.04 20.31 -22.81
N ASP B 264 11.77 20.96 -21.68
CA ASP B 264 11.83 20.27 -20.39
C ASP B 264 10.54 19.59 -20.04
N VAL B 265 9.48 19.89 -20.80
CA VAL B 265 8.18 19.30 -20.54
C VAL B 265 8.20 17.77 -20.32
N PRO B 266 8.85 17.02 -21.22
CA PRO B 266 8.85 15.57 -20.98
C PRO B 266 9.51 15.15 -19.68
N GLN B 267 10.43 15.96 -19.15
CA GLN B 267 11.13 15.62 -17.91
C GLN B 267 10.51 16.08 -16.60
N VAL B 268 9.34 16.70 -16.65
CA VAL B 268 8.70 17.17 -15.42
C VAL B 268 8.32 16.03 -14.48
N THR B 269 8.57 16.23 -13.20
CA THR B 269 8.23 15.29 -12.12
C THR B 269 6.88 15.74 -11.55
N CYS B 270 5.95 14.82 -11.32
CA CYS B 270 4.66 15.23 -10.79
C CYS B 270 4.51 14.90 -9.33
N SER B 271 3.74 15.76 -8.66
CA SER B 271 3.45 15.73 -7.21
C SER B 271 4.78 15.88 -6.48
N PRO B 272 5.38 17.08 -6.60
CA PRO B 272 6.66 17.52 -6.01
C PRO B 272 6.93 17.10 -4.56
N ASP B 273 8.21 16.95 -4.24
CA ASP B 273 8.65 16.56 -2.91
C ASP B 273 9.09 17.83 -2.19
N SER C 7 -23.74 10.79 11.37
CA SER C 7 -24.05 11.47 10.08
C SER C 7 -25.18 10.74 9.37
N CYS C 8 -25.46 9.53 9.84
CA CYS C 8 -26.48 8.71 9.23
C CYS C 8 -27.05 7.68 10.21
N SER C 9 -27.46 8.17 11.37
CA SER C 9 -28.05 7.32 12.37
C SER C 9 -29.43 6.94 11.88
N VAL C 10 -30.11 6.05 12.60
CA VAL C 10 -31.45 5.66 12.18
C VAL C 10 -32.38 6.71 12.75
N PRO C 11 -33.21 7.33 11.88
CA PRO C 11 -34.19 8.37 12.24
C PRO C 11 -35.11 7.95 13.38
N SER C 12 -35.08 8.70 14.48
CA SER C 12 -35.95 8.40 15.61
C SER C 12 -37.36 8.60 15.10
N ALA C 13 -37.90 7.55 14.51
CA ALA C 13 -39.23 7.57 13.91
C ALA C 13 -39.30 6.25 13.19
N GLN C 14 -38.11 5.72 12.97
CA GLN C 14 -37.94 4.43 12.33
C GLN C 14 -37.41 3.49 13.40
N GLU C 15 -37.00 4.06 14.52
CA GLU C 15 -36.48 3.25 15.61
C GLU C 15 -37.40 2.06 15.91
N PRO C 16 -38.72 2.29 15.96
CA PRO C 16 -39.63 1.19 16.24
C PRO C 16 -39.33 -0.01 15.37
N LEU C 17 -38.91 0.28 14.16
CA LEU C 17 -38.62 -0.75 13.19
C LEU C 17 -37.38 -1.52 13.54
N VAL C 18 -36.41 -0.84 14.10
CA VAL C 18 -35.18 -1.49 14.50
C VAL C 18 -35.47 -2.31 15.76
N ASN C 19 -36.22 -1.70 16.67
CA ASN C 19 -36.60 -2.36 17.90
C ASN C 19 -37.28 -3.70 17.57
N GLY C 20 -38.14 -3.66 16.56
CA GLY C 20 -38.89 -4.83 16.14
C GLY C 20 -38.02 -5.98 15.70
N ILE C 21 -37.04 -5.70 14.84
CA ILE C 21 -36.19 -6.80 14.39
C ILE C 21 -35.24 -7.31 15.47
N GLN C 22 -34.90 -6.43 16.41
CA GLN C 22 -34.04 -6.84 17.52
C GLN C 22 -34.81 -7.92 18.32
N VAL C 23 -36.08 -7.62 18.59
CA VAL C 23 -36.94 -8.53 19.32
C VAL C 23 -37.14 -9.80 18.50
N LEU C 24 -37.27 -9.66 17.18
CA LEU C 24 -37.47 -10.86 16.39
C LEU C 24 -36.24 -11.75 16.48
N MET C 25 -35.07 -11.13 16.47
CA MET C 25 -33.79 -11.85 16.54
C MET C 25 -33.55 -12.50 17.90
N GLU C 26 -33.80 -11.76 18.98
CA GLU C 26 -33.58 -12.31 20.32
C GLU C 26 -34.59 -13.41 20.54
N ASN C 27 -35.77 -13.22 19.99
CA ASN C 27 -36.82 -14.21 20.18
C ASN C 27 -36.52 -15.55 19.52
N SER C 28 -35.46 -15.63 18.76
CA SER C 28 -35.19 -16.90 18.14
C SER C 28 -34.29 -17.80 19.00
N VAL C 29 -33.71 -17.26 20.07
CA VAL C 29 -32.84 -18.06 20.95
C VAL C 29 -33.64 -19.05 21.80
N THR C 30 -33.36 -20.33 21.63
CA THR C 30 -34.08 -21.36 22.39
C THR C 30 -33.12 -22.51 22.75
N SER C 31 -33.58 -23.42 23.59
CA SER C 31 -32.69 -24.50 23.99
C SER C 31 -32.34 -25.43 22.82
N SER C 32 -33.21 -25.50 21.81
CA SER C 32 -32.96 -26.35 20.63
C SER C 32 -32.39 -25.53 19.46
N ALA C 33 -32.57 -24.22 19.50
CA ALA C 33 -32.06 -23.37 18.43
C ALA C 33 -30.54 -23.59 18.35
N TYR C 34 -29.96 -23.34 17.18
CA TYR C 34 -28.51 -23.47 16.96
C TYR C 34 -27.87 -22.26 17.63
N PRO C 35 -26.96 -22.46 18.61
CA PRO C 35 -26.29 -21.35 19.34
C PRO C 35 -25.55 -20.43 18.38
N ASN C 36 -26.15 -19.28 18.10
CA ASN C 36 -25.54 -18.34 17.18
C ASN C 36 -24.76 -17.23 17.87
N PRO C 37 -23.42 -17.25 17.76
CA PRO C 37 -22.58 -16.22 18.40
C PRO C 37 -22.79 -14.81 17.81
N SER C 38 -23.25 -14.75 16.58
CA SER C 38 -23.47 -13.46 15.97
C SER C 38 -24.66 -12.78 16.59
N ILE C 39 -25.67 -13.59 16.96
CA ILE C 39 -26.84 -12.98 17.55
C ILE C 39 -26.48 -12.47 18.92
N LEU C 40 -25.67 -13.24 19.67
CA LEU C 40 -25.27 -12.80 21.00
C LEU C 40 -24.49 -11.49 20.93
N ILE C 41 -23.57 -11.38 19.96
CA ILE C 41 -22.81 -10.15 19.73
C ILE C 41 -23.76 -9.00 19.42
N ALA C 42 -24.71 -9.22 18.52
CA ALA C 42 -25.67 -8.20 18.15
C ALA C 42 -26.50 -7.71 19.34
N MET C 43 -27.15 -8.60 20.06
CA MET C 43 -27.95 -8.10 21.16
C MET C 43 -27.07 -7.43 22.22
N ASN C 44 -25.86 -7.93 22.40
CA ASN C 44 -25.01 -7.29 23.38
C ASN C 44 -24.56 -5.89 22.91
N LEU C 45 -24.32 -5.69 21.62
CA LEU C 45 -23.90 -4.37 21.18
C LEU C 45 -25.08 -3.42 21.17
N ALA C 46 -26.27 -3.97 21.04
CA ALA C 46 -27.46 -3.14 21.01
C ALA C 46 -28.02 -2.86 22.39
N GLY C 47 -27.77 -3.73 23.35
CA GLY C 47 -28.33 -3.56 24.68
C GLY C 47 -29.48 -4.55 24.59
N ALA C 48 -29.29 -5.72 25.20
CA ALA C 48 -30.27 -6.79 25.13
C ALA C 48 -31.62 -6.49 25.76
N TYR C 49 -32.69 -6.97 25.13
CA TYR C 49 -34.03 -6.77 25.69
C TYR C 49 -34.38 -7.94 26.58
N ASN C 50 -34.34 -9.13 25.98
CA ASN C 50 -34.67 -10.36 26.67
C ASN C 50 -33.49 -10.94 27.45
N LEU C 51 -33.40 -10.61 28.74
CA LEU C 51 -32.33 -11.13 29.57
C LEU C 51 -32.28 -12.66 29.69
N LYS C 52 -33.35 -13.30 29.50
CA LYS C 52 -33.31 -14.73 29.51
C LYS C 52 -32.68 -15.28 28.31
N ALA C 53 -33.13 -14.82 27.21
CA ALA C 53 -32.50 -15.32 25.99
C ALA C 53 -31.00 -14.95 26.05
N GLN C 54 -30.68 -13.76 26.55
CA GLN C 54 -29.28 -13.38 26.64
C GLN C 54 -28.46 -14.37 27.49
N LYS C 55 -29.00 -14.77 28.63
CA LYS C 55 -28.32 -15.70 29.50
C LYS C 55 -28.24 -17.10 28.90
N LEU C 56 -29.32 -17.55 28.28
CA LEU C 56 -29.32 -18.87 27.71
C LEU C 56 -28.24 -19.01 26.65
N LEU C 57 -28.21 -18.06 25.73
CA LEU C 57 -27.22 -18.08 24.64
C LEU C 57 -25.80 -18.04 25.17
N THR C 58 -25.59 -17.17 26.15
CA THR C 58 -24.28 -17.06 26.76
C THR C 58 -23.85 -18.39 27.34
N TYR C 59 -24.76 -19.10 28.00
CA TYR C 59 -24.38 -20.41 28.57
C TYR C 59 -24.12 -21.45 27.46
N GLN C 60 -24.93 -21.42 26.41
CA GLN C 60 -24.71 -22.37 25.34
C GLN C 60 -23.33 -22.19 24.72
N LEU C 61 -22.89 -20.94 24.55
CA LEU C 61 -21.57 -20.72 23.98
C LEU C 61 -20.44 -21.02 24.96
N MET C 62 -20.62 -20.70 26.23
CA MET C 62 -19.57 -20.96 27.20
C MET C 62 -19.31 -22.46 27.22
N SER C 63 -20.34 -23.24 26.91
CA SER C 63 -20.17 -24.68 26.93
C SER C 63 -19.96 -25.32 25.57
N SER C 64 -19.78 -24.50 24.54
CA SER C 64 -19.54 -25.08 23.22
C SER C 64 -18.20 -25.79 23.30
N ASP C 65 -18.07 -26.88 22.56
CA ASP C 65 -16.83 -27.65 22.56
C ASP C 65 -15.82 -27.03 21.57
N ASN C 66 -14.63 -26.70 22.07
CA ASN C 66 -13.60 -26.12 21.22
C ASN C 66 -13.26 -26.95 19.98
N ASN C 67 -13.42 -28.28 20.04
CA ASN C 67 -13.12 -29.11 18.86
C ASN C 67 -14.25 -29.14 17.82
N ASP C 68 -15.37 -28.51 18.12
CA ASP C 68 -16.50 -28.46 17.20
C ASP C 68 -16.50 -27.16 16.42
N LEU C 69 -15.65 -26.24 16.81
CA LEU C 69 -15.61 -24.94 16.19
C LEU C 69 -14.54 -24.75 15.14
N THR C 70 -14.90 -24.05 14.08
CA THR C 70 -13.94 -23.73 13.04
C THR C 70 -13.25 -22.42 13.44
N ILE C 71 -12.18 -22.10 12.75
CA ILE C 71 -11.41 -20.89 12.99
C ILE C 71 -12.32 -19.68 13.16
N GLY C 72 -13.29 -19.55 12.28
CA GLY C 72 -14.22 -18.43 12.33
C GLY C 72 -15.24 -18.58 13.46
N HIS C 73 -15.71 -19.79 13.71
CA HIS C 73 -16.65 -20.04 14.81
C HIS C 73 -15.95 -19.49 16.04
N LEU C 74 -14.75 -20.02 16.25
CA LEU C 74 -13.91 -19.68 17.37
C LEU C 74 -13.86 -18.17 17.57
N GLY C 75 -13.42 -17.45 16.54
CA GLY C 75 -13.34 -16.02 16.66
C GLY C 75 -14.66 -15.42 17.07
N LEU C 76 -15.74 -15.82 16.41
CA LEU C 76 -17.06 -15.31 16.72
C LEU C 76 -17.42 -15.60 18.17
N THR C 77 -17.16 -16.81 18.60
CA THR C 77 -17.47 -17.23 19.97
C THR C 77 -16.71 -16.47 21.06
N ILE C 78 -15.45 -16.15 20.76
CA ILE C 78 -14.62 -15.40 21.67
C ILE C 78 -15.20 -14.00 21.82
N MET C 79 -15.58 -13.39 20.70
CA MET C 79 -16.18 -12.06 20.78
C MET C 79 -17.54 -12.10 21.47
N ALA C 80 -18.33 -13.15 21.26
CA ALA C 80 -19.65 -13.20 21.88
C ALA C 80 -19.46 -13.27 23.38
N LEU C 81 -18.56 -14.15 23.82
CA LEU C 81 -18.29 -14.30 25.24
C LEU C 81 -17.81 -12.99 25.86
N THR C 82 -16.86 -12.36 25.21
CA THR C 82 -16.36 -11.09 25.68
C THR C 82 -17.47 -10.05 25.79
N SER C 83 -18.40 -10.00 24.81
CA SER C 83 -19.51 -9.00 24.87
C SER C 83 -20.49 -9.30 26.02
N SER C 84 -20.40 -10.51 26.55
CA SER C 84 -21.20 -10.92 27.68
C SER C 84 -20.37 -10.85 28.97
N CYS C 85 -19.18 -10.26 28.85
CA CYS C 85 -18.26 -10.09 29.96
C CYS C 85 -17.86 -11.44 30.61
N ARG C 86 -17.63 -12.43 29.77
CA ARG C 86 -17.26 -13.76 30.20
C ARG C 86 -15.89 -14.07 29.68
N ASP C 87 -15.09 -14.71 30.52
CA ASP C 87 -13.75 -15.09 30.14
C ASP C 87 -13.93 -16.19 29.08
N PRO C 88 -13.20 -16.07 27.96
CA PRO C 88 -13.23 -17.02 26.84
C PRO C 88 -12.26 -18.14 27.13
N GLY C 89 -11.30 -17.82 27.99
CA GLY C 89 -10.25 -18.74 28.39
C GLY C 89 -9.70 -19.60 27.30
N ASP C 90 -9.77 -20.87 27.57
CA ASP C 90 -9.32 -21.91 26.67
C ASP C 90 -9.32 -21.54 25.17
N LYS C 91 -10.47 -21.08 24.69
CA LYS C 91 -10.66 -20.76 23.28
C LYS C 91 -9.65 -19.86 22.60
N VAL C 92 -9.16 -18.85 23.31
CA VAL C 92 -8.19 -17.95 22.72
C VAL C 92 -6.85 -18.63 22.46
N SER C 93 -6.43 -19.50 23.38
CA SER C 93 -5.15 -20.21 23.20
C SER C 93 -5.28 -21.13 22.01
N ILE C 94 -6.38 -21.88 21.99
CA ILE C 94 -6.66 -22.81 20.93
C ILE C 94 -6.65 -22.11 19.60
N LEU C 95 -7.35 -20.97 19.52
CA LEU C 95 -7.42 -20.21 18.28
C LEU C 95 -6.05 -19.69 17.88
N GLN C 96 -5.33 -19.10 18.82
CA GLN C 96 -4.01 -18.55 18.54
C GLN C 96 -3.12 -19.60 17.85
N ARG C 97 -3.10 -20.83 18.37
CA ARG C 97 -2.24 -21.83 17.77
C ARG C 97 -2.79 -22.36 16.46
N GLN C 98 -4.10 -22.35 16.29
CA GLN C 98 -4.63 -22.80 15.02
C GLN C 98 -4.27 -21.81 13.94
N MET C 99 -4.33 -20.52 14.27
CA MET C 99 -4.00 -19.45 13.32
C MET C 99 -2.53 -19.37 12.92
N GLU C 100 -1.62 -19.73 13.83
CA GLU C 100 -0.19 -19.70 13.52
C GLU C 100 0.09 -20.82 12.54
N ASN C 101 -0.91 -21.69 12.37
CA ASN C 101 -0.84 -22.85 11.51
C ASN C 101 -1.71 -22.69 10.28
N TRP C 102 -2.36 -21.55 10.16
CA TRP C 102 -3.25 -21.33 9.02
C TRP C 102 -2.56 -20.71 7.80
N ALA C 103 -3.06 -21.09 6.63
CA ALA C 103 -2.60 -20.60 5.35
C ALA C 103 -3.67 -20.96 4.34
N PRO C 104 -3.88 -20.11 3.34
CA PRO C 104 -4.92 -20.48 2.37
C PRO C 104 -4.54 -21.76 1.60
N SER C 105 -5.50 -22.37 0.93
CA SER C 105 -5.20 -23.58 0.16
C SER C 105 -4.27 -23.29 -1.05
N SER C 106 -4.32 -22.08 -1.60
CA SER C 106 -3.44 -21.73 -2.72
C SER C 106 -3.54 -20.23 -2.94
N PRO C 107 -2.68 -19.67 -3.81
CA PRO C 107 -2.75 -18.22 -4.06
C PRO C 107 -3.93 -17.84 -4.94
N ASN C 108 -4.65 -18.86 -5.41
CA ASN C 108 -5.80 -18.60 -6.25
C ASN C 108 -7.10 -18.96 -5.55
N ALA C 109 -6.99 -19.26 -4.26
CA ALA C 109 -8.14 -19.59 -3.44
C ALA C 109 -9.17 -18.46 -3.53
N GLU C 110 -10.45 -18.83 -3.40
CA GLU C 110 -11.58 -17.89 -3.46
C GLU C 110 -11.53 -16.84 -2.33
N ALA C 111 -11.96 -15.62 -2.64
CA ALA C 111 -11.96 -14.55 -1.66
C ALA C 111 -12.55 -14.94 -0.28
N SER C 112 -13.69 -15.62 -0.27
CA SER C 112 -14.31 -15.97 1.01
C SER C 112 -13.47 -16.90 1.86
N ALA C 113 -12.35 -17.37 1.34
CA ALA C 113 -11.51 -18.26 2.12
C ALA C 113 -10.88 -17.45 3.27
N PHE C 114 -10.90 -16.14 3.12
CA PHE C 114 -10.33 -15.27 4.11
C PHE C 114 -11.31 -14.82 5.19
N TYR C 115 -12.60 -15.09 4.98
CA TYR C 115 -13.62 -14.67 5.94
C TYR C 115 -13.35 -15.19 7.38
N GLY C 116 -13.30 -16.51 7.57
CA GLY C 116 -13.03 -17.08 8.89
C GLY C 116 -11.76 -16.54 9.55
N PRO C 117 -10.64 -16.50 8.81
CA PRO C 117 -9.38 -15.99 9.33
C PRO C 117 -9.52 -14.53 9.78
N SER C 118 -10.29 -13.73 9.05
CA SER C 118 -10.51 -12.34 9.41
C SER C 118 -11.17 -12.28 10.80
N LEU C 119 -12.21 -13.09 10.97
CA LEU C 119 -12.91 -13.15 12.21
C LEU C 119 -11.95 -13.52 13.36
N ALA C 120 -11.07 -14.48 13.09
CA ALA C 120 -10.13 -14.94 14.08
C ALA C 120 -9.11 -13.87 14.44
N ILE C 121 -8.59 -13.20 13.43
CA ILE C 121 -7.61 -12.19 13.70
C ILE C 121 -8.28 -11.08 14.50
N LEU C 122 -9.51 -10.72 14.15
CA LEU C 122 -10.17 -9.68 14.91
C LEU C 122 -10.25 -10.09 16.39
N ALA C 123 -10.79 -11.28 16.66
CA ALA C 123 -10.89 -11.78 18.02
C ALA C 123 -9.55 -11.72 18.77
N LEU C 124 -8.52 -12.29 18.14
CA LEU C 124 -7.18 -12.32 18.68
C LEU C 124 -6.60 -10.93 18.86
N CYS C 125 -6.95 -10.01 17.97
CA CYS C 125 -6.48 -8.64 18.05
C CYS C 125 -7.13 -7.98 19.26
N GLN C 126 -8.37 -8.34 19.54
CA GLN C 126 -9.03 -7.75 20.70
C GLN C 126 -8.46 -8.24 22.04
N LYS C 127 -7.99 -9.47 22.08
CA LYS C 127 -7.43 -10.03 23.29
C LYS C 127 -6.00 -9.65 23.53
N ASN C 128 -5.19 -9.59 22.47
CA ASN C 128 -3.78 -9.27 22.64
C ASN C 128 -3.20 -8.85 21.32
N SER C 129 -3.33 -7.57 21.01
CA SER C 129 -2.86 -7.06 19.75
C SER C 129 -1.43 -7.37 19.40
N GLU C 130 -0.50 -7.08 20.30
CA GLU C 130 0.90 -7.34 19.98
C GLU C 130 1.21 -8.78 19.65
N ALA C 131 0.60 -9.72 20.38
CA ALA C 131 0.83 -11.15 20.18
C ALA C 131 0.32 -11.58 18.81
N THR C 132 -0.53 -10.74 18.23
CA THR C 132 -1.18 -11.03 16.98
C THR C 132 -0.51 -10.45 15.74
N LEU C 133 0.45 -9.56 15.93
CA LEU C 133 1.15 -8.96 14.79
C LEU C 133 1.66 -9.96 13.77
N PRO C 134 2.51 -10.90 14.21
CA PRO C 134 3.05 -11.91 13.29
C PRO C 134 1.96 -12.47 12.38
N ILE C 135 0.90 -13.01 12.98
CA ILE C 135 -0.19 -13.59 12.21
C ILE C 135 -0.88 -12.58 11.30
N ALA C 136 -1.07 -11.37 11.81
CA ALA C 136 -1.74 -10.32 11.06
C ALA C 136 -0.92 -9.86 9.89
N VAL C 137 0.39 -9.77 10.08
CA VAL C 137 1.28 -9.35 8.99
C VAL C 137 1.15 -10.37 7.85
N ARG C 138 1.36 -11.62 8.24
CA ARG C 138 1.27 -12.73 7.31
C ARG C 138 -0.11 -12.75 6.63
N PHE C 139 -1.15 -12.42 7.40
CA PHE C 139 -2.51 -12.41 6.85
C PHE C 139 -2.64 -11.27 5.85
N ALA C 140 -2.09 -10.11 6.18
CA ALA C 140 -2.21 -8.97 5.28
C ALA C 140 -1.52 -9.26 3.95
N LYS C 141 -0.35 -9.88 4.01
CA LYS C 141 0.38 -10.17 2.79
C LYS C 141 -0.36 -11.21 1.97
N THR C 142 -0.86 -12.25 2.64
CA THR C 142 -1.58 -13.31 1.94
C THR C 142 -2.81 -12.80 1.26
N LEU C 143 -3.42 -11.79 1.85
CA LEU C 143 -4.62 -11.15 1.28
C LEU C 143 -4.19 -10.23 0.12
N LEU C 144 -3.13 -9.45 0.31
CA LEU C 144 -2.68 -8.57 -0.75
C LEU C 144 -2.41 -9.43 -2.01
N ALA C 145 -1.75 -10.58 -1.81
CA ALA C 145 -1.36 -11.47 -2.90
C ALA C 145 -2.51 -12.16 -3.67
N ASN C 146 -3.63 -12.37 -2.98
CA ASN C 146 -4.77 -13.04 -3.60
C ASN C 146 -5.43 -12.24 -4.73
N SER C 147 -5.80 -12.93 -5.82
CA SER C 147 -6.42 -12.29 -6.98
C SER C 147 -7.89 -12.62 -7.21
N SER C 148 -8.42 -13.65 -6.55
CA SER C 148 -9.83 -14.05 -6.76
C SER C 148 -10.84 -12.92 -6.79
N PRO C 149 -11.99 -13.16 -7.45
CA PRO C 149 -13.03 -12.12 -7.55
C PRO C 149 -13.52 -11.70 -6.17
N PHE C 150 -13.54 -10.39 -5.95
CA PHE C 150 -13.92 -9.80 -4.68
C PHE C 150 -15.24 -10.21 -4.04
N ASN C 151 -15.19 -10.42 -2.73
CA ASN C 151 -16.37 -10.76 -1.94
C ASN C 151 -16.54 -9.68 -0.88
N VAL C 152 -17.63 -8.93 -0.94
CA VAL C 152 -17.84 -7.83 -0.01
C VAL C 152 -17.90 -8.25 1.44
N ASP C 153 -18.65 -9.32 1.73
CA ASP C 153 -18.76 -9.83 3.09
C ASP C 153 -17.34 -10.05 3.65
N THR C 154 -16.48 -10.74 2.89
CA THR C 154 -15.13 -11.01 3.32
C THR C 154 -14.28 -9.76 3.45
N GLY C 155 -14.44 -8.85 2.49
CA GLY C 155 -13.68 -7.63 2.55
C GLY C 155 -14.03 -6.85 3.80
N ALA C 156 -15.31 -6.84 4.13
CA ALA C 156 -15.79 -6.11 5.31
C ALA C 156 -15.16 -6.70 6.59
N MET C 157 -15.19 -8.03 6.70
CA MET C 157 -14.59 -8.65 7.86
C MET C 157 -13.11 -8.37 7.88
N ALA C 158 -12.46 -8.45 6.72
CA ALA C 158 -11.04 -8.20 6.67
C ALA C 158 -10.66 -6.76 7.04
N THR C 159 -11.49 -5.78 6.70
CA THR C 159 -11.08 -4.43 7.06
C THR C 159 -11.22 -4.18 8.58
N LEU C 160 -12.21 -4.81 9.20
CA LEU C 160 -12.38 -4.68 10.65
C LEU C 160 -11.14 -5.25 11.36
N ALA C 161 -10.75 -6.44 10.96
CA ALA C 161 -9.61 -7.09 11.55
C ALA C 161 -8.38 -6.24 11.34
N LEU C 162 -8.16 -5.79 10.11
CA LEU C 162 -6.98 -5.00 9.85
C LEU C 162 -7.01 -3.65 10.53
N THR C 163 -8.20 -3.07 10.65
CA THR C 163 -8.31 -1.78 11.33
C THR C 163 -8.05 -1.94 12.83
N CYS C 164 -8.38 -3.10 13.36
CA CYS C 164 -8.12 -3.33 14.76
C CYS C 164 -6.62 -3.25 14.93
N MET C 165 -5.87 -4.03 14.14
CA MET C 165 -4.40 -4.06 14.22
C MET C 165 -3.76 -2.71 13.92
N TYR C 166 -4.29 -2.06 12.90
CA TYR C 166 -3.81 -0.77 12.47
C TYR C 166 -3.79 0.21 13.61
N ASN C 167 -4.77 0.12 14.50
CA ASN C 167 -4.82 1.06 15.61
C ASN C 167 -4.08 0.66 16.86
N LYS C 168 -3.47 -0.51 16.85
CA LYS C 168 -2.74 -0.95 18.03
C LYS C 168 -1.30 -1.29 17.72
N ILE C 169 -0.67 -0.46 16.90
CA ILE C 169 0.75 -0.64 16.56
C ILE C 169 1.57 -0.30 17.82
N PRO C 170 2.24 -1.31 18.38
CA PRO C 170 3.07 -1.11 19.57
C PRO C 170 4.05 0.06 19.41
N VAL C 171 4.06 0.95 20.41
CA VAL C 171 4.98 2.08 20.47
C VAL C 171 6.42 1.56 20.44
N GLY C 172 7.25 2.15 19.59
CA GLY C 172 8.63 1.72 19.51
C GLY C 172 8.83 0.69 18.40
N SER C 173 7.90 -0.27 18.33
CA SER C 173 7.93 -1.30 17.31
C SER C 173 7.41 -0.57 16.09
N GLU C 174 8.29 0.18 15.44
CA GLU C 174 7.85 1.00 14.29
C GLU C 174 8.18 0.51 12.83
N GLU C 175 8.09 -0.77 12.53
CA GLU C 175 8.49 -1.18 11.19
C GLU C 175 7.51 -1.23 10.01
N GLY C 176 6.89 -0.20 9.43
CA GLY C 176 6.02 -0.50 8.26
C GLY C 176 4.80 -1.41 8.45
N TYR C 177 4.58 -1.89 9.69
CA TYR C 177 3.38 -2.71 9.99
C TYR C 177 2.20 -1.85 9.66
N ARG C 178 2.28 -0.59 10.10
CA ARG C 178 1.21 0.34 9.87
C ARG C 178 1.04 0.53 8.38
N SER C 179 2.18 0.61 7.70
CA SER C 179 2.21 0.81 6.27
C SER C 179 1.50 -0.35 5.58
N LEU C 180 1.92 -1.56 5.91
CA LEU C 180 1.33 -2.77 5.34
C LEU C 180 -0.18 -2.79 5.54
N PHE C 181 -0.61 -2.72 6.79
CA PHE C 181 -2.03 -2.74 7.08
C PHE C 181 -2.78 -1.59 6.41
N GLY C 182 -2.27 -0.38 6.53
CA GLY C 182 -2.98 0.70 5.89
C GLY C 182 -3.16 0.48 4.38
N GLN C 183 -2.09 0.01 3.76
CA GLN C 183 -2.11 -0.20 2.33
C GLN C 183 -3.16 -1.26 1.96
N VAL C 184 -3.14 -2.40 2.63
CA VAL C 184 -4.11 -3.45 2.35
C VAL C 184 -5.52 -2.96 2.65
N LEU C 185 -5.66 -2.06 3.61
CA LEU C 185 -6.98 -1.50 3.93
C LEU C 185 -7.45 -0.56 2.83
N LYS C 186 -6.55 0.25 2.32
CA LYS C 186 -6.90 1.19 1.26
C LYS C 186 -7.42 0.40 0.05
N ASP C 187 -6.72 -0.71 -0.18
CA ASP C 187 -6.95 -1.65 -1.25
C ASP C 187 -8.36 -2.21 -1.19
N ILE C 188 -8.70 -2.73 -0.02
CA ILE C 188 -10.01 -3.30 0.22
C ILE C 188 -11.12 -2.26 0.16
N VAL C 189 -10.88 -1.10 0.73
CA VAL C 189 -11.91 -0.05 0.67
C VAL C 189 -12.26 0.29 -0.77
N GLU C 190 -11.23 0.36 -1.62
CA GLU C 190 -11.43 0.64 -3.03
C GLU C 190 -12.37 -0.39 -3.62
N LYS C 191 -12.12 -1.65 -3.32
CA LYS C 191 -12.95 -2.72 -3.84
C LYS C 191 -14.33 -2.77 -3.18
N ILE C 192 -14.44 -2.31 -1.95
CA ILE C 192 -15.77 -2.29 -1.31
C ILE C 192 -16.52 -1.17 -2.00
N SER C 193 -15.89 0.00 -2.10
CA SER C 193 -16.53 1.11 -2.79
C SER C 193 -16.61 0.53 -4.19
N MET C 194 -17.46 1.07 -5.05
CA MET C 194 -17.52 0.51 -6.41
C MET C 194 -18.19 -0.86 -6.43
N LYS C 195 -18.79 -1.23 -5.31
CA LYS C 195 -19.59 -2.45 -5.23
C LYS C 195 -20.84 -1.82 -4.69
N ILE C 196 -20.71 -0.53 -4.42
CA ILE C 196 -21.78 0.31 -3.90
C ILE C 196 -22.73 0.75 -5.02
N LYS C 197 -23.95 0.21 -5.00
CA LYS C 197 -24.99 0.56 -5.95
C LYS C 197 -25.49 1.99 -5.73
N ASP C 198 -26.23 2.50 -6.70
CA ASP C 198 -26.76 3.86 -6.59
C ASP C 198 -27.92 3.85 -5.62
N ASN C 199 -28.61 2.71 -5.54
CA ASN C 199 -29.73 2.57 -4.62
C ASN C 199 -29.26 2.53 -3.14
N GLY C 200 -27.96 2.33 -2.91
CA GLY C 200 -27.47 2.34 -1.55
C GLY C 200 -26.91 1.00 -1.08
N ILE C 201 -27.30 -0.05 -1.77
CA ILE C 201 -26.85 -1.39 -1.45
C ILE C 201 -25.34 -1.43 -1.63
N ILE C 202 -24.68 -2.32 -0.90
CA ILE C 202 -23.23 -2.48 -1.01
C ILE C 202 -22.98 -3.97 -1.21
N GLY C 203 -22.72 -4.34 -2.45
CA GLY C 203 -22.53 -5.74 -2.79
C GLY C 203 -23.94 -6.20 -3.03
N ASP C 204 -24.60 -6.68 -1.98
CA ASP C 204 -26.00 -7.13 -2.03
C ASP C 204 -26.59 -6.79 -0.68
N ILE C 205 -27.91 -6.94 -0.51
CA ILE C 205 -28.51 -6.58 0.79
C ILE C 205 -27.94 -7.30 1.97
N TYR C 206 -27.74 -8.61 1.83
CA TYR C 206 -27.22 -9.39 2.93
C TYR C 206 -25.74 -9.23 3.19
N SER C 207 -25.09 -8.38 2.41
CA SER C 207 -23.68 -8.13 2.65
C SER C 207 -23.51 -6.66 3.02
N THR C 208 -24.58 -5.90 2.89
CA THR C 208 -24.51 -4.48 3.19
C THR C 208 -24.22 -4.13 4.67
N GLY C 209 -24.83 -4.87 5.62
CA GLY C 209 -24.60 -4.59 7.03
C GLY C 209 -23.11 -4.62 7.39
N LEU C 210 -22.43 -5.72 7.04
CA LEU C 210 -21.02 -5.83 7.33
C LEU C 210 -20.25 -4.72 6.60
N ALA C 211 -20.62 -4.44 5.36
CA ALA C 211 -19.92 -3.40 4.62
C ALA C 211 -20.08 -2.07 5.33
N MET C 212 -21.22 -1.83 5.95
CA MET C 212 -21.42 -0.57 6.65
C MET C 212 -20.46 -0.46 7.83
N GLN C 213 -20.23 -1.58 8.50
CA GLN C 213 -19.31 -1.54 9.63
C GLN C 213 -17.93 -1.19 9.14
N ALA C 214 -17.49 -1.86 8.08
CA ALA C 214 -16.17 -1.61 7.53
C ALA C 214 -16.00 -0.15 7.10
N LEU C 215 -16.93 0.37 6.32
CA LEU C 215 -16.79 1.73 5.86
C LEU C 215 -16.75 2.77 6.99
N SER C 216 -17.45 2.54 8.07
CA SER C 216 -17.45 3.54 9.15
C SER C 216 -16.22 3.47 10.02
N VAL C 217 -15.37 2.50 9.73
CA VAL C 217 -14.21 2.27 10.54
C VAL C 217 -12.82 2.29 9.88
N THR C 218 -12.73 2.16 8.55
CA THR C 218 -11.40 2.16 7.91
C THR C 218 -10.74 3.51 8.11
N PRO C 219 -9.44 3.49 8.39
CA PRO C 219 -8.68 4.72 8.59
C PRO C 219 -8.64 5.64 7.36
N GLU C 220 -8.72 5.05 6.17
CA GLU C 220 -8.66 5.82 4.92
C GLU C 220 -9.81 5.54 3.93
N PRO C 221 -10.75 6.50 3.77
CA PRO C 221 -11.88 6.32 2.83
C PRO C 221 -11.40 6.14 1.40
N SER C 222 -12.34 5.86 0.50
CA SER C 222 -11.98 5.67 -0.90
C SER C 222 -12.18 7.01 -1.63
N LYS C 223 -11.54 7.15 -2.79
CA LYS C 223 -11.68 8.38 -3.59
C LYS C 223 -13.15 8.76 -3.76
N LYS C 224 -13.95 7.84 -4.30
CA LYS C 224 -15.37 8.08 -4.51
C LYS C 224 -16.08 8.04 -3.15
N GLU C 225 -16.69 9.17 -2.80
CA GLU C 225 -17.40 9.32 -1.54
C GLU C 225 -18.58 8.36 -1.37
N TRP C 226 -18.83 7.95 -0.13
CA TRP C 226 -19.91 7.03 0.18
C TRP C 226 -21.06 7.68 0.91
N ASN C 227 -22.20 7.70 0.25
CA ASN C 227 -23.41 8.26 0.84
C ASN C 227 -23.93 7.26 1.86
N CYS C 228 -23.64 7.52 3.12
CA CYS C 228 -24.05 6.65 4.20
C CYS C 228 -25.56 6.68 4.44
N LYS C 229 -26.14 7.88 4.49
CA LYS C 229 -27.57 8.02 4.70
C LYS C 229 -28.37 7.27 3.63
N LYS C 230 -27.94 7.37 2.39
CA LYS C 230 -28.63 6.68 1.31
C LYS C 230 -28.70 5.18 1.61
N THR C 231 -27.60 4.62 2.12
CA THR C 231 -27.55 3.20 2.45
C THR C 231 -28.43 2.85 3.65
N THR C 232 -28.35 3.64 4.72
CA THR C 232 -29.15 3.32 5.89
C THR C 232 -30.65 3.41 5.59
N ASP C 233 -31.04 4.39 4.77
CA ASP C 233 -32.44 4.52 4.38
C ASP C 233 -32.91 3.34 3.53
N MET C 234 -32.06 2.88 2.63
CA MET C 234 -32.41 1.74 1.80
C MET C 234 -32.60 0.53 2.73
N ILE C 235 -31.79 0.45 3.79
CA ILE C 235 -31.88 -0.67 4.71
C ILE C 235 -33.21 -0.66 5.46
N LEU C 236 -33.59 0.48 6.00
CA LEU C 236 -34.87 0.58 6.70
C LEU C 236 -36.01 0.10 5.78
N ASN C 237 -36.09 0.64 4.56
CA ASN C 237 -37.14 0.21 3.63
C ASN C 237 -37.08 -1.28 3.39
N GLU C 238 -35.88 -1.82 3.28
CA GLU C 238 -35.76 -3.24 3.01
C GLU C 238 -36.37 -4.03 4.17
N ILE C 239 -36.25 -3.48 5.37
CA ILE C 239 -36.82 -4.14 6.55
C ILE C 239 -38.34 -4.09 6.42
N LYS C 240 -38.87 -2.91 6.07
CA LYS C 240 -40.31 -2.75 5.89
C LYS C 240 -40.87 -3.63 4.76
N GLN C 241 -40.01 -4.20 3.93
CA GLN C 241 -40.47 -5.05 2.83
C GLN C 241 -40.33 -6.50 3.22
N GLY C 242 -39.98 -6.74 4.48
CA GLY C 242 -39.82 -8.10 4.95
C GLY C 242 -38.56 -8.85 4.54
N LYS C 243 -37.52 -8.12 4.15
CA LYS C 243 -36.27 -8.75 3.72
C LYS C 243 -35.40 -9.29 4.86
N PHE C 244 -35.59 -8.75 6.06
CA PHE C 244 -34.79 -9.18 7.19
C PHE C 244 -35.53 -9.98 8.24
N HIS C 245 -36.10 -11.10 7.83
CA HIS C 245 -36.80 -11.95 8.76
C HIS C 245 -35.84 -13.00 9.34
N ASN C 246 -34.74 -13.27 8.64
CA ASN C 246 -33.79 -14.25 9.14
C ASN C 246 -33.02 -13.65 10.33
N PRO C 247 -33.06 -14.33 11.50
CA PRO C 247 -32.34 -13.78 12.67
C PRO C 247 -30.88 -13.45 12.39
N MET C 248 -30.22 -14.33 11.63
CA MET C 248 -28.82 -14.11 11.28
C MET C 248 -28.68 -12.84 10.43
N SER C 249 -29.67 -12.57 9.58
CA SER C 249 -29.57 -11.38 8.76
C SER C 249 -29.78 -10.16 9.64
N ILE C 250 -30.57 -10.32 10.71
CA ILE C 250 -30.80 -9.22 11.62
C ILE C 250 -29.51 -8.96 12.41
N ALA C 251 -28.83 -10.05 12.76
CA ALA C 251 -27.60 -9.95 13.50
C ALA C 251 -26.55 -9.15 12.75
N GLN C 252 -26.53 -9.27 11.42
CA GLN C 252 -25.51 -8.53 10.68
C GLN C 252 -25.85 -7.07 10.37
N ILE C 253 -27.06 -6.61 10.65
CA ILE C 253 -27.35 -5.21 10.36
C ILE C 253 -27.61 -4.43 11.60
N LEU C 254 -28.08 -5.14 12.63
CA LEU C 254 -28.42 -4.49 13.91
C LEU C 254 -27.31 -3.61 14.40
N PRO C 255 -26.08 -4.16 14.45
CA PRO C 255 -24.97 -3.35 14.94
C PRO C 255 -24.91 -2.00 14.27
N SER C 256 -24.93 -2.00 12.93
CA SER C 256 -24.85 -0.76 12.18
C SER C 256 -26.00 0.18 12.51
N LEU C 257 -27.21 -0.39 12.58
CA LEU C 257 -28.40 0.38 12.88
C LEU C 257 -28.35 1.00 14.28
N LYS C 258 -27.49 0.50 15.14
CA LYS C 258 -27.37 1.04 16.49
C LYS C 258 -26.09 1.89 16.56
N GLY C 259 -25.40 2.04 15.43
CA GLY C 259 -24.19 2.85 15.42
C GLY C 259 -22.99 2.19 16.08
N LYS C 260 -22.90 0.87 15.99
CA LYS C 260 -21.78 0.14 16.62
C LYS C 260 -21.16 -0.82 15.61
N THR C 261 -20.02 -1.39 15.95
CA THR C 261 -19.43 -2.38 15.05
C THR C 261 -18.78 -3.39 15.96
N TYR C 262 -18.34 -4.51 15.37
CA TYR C 262 -17.65 -5.53 16.13
C TYR C 262 -16.43 -4.99 16.88
N LEU C 263 -15.96 -3.79 16.53
CA LEU C 263 -14.82 -3.20 17.21
C LEU C 263 -15.23 -2.65 18.56
N ASP C 264 -16.53 -2.48 18.76
CA ASP C 264 -17.01 -1.93 20.04
C ASP C 264 -17.21 -3.02 21.10
N VAL C 265 -17.14 -4.27 20.67
CA VAL C 265 -17.30 -5.45 21.53
C VAL C 265 -16.50 -5.38 22.82
N PRO C 266 -15.23 -4.99 22.75
CA PRO C 266 -14.50 -4.95 24.00
C PRO C 266 -15.00 -3.91 24.98
N GLN C 267 -15.72 -2.91 24.49
CA GLN C 267 -16.22 -1.85 25.35
C GLN C 267 -17.64 -2.09 25.84
N VAL C 268 -18.18 -3.27 25.63
CA VAL C 268 -19.54 -3.53 26.06
C VAL C 268 -19.73 -3.50 27.58
N THR C 269 -20.73 -2.77 28.04
CA THR C 269 -21.08 -2.64 29.45
C THR C 269 -22.07 -3.76 29.76
N CYS C 270 -21.81 -4.55 30.78
CA CYS C 270 -22.74 -5.61 31.13
C CYS C 270 -23.64 -5.28 32.31
N SER C 271 -24.90 -5.69 32.20
CA SER C 271 -25.96 -5.44 33.19
C SER C 271 -26.19 -3.93 33.27
N PRO C 272 -26.53 -3.30 32.12
CA PRO C 272 -26.80 -1.85 31.92
C PRO C 272 -27.79 -1.17 32.87
N ASP C 273 -27.46 0.06 33.24
CA ASP C 273 -28.31 0.85 34.14
C ASP C 273 -29.46 1.49 33.35
N THR C 289 -49.90 -35.58 1.64
CA THR C 289 -49.16 -34.40 2.22
C THR C 289 -49.06 -33.30 1.12
N SER C 290 -49.97 -33.27 0.17
CA SER C 290 -49.55 -32.37 -0.88
C SER C 290 -50.02 -31.09 -1.54
N ALA C 291 -50.04 -31.23 -2.88
CA ALA C 291 -50.38 -30.27 -3.95
C ALA C 291 -51.03 -28.97 -3.55
N SER C 292 -51.08 -28.00 -4.47
CA SER C 292 -51.72 -26.75 -4.07
C SER C 292 -52.13 -25.66 -5.07
N ASN C 293 -51.20 -24.78 -5.50
CA ASN C 293 -51.56 -23.72 -6.47
C ASN C 293 -50.45 -23.28 -7.39
N ILE C 294 -49.26 -23.69 -7.05
CA ILE C 294 -48.13 -23.26 -7.81
C ILE C 294 -47.37 -24.51 -8.20
N THR C 295 -46.70 -24.44 -9.33
CA THR C 295 -45.95 -25.59 -9.78
C THR C 295 -44.54 -25.08 -10.11
N VAL C 296 -43.55 -25.78 -9.59
CA VAL C 296 -42.19 -25.39 -9.82
C VAL C 296 -41.44 -26.53 -10.50
N ILE C 297 -40.46 -26.15 -11.33
CA ILE C 297 -39.63 -27.07 -12.09
C ILE C 297 -38.25 -27.19 -11.40
N TYR C 298 -37.98 -28.36 -10.83
CA TYR C 298 -36.75 -28.57 -10.09
C TYR C 298 -35.79 -29.60 -10.70
N THR C 299 -34.64 -29.07 -11.13
CA THR C 299 -33.55 -29.84 -11.73
C THR C 299 -32.43 -30.08 -10.71
N ILE C 300 -31.86 -31.28 -10.70
CA ILE C 300 -30.74 -31.59 -9.82
C ILE C 300 -29.62 -32.08 -10.73
N ASN C 301 -28.42 -31.56 -10.54
CA ASN C 301 -27.31 -31.88 -11.43
C ASN C 301 -26.00 -32.36 -10.76
N ASN C 302 -25.04 -32.79 -11.58
CA ASN C 302 -23.73 -33.27 -11.11
C ASN C 302 -22.86 -33.55 -12.33
N GLN C 303 -21.55 -33.44 -12.18
CA GLN C 303 -20.62 -33.72 -13.27
C GLN C 303 -19.28 -34.06 -12.66
N LEU C 304 -18.83 -35.36 -12.63
CA LEU C 304 -17.51 -35.58 -11.99
C LEU C 304 -16.37 -36.62 -11.90
N ARG C 305 -15.66 -36.41 -10.75
CA ARG C 305 -14.49 -37.12 -10.19
C ARG C 305 -15.17 -38.40 -9.79
N GLY C 306 -15.21 -38.73 -8.47
CA GLY C 306 -15.84 -39.96 -7.99
C GLY C 306 -17.10 -40.35 -8.79
N VAL C 307 -17.05 -40.10 -10.09
CA VAL C 307 -18.10 -40.34 -11.08
C VAL C 307 -19.51 -40.13 -10.51
N GLU C 308 -20.44 -40.98 -10.92
CA GLU C 308 -21.82 -40.89 -10.43
C GLU C 308 -22.52 -39.63 -10.91
N LEU C 309 -22.61 -39.43 -12.21
CA LEU C 309 -23.26 -38.22 -12.69
C LEU C 309 -24.78 -38.34 -12.65
N LEU C 310 -25.43 -37.20 -12.44
CA LEU C 310 -26.88 -37.13 -12.39
C LEU C 310 -27.32 -36.03 -13.36
N PHE C 311 -28.63 -35.81 -13.40
CA PHE C 311 -29.26 -34.79 -14.24
C PHE C 311 -30.68 -35.29 -14.39
N ASN C 312 -31.57 -34.84 -13.51
CA ASN C 312 -32.97 -35.26 -13.52
C ASN C 312 -33.92 -34.13 -13.09
N GLU C 313 -34.89 -33.80 -13.95
CA GLU C 313 -35.87 -32.76 -13.66
C GLU C 313 -37.11 -33.31 -12.98
N THR C 314 -38.10 -32.43 -12.80
CA THR C 314 -39.36 -32.79 -12.15
C THR C 314 -40.17 -31.52 -12.05
N ILE C 315 -41.47 -31.66 -11.82
CA ILE C 315 -42.36 -30.51 -11.67
C ILE C 315 -43.09 -30.75 -10.35
N ASN C 316 -43.05 -29.76 -9.45
CA ASN C 316 -43.68 -29.91 -8.15
C ASN C 316 -44.90 -29.02 -7.91
N VAL C 317 -45.84 -29.53 -7.12
CA VAL C 317 -47.05 -28.82 -6.79
C VAL C 317 -46.97 -28.28 -5.36
N SER C 318 -46.52 -27.03 -5.21
CA SER C 318 -46.39 -26.41 -3.88
C SER C 318 -47.50 -25.41 -3.65
N VAL C 319 -47.86 -25.22 -2.38
CA VAL C 319 -48.95 -24.29 -2.04
C VAL C 319 -48.73 -22.86 -2.53
N LYS C 320 -49.76 -22.07 -2.26
CA LYS C 320 -49.89 -20.68 -2.59
C LYS C 320 -48.86 -19.87 -3.32
N SER C 321 -47.69 -19.90 -2.72
CA SER C 321 -46.48 -19.14 -3.04
C SER C 321 -46.35 -19.11 -1.60
N GLY C 322 -45.19 -19.04 -1.02
CA GLY C 322 -45.24 -19.10 0.48
C GLY C 322 -44.42 -20.34 0.44
N SER C 323 -45.03 -21.50 0.77
CA SER C 323 -44.28 -22.76 0.87
C SER C 323 -42.90 -22.45 0.33
N VAL C 324 -42.00 -22.04 1.23
CA VAL C 324 -40.62 -21.71 0.89
C VAL C 324 -40.10 -22.69 -0.17
N LEU C 325 -38.95 -22.39 -0.75
CA LEU C 325 -38.42 -23.28 -1.75
C LEU C 325 -38.14 -24.66 -1.13
N LEU C 326 -38.17 -24.76 0.19
CA LEU C 326 -37.89 -26.03 0.87
C LEU C 326 -39.05 -27.02 0.79
N VAL C 327 -40.27 -26.51 0.61
CA VAL C 327 -41.43 -27.40 0.51
C VAL C 327 -41.30 -28.17 -0.80
N VAL C 328 -40.82 -27.47 -1.82
CA VAL C 328 -40.59 -28.05 -3.13
C VAL C 328 -39.66 -29.27 -3.05
N LEU C 329 -38.54 -29.12 -2.36
CA LEU C 329 -37.58 -30.21 -2.23
C LEU C 329 -38.15 -31.36 -1.41
N GLU C 330 -38.99 -31.02 -0.43
CA GLU C 330 -39.58 -32.05 0.41
C GLU C 330 -40.56 -32.91 -0.36
N GLU C 331 -41.42 -32.26 -1.13
CA GLU C 331 -42.40 -32.98 -1.94
C GLU C 331 -41.73 -33.81 -3.01
N ALA C 332 -40.68 -33.24 -3.61
CA ALA C 332 -39.92 -33.94 -4.63
C ALA C 332 -39.35 -35.24 -4.04
N GLN C 333 -39.02 -35.20 -2.75
CA GLN C 333 -38.49 -36.38 -2.08
C GLN C 333 -39.63 -37.34 -1.74
N ARG C 334 -40.85 -36.81 -1.69
CA ARG C 334 -42.04 -37.60 -1.40
C ARG C 334 -42.33 -38.52 -2.57
N LYS C 335 -42.36 -37.95 -3.79
CA LYS C 335 -42.60 -38.71 -5.01
C LYS C 335 -41.62 -39.88 -5.01
N ASN C 336 -40.61 -39.77 -4.16
CA ASN C 336 -39.58 -40.77 -3.97
C ASN C 336 -38.71 -41.15 -5.17
N PRO C 337 -38.56 -40.26 -6.16
CA PRO C 337 -37.72 -40.66 -7.30
C PRO C 337 -36.28 -40.86 -6.81
N MET C 338 -36.19 -41.43 -5.61
CA MET C 338 -34.94 -41.74 -4.92
C MET C 338 -34.05 -40.52 -4.72
N PHE C 339 -34.37 -39.42 -5.40
CA PHE C 339 -33.57 -38.21 -5.25
C PHE C 339 -34.07 -37.45 -4.01
N LYS C 340 -33.70 -38.01 -2.86
CA LYS C 340 -34.04 -37.47 -1.56
C LYS C 340 -32.86 -36.60 -1.19
N PHE C 341 -32.86 -36.06 0.03
CA PHE C 341 -31.75 -35.22 0.44
C PHE C 341 -31.58 -35.14 1.94
N GLU C 342 -30.53 -34.45 2.34
CA GLU C 342 -30.22 -34.26 3.74
C GLU C 342 -30.02 -32.77 3.96
N THR C 343 -30.30 -32.32 5.17
CA THR C 343 -30.14 -30.92 5.47
C THR C 343 -29.30 -30.77 6.74
N THR C 344 -28.42 -29.78 6.77
CA THR C 344 -27.59 -29.53 7.95
C THR C 344 -27.81 -28.10 8.50
N MET C 345 -27.95 -28.01 9.82
CA MET C 345 -28.19 -26.74 10.52
C MET C 345 -26.96 -25.84 10.71
N THR C 346 -27.16 -24.54 10.51
CA THR C 346 -26.08 -23.57 10.67
C THR C 346 -26.60 -22.22 11.19
N SER C 347 -25.71 -21.25 11.37
CA SER C 347 -26.08 -19.95 11.86
C SER C 347 -27.05 -19.20 10.93
N TRP C 348 -27.18 -19.63 9.68
CA TRP C 348 -28.07 -18.94 8.73
C TRP C 348 -29.33 -19.77 8.48
N GLY C 349 -29.34 -20.99 9.00
CA GLY C 349 -30.48 -21.86 8.81
C GLY C 349 -30.16 -23.21 8.19
N LEU C 350 -31.19 -23.81 7.57
CA LEU C 350 -31.04 -25.12 6.93
C LEU C 350 -30.24 -25.04 5.64
N VAL C 351 -29.19 -25.83 5.60
CA VAL C 351 -28.33 -25.91 4.42
C VAL C 351 -28.59 -27.26 3.75
N VAL C 352 -28.82 -27.24 2.45
CA VAL C 352 -29.00 -28.49 1.74
C VAL C 352 -27.59 -29.04 1.58
N SER C 353 -27.24 -30.05 2.39
CA SER C 353 -25.91 -30.64 2.37
C SER C 353 -25.74 -31.88 1.50
N SER C 354 -26.85 -32.49 1.09
CA SER C 354 -26.77 -33.70 0.29
C SER C 354 -28.00 -33.89 -0.57
N ILE C 355 -27.79 -34.36 -1.79
CA ILE C 355 -28.88 -34.63 -2.72
C ILE C 355 -28.60 -35.93 -3.47
N ASN C 356 -29.54 -36.87 -3.38
CA ASN C 356 -29.42 -38.17 -4.02
C ASN C 356 -28.09 -38.85 -3.64
N ASN C 357 -27.88 -38.97 -2.34
CA ASN C 357 -26.70 -39.61 -1.77
C ASN C 357 -25.31 -39.08 -2.13
N ILE C 358 -25.18 -37.75 -2.21
CA ILE C 358 -23.90 -37.12 -2.49
C ILE C 358 -23.79 -35.80 -1.70
N ALA C 359 -22.98 -35.84 -0.64
CA ALA C 359 -22.78 -34.72 0.26
C ALA C 359 -21.79 -33.65 -0.23
N GLU C 360 -21.86 -32.49 0.44
CA GLU C 360 -21.02 -31.36 0.12
C GLU C 360 -19.51 -31.57 0.31
N ASN C 361 -19.06 -32.01 1.48
CA ASN C 361 -17.62 -32.19 1.72
C ASN C 361 -16.77 -30.95 1.40
N VAL C 362 -16.47 -30.19 2.45
CA VAL C 362 -15.68 -28.97 2.32
C VAL C 362 -14.22 -29.22 1.95
N ASN C 363 -13.76 -30.46 2.09
CA ASN C 363 -12.38 -30.79 1.75
C ASN C 363 -12.16 -30.65 0.24
N HIS C 364 -13.22 -30.92 -0.53
CA HIS C 364 -13.14 -30.81 -1.98
C HIS C 364 -13.72 -29.49 -2.45
N LYS C 365 -13.87 -28.53 -1.52
CA LYS C 365 -14.41 -27.21 -1.85
C LYS C 365 -15.62 -27.43 -2.74
N THR C 366 -16.42 -28.42 -2.40
CA THR C 366 -17.58 -28.71 -3.20
C THR C 366 -18.92 -28.64 -2.45
N TYR C 367 -19.96 -28.15 -3.13
CA TYR C 367 -21.28 -28.01 -2.52
C TYR C 367 -22.41 -27.93 -3.56
N TRP C 368 -23.63 -27.75 -3.08
CA TRP C 368 -24.79 -27.64 -3.95
C TRP C 368 -25.23 -26.18 -4.11
N GLN C 369 -25.08 -25.63 -5.31
CA GLN C 369 -25.49 -24.25 -5.54
C GLN C 369 -26.88 -24.17 -6.16
N PHE C 370 -27.73 -23.32 -5.60
CA PHE C 370 -29.09 -23.17 -6.09
C PHE C 370 -29.19 -21.95 -6.99
N LEU C 371 -30.02 -22.04 -8.01
CA LEU C 371 -30.21 -20.92 -8.92
C LEU C 371 -31.55 -20.97 -9.64
N SER C 372 -32.06 -19.78 -9.93
CA SER C 372 -33.32 -19.55 -10.62
C SER C 372 -32.87 -19.35 -12.07
N GLY C 373 -33.18 -20.33 -12.91
CA GLY C 373 -32.75 -20.22 -14.29
C GLY C 373 -31.24 -20.40 -14.31
N VAL C 374 -30.50 -19.30 -14.44
CA VAL C 374 -29.05 -19.41 -14.47
C VAL C 374 -28.37 -18.62 -13.33
N THR C 375 -29.11 -17.67 -12.74
CA THR C 375 -28.60 -16.83 -11.65
C THR C 375 -28.80 -17.48 -10.26
N PRO C 376 -27.74 -17.45 -9.43
CA PRO C 376 -27.79 -18.04 -8.09
C PRO C 376 -28.74 -17.31 -7.13
N LEU C 377 -29.40 -18.08 -6.27
CA LEU C 377 -30.32 -17.53 -5.28
C LEU C 377 -29.59 -16.72 -4.19
N ASN C 378 -30.24 -15.67 -3.69
CA ASN C 378 -29.64 -14.87 -2.64
C ASN C 378 -30.20 -15.22 -1.27
N GLU C 379 -30.92 -16.35 -1.17
CA GLU C 379 -31.53 -16.82 0.08
C GLU C 379 -31.50 -18.35 0.15
N GLY C 380 -31.62 -18.91 1.36
CA GLY C 380 -31.60 -20.36 1.49
C GLY C 380 -32.95 -20.96 1.17
N VAL C 381 -32.99 -22.30 1.11
CA VAL C 381 -34.22 -23.03 0.81
C VAL C 381 -35.36 -22.82 1.82
N ALA C 382 -35.05 -22.42 3.04
CA ALA C 382 -36.10 -22.20 4.02
C ALA C 382 -36.57 -20.75 4.00
N ASP C 383 -35.94 -19.93 3.16
CA ASP C 383 -36.32 -18.53 3.09
C ASP C 383 -36.90 -18.08 1.75
N TYR C 384 -36.41 -18.71 0.69
CA TYR C 384 -36.81 -18.37 -0.67
C TYR C 384 -38.24 -18.77 -1.04
N ILE C 385 -38.93 -17.82 -1.67
CA ILE C 385 -40.29 -18.05 -2.11
C ILE C 385 -40.39 -18.08 -3.64
N PRO C 386 -40.43 -19.31 -4.21
CA PRO C 386 -40.53 -19.58 -5.66
C PRO C 386 -41.84 -19.05 -6.24
N PHE C 387 -41.78 -18.54 -7.48
CA PHE C 387 -42.98 -18.02 -8.14
C PHE C 387 -43.65 -19.03 -9.08
N ASN C 388 -44.64 -18.58 -9.82
CA ASN C 388 -45.43 -19.39 -10.77
C ASN C 388 -44.82 -20.69 -11.30
N HIS C 389 -44.03 -20.60 -12.37
CA HIS C 389 -43.39 -21.76 -12.97
C HIS C 389 -41.87 -21.54 -12.99
N GLU C 390 -41.27 -21.42 -11.80
CA GLU C 390 -39.84 -21.19 -11.70
C GLU C 390 -39.03 -22.47 -11.90
N HIS C 391 -37.95 -22.34 -12.68
CA HIS C 391 -37.07 -23.45 -12.94
C HIS C 391 -35.87 -23.28 -12.01
N ILE C 392 -35.92 -23.99 -10.89
CA ILE C 392 -34.89 -23.93 -9.89
C ILE C 392 -34.02 -25.16 -10.01
N THR C 393 -32.73 -24.92 -10.26
CA THR C 393 -31.73 -25.98 -10.44
C THR C 393 -30.79 -26.13 -9.24
N ALA C 394 -30.24 -27.34 -9.06
CA ALA C 394 -29.31 -27.62 -7.96
C ALA C 394 -28.01 -28.25 -8.45
N ASN C 395 -27.18 -27.45 -9.10
CA ASN C 395 -25.89 -27.88 -9.66
C ASN C 395 -24.83 -28.16 -8.56
N PHE C 396 -24.21 -29.34 -8.57
CA PHE C 396 -23.19 -29.66 -7.58
C PHE C 396 -21.84 -29.15 -8.09
N THR C 397 -21.56 -27.88 -7.83
CA THR C 397 -20.34 -27.24 -8.30
C THR C 397 -19.28 -27.14 -7.19
N GLN C 398 -18.25 -26.37 -7.43
CA GLN C 398 -17.19 -26.14 -6.47
C GLN C 398 -17.11 -24.63 -6.33
N TYR C 399 -16.42 -24.19 -5.29
CA TYR C 399 -16.29 -22.76 -5.05
C TYR C 399 -14.84 -22.42 -4.81
N SER D 7 -19.14 19.21 28.36
CA SER D 7 -19.57 20.24 29.35
C SER D 7 -18.36 20.93 29.97
N CYS D 8 -17.90 20.44 31.13
CA CYS D 8 -16.76 21.06 31.79
C CYS D 8 -15.41 20.91 31.11
N SER D 9 -15.41 20.52 29.83
CA SER D 9 -14.16 20.39 29.10
C SER D 9 -13.40 21.72 29.22
N VAL D 10 -12.09 21.68 29.07
CA VAL D 10 -11.30 22.89 29.17
C VAL D 10 -11.54 23.77 27.95
N PRO D 11 -12.01 25.00 28.16
CA PRO D 11 -12.30 25.95 27.07
C PRO D 11 -11.07 26.23 26.22
N SER D 12 -11.13 25.85 24.94
CA SER D 12 -10.02 26.04 24.00
C SER D 12 -9.66 27.51 23.96
N ALA D 13 -8.78 27.91 24.88
CA ALA D 13 -8.35 29.28 25.04
C ALA D 13 -7.46 29.22 26.25
N GLN D 14 -7.79 28.25 27.11
CA GLN D 14 -7.04 27.99 28.31
C GLN D 14 -6.13 26.81 28.00
N GLU D 15 -6.39 26.14 26.88
CA GLU D 15 -5.63 24.97 26.47
C GLU D 15 -4.12 25.16 26.52
N PRO D 16 -3.64 26.36 26.15
CA PRO D 16 -2.19 26.60 26.18
C PRO D 16 -1.64 26.41 27.60
N LEU D 17 -2.50 26.66 28.58
CA LEU D 17 -2.19 26.50 30.00
C LEU D 17 -1.89 25.00 30.29
N VAL D 18 -2.75 24.14 29.75
CA VAL D 18 -2.64 22.70 29.88
C VAL D 18 -1.42 22.17 29.11
N ASN D 19 -1.25 22.63 27.89
CA ASN D 19 -0.11 22.20 27.07
C ASN D 19 1.18 22.51 27.81
N GLY D 20 1.24 23.67 28.45
CA GLY D 20 2.43 24.03 29.17
C GLY D 20 2.85 23.02 30.22
N ILE D 21 1.89 22.55 31.01
CA ILE D 21 2.27 21.60 32.04
C ILE D 21 2.59 20.24 31.43
N GLN D 22 1.94 19.92 30.30
CA GLN D 22 2.23 18.66 29.65
C GLN D 22 3.67 18.66 29.20
N VAL D 23 4.17 19.83 28.80
CA VAL D 23 5.54 19.92 28.36
C VAL D 23 6.47 19.76 29.54
N LEU D 24 6.11 20.35 30.67
CA LEU D 24 6.98 20.20 31.83
C LEU D 24 7.11 18.70 32.18
N MET D 25 5.97 18.01 32.16
CA MET D 25 5.92 16.59 32.51
C MET D 25 6.72 15.73 31.55
N GLU D 26 6.52 15.93 30.26
CA GLU D 26 7.25 15.17 29.27
C GLU D 26 8.76 15.45 29.36
N ASN D 27 9.12 16.71 29.54
CA ASN D 27 10.53 17.08 29.66
C ASN D 27 11.27 16.28 30.71
N SER D 28 10.59 15.92 31.80
CA SER D 28 11.23 15.18 32.89
C SER D 28 11.62 13.71 32.54
N VAL D 29 11.15 13.21 31.41
CA VAL D 29 11.48 11.85 31.00
C VAL D 29 12.91 11.82 30.43
N THR D 30 13.79 11.05 31.04
CA THR D 30 15.18 10.96 30.57
C THR D 30 15.76 9.60 30.95
N SER D 31 16.85 9.20 30.28
CA SER D 31 17.50 7.91 30.54
C SER D 31 17.78 7.64 32.03
N SER D 32 18.16 8.67 32.75
CA SER D 32 18.47 8.56 34.17
C SER D 32 17.26 8.73 35.11
N ALA D 33 16.26 9.50 34.69
CA ALA D 33 15.08 9.68 35.52
C ALA D 33 14.47 8.30 35.75
N TYR D 34 13.97 8.07 36.96
CA TYR D 34 13.32 6.79 37.27
C TYR D 34 11.97 6.80 36.50
N PRO D 35 11.64 5.71 35.79
CA PRO D 35 10.42 5.56 35.00
C PRO D 35 9.10 5.72 35.75
N ASN D 36 8.35 6.76 35.43
CA ASN D 36 7.07 6.99 36.08
C ASN D 36 5.91 6.58 35.18
N PRO D 37 5.30 5.40 35.48
CA PRO D 37 4.18 4.91 34.66
C PRO D 37 2.99 5.87 34.61
N SER D 38 2.74 6.59 35.70
CA SER D 38 1.63 7.54 35.71
C SER D 38 1.81 8.58 34.59
N ILE D 39 3.06 9.00 34.38
CA ILE D 39 3.38 9.96 33.33
C ILE D 39 3.09 9.36 31.94
N LEU D 40 3.56 8.13 31.72
CA LEU D 40 3.31 7.48 30.44
C LEU D 40 1.80 7.41 30.19
N ILE D 41 1.04 7.07 31.22
CA ILE D 41 -0.40 7.00 31.06
C ILE D 41 -0.95 8.38 30.74
N ALA D 42 -0.40 9.40 31.40
CA ALA D 42 -0.89 10.75 31.14
C ALA D 42 -0.63 11.14 29.68
N MET D 43 0.60 11.00 29.20
CA MET D 43 0.82 11.38 27.82
C MET D 43 0.08 10.54 26.80
N ASN D 44 -0.14 9.26 27.05
CA ASN D 44 -0.85 8.46 26.06
C ASN D 44 -2.33 8.84 26.01
N LEU D 45 -2.85 9.21 27.15
CA LEU D 45 -4.24 9.59 27.26
C LEU D 45 -4.45 11.01 26.69
N ALA D 46 -3.38 11.80 26.69
CA ALA D 46 -3.48 13.17 26.21
C ALA D 46 -3.04 13.32 24.77
N GLY D 47 -2.25 12.36 24.29
CA GLY D 47 -1.71 12.44 22.94
C GLY D 47 -0.37 13.08 23.22
N ALA D 48 0.68 12.30 23.10
CA ALA D 48 2.03 12.76 23.39
C ALA D 48 2.64 13.76 22.42
N TYR D 49 3.43 14.68 22.97
CA TYR D 49 4.15 15.69 22.18
C TYR D 49 5.53 15.17 21.81
N ASN D 50 6.31 14.84 22.82
CA ASN D 50 7.66 14.37 22.59
C ASN D 50 7.65 12.87 22.34
N LEU D 51 7.61 12.48 21.07
CA LEU D 51 7.59 11.07 20.73
C LEU D 51 8.80 10.24 21.19
N LYS D 52 9.86 10.83 21.34
CA LYS D 52 11.12 10.12 21.70
C LYS D 52 11.00 9.87 23.22
N ALA D 53 10.44 10.75 23.95
CA ALA D 53 10.28 10.55 25.38
C ALA D 53 9.30 9.39 25.58
N GLN D 54 8.22 9.43 24.80
CA GLN D 54 7.20 8.38 24.89
C GLN D 54 7.77 7.00 24.65
N LYS D 55 8.63 6.91 23.65
CA LYS D 55 9.24 5.65 23.32
C LYS D 55 10.18 5.18 24.44
N LEU D 56 11.00 6.11 24.89
CA LEU D 56 11.97 5.84 25.94
C LEU D 56 11.27 5.36 27.20
N LEU D 57 10.22 6.06 27.60
CA LEU D 57 9.50 5.66 28.80
C LEU D 57 8.82 4.29 28.63
N THR D 58 8.24 4.05 27.46
CA THR D 58 7.60 2.77 27.19
C THR D 58 8.66 1.69 27.35
N TYR D 59 9.82 1.89 26.73
CA TYR D 59 10.90 0.91 26.81
C TYR D 59 11.40 0.70 28.25
N GLN D 60 11.64 1.79 28.99
CA GLN D 60 12.09 1.61 30.36
C GLN D 60 11.02 0.84 31.13
N LEU D 61 9.75 1.11 30.87
CA LEU D 61 8.70 0.42 31.59
C LEU D 61 8.65 -1.07 31.25
N MET D 62 8.88 -1.42 29.99
CA MET D 62 8.95 -2.82 29.61
C MET D 62 10.23 -3.28 30.30
N SER D 63 10.35 -4.55 30.64
CA SER D 63 11.61 -4.99 31.27
C SER D 63 11.90 -4.57 32.70
N SER D 64 11.09 -3.68 33.26
CA SER D 64 11.31 -3.24 34.63
C SER D 64 11.09 -4.37 35.67
N ASP D 65 12.12 -5.17 35.91
CA ASP D 65 12.10 -6.29 36.87
C ASP D 65 10.78 -6.35 37.62
N ASN D 66 9.91 -7.26 37.21
CA ASN D 66 8.58 -7.39 37.82
C ASN D 66 8.55 -7.73 39.30
N ASN D 67 9.71 -7.96 39.90
CA ASN D 67 9.78 -8.30 41.31
C ASN D 67 10.04 -7.12 42.23
N ASP D 68 10.59 -6.05 41.66
CA ASP D 68 10.89 -4.88 42.48
C ASP D 68 9.67 -3.97 42.60
N LEU D 69 8.59 -4.35 41.92
CA LEU D 69 7.41 -3.51 41.92
C LEU D 69 6.36 -3.88 42.95
N THR D 70 5.76 -2.87 43.54
CA THR D 70 4.70 -3.09 44.52
C THR D 70 3.42 -3.29 43.77
N ILE D 71 2.46 -3.87 44.47
CA ILE D 71 1.13 -4.14 43.97
C ILE D 71 0.65 -2.93 43.12
N GLY D 72 0.84 -1.72 43.64
CA GLY D 72 0.44 -0.51 42.95
C GLY D 72 1.33 -0.11 41.78
N HIS D 73 2.66 -0.29 41.92
CA HIS D 73 3.60 0.02 40.83
C HIS D 73 3.14 -0.82 39.65
N LEU D 74 3.01 -2.12 39.93
CA LEU D 74 2.62 -3.08 38.92
C LEU D 74 1.36 -2.67 38.16
N GLY D 75 0.28 -2.44 38.89
CA GLY D 75 -0.95 -2.07 38.24
C GLY D 75 -0.81 -0.87 37.32
N LEU D 76 -0.03 0.12 37.76
CA LEU D 76 0.19 1.34 37.01
C LEU D 76 1.06 1.05 35.79
N THR D 77 2.01 0.13 35.95
CA THR D 77 2.87 -0.21 34.84
C THR D 77 2.09 -0.97 33.77
N ILE D 78 1.20 -1.86 34.20
CA ILE D 78 0.41 -2.62 33.27
C ILE D 78 -0.47 -1.67 32.45
N MET D 79 -1.03 -0.66 33.11
CA MET D 79 -1.87 0.29 32.39
C MET D 79 -1.05 1.16 31.45
N ALA D 80 0.13 1.58 31.90
CA ALA D 80 1.01 2.40 31.07
C ALA D 80 1.35 1.66 29.75
N LEU D 81 1.82 0.41 29.86
CA LEU D 81 2.18 -0.39 28.70
C LEU D 81 0.98 -0.57 27.76
N THR D 82 -0.18 -0.84 28.34
CA THR D 82 -1.40 -1.01 27.58
C THR D 82 -1.71 0.29 26.80
N SER D 83 -1.54 1.44 27.46
CA SER D 83 -1.82 2.70 26.78
C SER D 83 -0.79 2.96 25.66
N SER D 84 0.25 2.14 25.62
CA SER D 84 1.26 2.29 24.58
C SER D 84 1.08 1.12 23.61
N CYS D 85 -0.04 0.43 23.73
CA CYS D 85 -0.36 -0.74 22.92
C CYS D 85 0.72 -1.80 23.04
N ARG D 86 1.27 -1.93 24.25
CA ARG D 86 2.30 -2.93 24.52
C ARG D 86 1.81 -4.07 25.40
N ASP D 87 2.21 -5.28 25.06
CA ASP D 87 1.78 -6.43 25.85
C ASP D 87 2.49 -6.40 27.21
N PRO D 88 1.76 -6.07 28.28
CA PRO D 88 2.40 -6.02 29.60
C PRO D 88 2.92 -7.42 29.87
N GLY D 89 2.25 -8.37 29.21
CA GLY D 89 2.60 -9.76 29.33
C GLY D 89 2.74 -10.25 30.75
N ASP D 90 3.89 -10.84 31.03
CA ASP D 90 4.24 -11.40 32.31
C ASP D 90 3.81 -10.61 33.57
N LYS D 91 3.80 -9.29 33.46
CA LYS D 91 3.43 -8.47 34.61
C LYS D 91 2.01 -8.69 35.11
N VAL D 92 1.12 -9.14 34.21
CA VAL D 92 -0.25 -9.36 34.57
C VAL D 92 -0.45 -10.58 35.43
N SER D 93 0.21 -11.69 35.11
CA SER D 93 0.04 -12.88 35.94
C SER D 93 0.70 -12.67 37.30
N ILE D 94 1.87 -12.05 37.32
CA ILE D 94 2.56 -11.78 38.57
C ILE D 94 1.62 -11.00 39.49
N LEU D 95 0.95 -9.97 38.95
CA LEU D 95 0.03 -9.18 39.76
C LEU D 95 -1.22 -10.00 40.15
N GLN D 96 -1.74 -10.75 39.19
CA GLN D 96 -2.92 -11.57 39.41
C GLN D 96 -2.69 -12.54 40.58
N ARG D 97 -1.52 -13.21 40.59
CA ARG D 97 -1.22 -14.17 41.66
C ARG D 97 -1.03 -13.47 43.00
N GLN D 98 -0.44 -12.29 42.99
CA GLN D 98 -0.29 -11.58 44.25
C GLN D 98 -1.70 -11.20 44.76
N MET D 99 -2.54 -10.62 43.91
CA MET D 99 -3.86 -10.23 44.39
C MET D 99 -4.74 -11.39 44.82
N GLU D 100 -4.56 -12.57 44.23
CA GLU D 100 -5.37 -13.69 44.67
C GLU D 100 -5.01 -13.99 46.11
N ASN D 101 -3.88 -13.48 46.55
CA ASN D 101 -3.38 -13.71 47.90
C ASN D 101 -3.51 -12.49 48.79
N TRP D 102 -4.03 -11.40 48.25
CA TRP D 102 -4.16 -10.20 49.03
C TRP D 102 -5.32 -10.16 50.01
N ALA D 103 -4.99 -9.66 51.21
CA ALA D 103 -5.92 -9.47 52.31
C ALA D 103 -5.43 -8.25 53.05
N PRO D 104 -6.33 -7.58 53.78
CA PRO D 104 -5.97 -6.38 54.56
C PRO D 104 -5.28 -6.82 55.86
N SER D 105 -4.20 -6.16 56.24
CA SER D 105 -3.50 -6.53 57.47
C SER D 105 -4.42 -6.71 58.70
N SER D 106 -5.48 -5.91 58.80
CA SER D 106 -6.42 -5.97 59.92
C SER D 106 -7.73 -5.28 59.61
N PRO D 107 -8.81 -5.64 60.34
CA PRO D 107 -10.16 -5.08 60.19
C PRO D 107 -10.14 -3.65 60.66
N ASN D 108 -9.07 -2.93 60.40
CA ASN D 108 -8.98 -1.57 60.92
C ASN D 108 -7.66 -1.01 60.46
N ALA D 109 -7.31 -1.27 59.22
CA ALA D 109 -6.07 -0.75 58.71
C ALA D 109 -6.26 0.63 58.16
N GLU D 110 -5.16 1.36 58.05
CA GLU D 110 -5.18 2.71 57.54
C GLU D 110 -5.78 2.68 56.11
N ALA D 111 -6.77 3.53 55.84
CA ALA D 111 -7.40 3.54 54.51
C ALA D 111 -6.39 3.61 53.34
N SER D 112 -5.25 4.23 53.54
CA SER D 112 -4.26 4.34 52.48
C SER D 112 -3.74 2.97 52.05
N ALA D 113 -3.91 1.98 52.91
CA ALA D 113 -3.42 0.65 52.58
C ALA D 113 -4.25 0.00 51.48
N PHE D 114 -5.38 0.60 51.13
CA PHE D 114 -6.22 0.05 50.08
C PHE D 114 -5.97 0.72 48.73
N TYR D 115 -5.00 1.63 48.70
CA TYR D 115 -4.68 2.34 47.46
C TYR D 115 -4.03 1.41 46.43
N GLY D 116 -2.97 0.73 46.87
CA GLY D 116 -2.27 -0.19 45.99
C GLY D 116 -3.25 -1.19 45.41
N PRO D 117 -4.04 -1.82 46.28
CA PRO D 117 -5.03 -2.82 45.89
C PRO D 117 -6.03 -2.27 44.85
N SER D 118 -6.42 -1.01 45.01
CA SER D 118 -7.36 -0.42 44.07
C SER D 118 -6.71 -0.34 42.70
N LEU D 119 -5.52 0.20 42.65
CA LEU D 119 -4.77 0.31 41.41
C LEU D 119 -4.64 -1.06 40.75
N ALA D 120 -4.27 -2.07 41.53
CA ALA D 120 -4.09 -3.43 41.03
C ALA D 120 -5.40 -4.00 40.49
N ILE D 121 -6.47 -3.86 41.25
CA ILE D 121 -7.73 -4.40 40.80
C ILE D 121 -8.16 -3.68 39.52
N LEU D 122 -7.91 -2.38 39.40
CA LEU D 122 -8.27 -1.68 38.18
C LEU D 122 -7.55 -2.31 36.98
N ALA D 123 -6.24 -2.52 37.11
CA ALA D 123 -5.50 -3.10 36.01
C ALA D 123 -6.02 -4.50 35.67
N LEU D 124 -6.11 -5.34 36.69
CA LEU D 124 -6.61 -6.70 36.49
C LEU D 124 -8.01 -6.68 35.87
N CYS D 125 -8.87 -5.81 36.37
CA CYS D 125 -10.22 -5.77 35.83
C CYS D 125 -10.18 -5.46 34.33
N GLN D 126 -9.22 -4.67 33.91
CA GLN D 126 -9.12 -4.32 32.50
C GLN D 126 -8.67 -5.46 31.62
N LYS D 127 -7.84 -6.34 32.16
CA LYS D 127 -7.31 -7.48 31.41
C LYS D 127 -8.21 -8.72 31.43
N ASN D 128 -8.93 -8.96 32.53
CA ASN D 128 -9.79 -10.12 32.65
C ASN D 128 -10.71 -9.88 33.83
N SER D 129 -11.83 -9.23 33.56
CA SER D 129 -12.78 -8.88 34.61
C SER D 129 -13.31 -10.10 35.37
N GLU D 130 -13.59 -11.19 34.68
CA GLU D 130 -14.11 -12.37 35.38
C GLU D 130 -13.09 -12.97 36.33
N ALA D 131 -11.84 -13.07 35.90
CA ALA D 131 -10.81 -13.61 36.79
C ALA D 131 -10.67 -12.72 38.03
N THR D 132 -10.97 -11.42 37.87
CA THR D 132 -10.85 -10.44 38.95
C THR D 132 -12.02 -10.40 39.95
N LEU D 133 -13.20 -10.83 39.52
CA LEU D 133 -14.39 -10.84 40.38
C LEU D 133 -14.17 -11.26 41.85
N PRO D 134 -13.63 -12.46 42.10
CA PRO D 134 -13.39 -12.95 43.47
C PRO D 134 -12.59 -11.93 44.29
N ILE D 135 -11.52 -11.42 43.70
CA ILE D 135 -10.67 -10.45 44.35
C ILE D 135 -11.37 -9.13 44.69
N ALA D 136 -12.15 -8.63 43.74
CA ALA D 136 -12.86 -7.38 43.94
C ALA D 136 -13.99 -7.53 44.96
N VAL D 137 -14.60 -8.70 45.01
CA VAL D 137 -15.67 -8.90 45.98
C VAL D 137 -15.08 -8.84 47.37
N ARG D 138 -13.97 -9.54 47.54
CA ARG D 138 -13.29 -9.58 48.80
C ARG D 138 -12.97 -8.13 49.15
N PHE D 139 -12.35 -7.43 48.21
CA PHE D 139 -11.93 -6.06 48.41
C PHE D 139 -13.10 -5.16 48.85
N ALA D 140 -14.24 -5.27 48.14
CA ALA D 140 -15.39 -4.46 48.45
C ALA D 140 -15.85 -4.66 49.89
N LYS D 141 -16.00 -5.91 50.30
CA LYS D 141 -16.41 -6.22 51.65
C LYS D 141 -15.42 -5.63 52.63
N THR D 142 -14.15 -5.95 52.43
CA THR D 142 -13.10 -5.45 53.29
C THR D 142 -13.19 -3.96 53.43
N LEU D 143 -13.46 -3.30 52.32
CA LEU D 143 -13.56 -1.85 52.28
C LEU D 143 -14.79 -1.36 53.04
N LEU D 144 -15.86 -2.11 52.92
CA LEU D 144 -17.10 -1.77 53.57
C LEU D 144 -16.87 -1.83 55.09
N ALA D 145 -16.40 -2.97 55.56
CA ALA D 145 -16.15 -3.19 57.00
C ALA D 145 -15.12 -2.24 57.63
N ASN D 146 -14.17 -1.77 56.86
CA ASN D 146 -13.16 -0.87 57.39
C ASN D 146 -13.80 0.36 58.03
N SER D 147 -13.22 0.82 59.13
CA SER D 147 -13.76 1.99 59.85
C SER D 147 -12.81 3.18 59.81
N SER D 148 -11.54 2.90 59.62
CA SER D 148 -10.49 3.92 59.54
C SER D 148 -10.89 5.21 58.79
N PRO D 149 -10.35 6.35 59.22
CA PRO D 149 -10.66 7.65 58.58
C PRO D 149 -10.56 7.59 57.06
N PHE D 150 -11.44 8.33 56.39
CA PHE D 150 -11.52 8.38 54.94
C PHE D 150 -10.37 9.14 54.23
N ASN D 151 -9.83 8.54 53.19
CA ASN D 151 -8.74 9.13 52.39
C ASN D 151 -9.19 9.33 50.92
N VAL D 152 -9.36 10.60 50.51
CA VAL D 152 -9.82 10.93 49.17
C VAL D 152 -9.16 10.07 48.09
N ASP D 153 -7.83 10.04 48.10
CA ASP D 153 -7.09 9.28 47.10
C ASP D 153 -7.57 7.85 47.01
N THR D 154 -7.51 7.13 48.12
CA THR D 154 -7.96 5.76 48.11
C THR D 154 -9.40 5.70 47.63
N GLY D 155 -10.21 6.64 48.09
CA GLY D 155 -11.60 6.66 47.67
C GLY D 155 -11.78 6.81 46.15
N ALA D 156 -10.94 7.63 45.55
CA ALA D 156 -10.98 7.87 44.13
C ALA D 156 -10.55 6.61 43.39
N MET D 157 -9.39 6.08 43.76
CA MET D 157 -8.89 4.87 43.09
C MET D 157 -9.83 3.67 43.26
N ALA D 158 -10.43 3.58 44.44
CA ALA D 158 -11.36 2.53 44.73
C ALA D 158 -12.60 2.63 43.83
N THR D 159 -13.12 3.82 43.63
CA THR D 159 -14.30 3.89 42.81
C THR D 159 -13.96 3.55 41.36
N LEU D 160 -12.80 3.97 40.87
CA LEU D 160 -12.41 3.62 39.52
C LEU D 160 -12.29 2.11 39.42
N ALA D 161 -11.65 1.45 40.39
CA ALA D 161 -11.52 0.00 40.29
C ALA D 161 -12.90 -0.68 40.35
N LEU D 162 -13.68 -0.31 41.35
CA LEU D 162 -14.97 -0.89 41.51
C LEU D 162 -15.93 -0.53 40.36
N THR D 163 -15.70 0.60 39.68
CA THR D 163 -16.59 0.96 38.59
C THR D 163 -16.28 0.05 37.41
N CYS D 164 -14.99 -0.16 37.17
CA CYS D 164 -14.61 -1.06 36.11
C CYS D 164 -15.37 -2.37 36.32
N MET D 165 -15.27 -2.97 37.52
CA MET D 165 -15.97 -4.21 37.82
C MET D 165 -17.50 -4.17 37.69
N TYR D 166 -18.07 -3.09 38.21
CA TYR D 166 -19.51 -2.86 38.20
C TYR D 166 -20.08 -2.97 36.81
N ASN D 167 -19.28 -2.62 35.81
CA ASN D 167 -19.77 -2.66 34.45
C ASN D 167 -19.41 -3.90 33.71
N LYS D 168 -18.67 -4.80 34.37
CA LYS D 168 -18.29 -6.05 33.73
C LYS D 168 -18.79 -7.29 34.46
N ILE D 169 -19.94 -7.19 35.14
CA ILE D 169 -20.50 -8.34 35.85
C ILE D 169 -20.79 -9.41 34.80
N PRO D 170 -20.19 -10.60 34.91
CA PRO D 170 -20.47 -11.63 33.90
C PRO D 170 -21.95 -11.95 33.75
N VAL D 171 -22.40 -12.02 32.51
CA VAL D 171 -23.79 -12.35 32.27
C VAL D 171 -24.11 -13.68 32.91
N GLY D 172 -25.20 -13.71 33.67
CA GLY D 172 -25.62 -14.94 34.34
C GLY D 172 -25.11 -15.19 35.74
N SER D 173 -24.36 -14.27 36.30
CA SER D 173 -23.83 -14.46 37.65
C SER D 173 -24.59 -13.53 38.58
N GLU D 174 -25.72 -13.06 38.10
CA GLU D 174 -26.53 -12.07 38.81
C GLU D 174 -26.84 -12.26 40.31
N GLU D 175 -25.84 -12.74 41.04
CA GLU D 175 -26.04 -12.94 42.45
C GLU D 175 -25.61 -11.73 43.31
N GLY D 176 -26.18 -10.56 43.00
CA GLY D 176 -25.89 -9.39 43.80
C GLY D 176 -24.45 -8.89 43.96
N TYR D 177 -23.60 -9.16 42.97
CA TYR D 177 -22.24 -8.65 42.99
C TYR D 177 -22.41 -7.18 42.69
N ARG D 178 -23.32 -6.91 41.79
CA ARG D 178 -23.63 -5.55 41.39
C ARG D 178 -24.14 -4.74 42.59
N SER D 179 -24.93 -5.40 43.44
CA SER D 179 -25.48 -4.74 44.62
C SER D 179 -24.33 -4.31 45.54
N LEU D 180 -23.43 -5.26 45.81
CA LEU D 180 -22.28 -5.03 46.66
C LEU D 180 -21.45 -3.84 46.15
N PHE D 181 -21.06 -3.88 44.88
CA PHE D 181 -20.23 -2.82 44.34
C PHE D 181 -20.97 -1.51 44.34
N GLY D 182 -22.23 -1.52 43.92
CA GLY D 182 -22.98 -0.29 43.88
C GLY D 182 -23.01 0.38 45.24
N GLN D 183 -23.20 -0.44 46.27
CA GLN D 183 -23.29 0.06 47.63
C GLN D 183 -21.97 0.75 48.03
N VAL D 184 -20.87 0.01 47.97
CA VAL D 184 -19.57 0.54 48.30
C VAL D 184 -19.29 1.81 47.49
N LEU D 185 -19.69 1.80 46.23
CA LEU D 185 -19.46 2.98 45.40
C LEU D 185 -20.26 4.16 45.89
N LYS D 186 -21.50 3.90 46.32
CA LYS D 186 -22.38 4.95 46.83
C LYS D 186 -21.76 5.57 48.10
N ASP D 187 -21.27 4.73 49.02
CA ASP D 187 -20.68 5.24 50.26
C ASP D 187 -19.52 6.16 49.95
N ILE D 188 -18.67 5.69 49.04
CA ILE D 188 -17.51 6.45 48.66
C ILE D 188 -17.85 7.78 48.02
N VAL D 189 -18.84 7.85 47.13
CA VAL D 189 -19.10 9.14 46.52
C VAL D 189 -19.56 10.09 47.60
N GLU D 190 -20.28 9.56 48.58
CA GLU D 190 -20.78 10.38 49.67
C GLU D 190 -19.62 11.01 50.41
N LYS D 191 -18.63 10.19 50.73
CA LYS D 191 -17.43 10.66 51.43
C LYS D 191 -16.57 11.50 50.51
N ILE D 192 -16.53 11.19 49.21
CA ILE D 192 -15.69 11.99 48.32
C ILE D 192 -16.34 13.35 48.25
N SER D 193 -17.64 13.35 48.11
CA SER D 193 -18.37 14.61 48.12
C SER D 193 -18.14 14.99 49.57
N MET D 194 -18.35 16.25 49.94
CA MET D 194 -18.14 16.62 51.35
C MET D 194 -16.65 16.56 51.73
N LYS D 195 -15.83 16.67 50.71
CA LYS D 195 -14.38 16.71 50.84
C LYS D 195 -14.11 17.73 49.73
N ILE D 196 -15.22 18.15 49.12
CA ILE D 196 -15.20 19.14 48.04
C ILE D 196 -15.36 20.52 48.69
N LYS D 197 -14.34 21.36 48.59
CA LYS D 197 -14.38 22.69 49.16
C LYS D 197 -15.41 23.45 48.34
N ASP D 198 -15.64 24.71 48.67
CA ASP D 198 -16.57 25.52 47.91
C ASP D 198 -15.88 26.08 46.69
N ASN D 199 -14.57 26.29 46.78
CA ASN D 199 -13.82 26.83 45.65
C ASN D 199 -13.68 25.84 44.47
N GLY D 200 -14.12 24.60 44.66
CA GLY D 200 -14.04 23.60 43.60
C GLY D 200 -13.05 22.47 43.87
N ILE D 201 -12.11 22.71 44.77
CA ILE D 201 -11.09 21.74 45.11
C ILE D 201 -11.66 20.54 45.85
N ILE D 202 -11.08 19.36 45.64
CA ILE D 202 -11.54 18.16 46.31
C ILE D 202 -10.38 17.59 47.10
N GLY D 203 -10.46 17.67 48.42
CA GLY D 203 -9.37 17.18 49.26
C GLY D 203 -8.34 18.29 49.29
N ASP D 204 -7.45 18.30 48.30
CA ASP D 204 -6.48 19.36 48.17
C ASP D 204 -6.21 19.45 46.68
N ILE D 205 -5.42 20.43 46.24
CA ILE D 205 -5.18 20.55 44.81
C ILE D 205 -4.56 19.33 44.15
N TYR D 206 -3.78 18.57 44.91
CA TYR D 206 -3.11 17.44 44.31
C TYR D 206 -3.82 16.11 44.33
N SER D 207 -5.05 16.10 44.81
CA SER D 207 -5.80 14.86 44.80
C SER D 207 -7.10 15.12 44.06
N THR D 208 -7.23 16.33 43.51
CA THR D 208 -8.45 16.70 42.79
C THR D 208 -8.56 15.95 41.46
N GLY D 209 -7.42 15.74 40.80
CA GLY D 209 -7.42 15.04 39.53
C GLY D 209 -8.09 13.67 39.65
N LEU D 210 -7.58 12.81 40.53
CA LEU D 210 -8.17 11.49 40.70
C LEU D 210 -9.58 11.61 41.23
N ALA D 211 -9.85 12.59 42.09
CA ALA D 211 -11.22 12.72 42.56
C ALA D 211 -12.13 13.01 41.35
N MET D 212 -11.67 13.91 40.47
CA MET D 212 -12.47 14.27 39.29
C MET D 212 -12.78 13.04 38.44
N GLN D 213 -11.78 12.18 38.28
CA GLN D 213 -11.99 10.97 37.52
C GLN D 213 -13.07 10.11 38.18
N ALA D 214 -12.92 9.89 39.46
CA ALA D 214 -13.86 9.05 40.17
C ALA D 214 -15.27 9.60 40.04
N LEU D 215 -15.42 10.90 40.28
CA LEU D 215 -16.74 11.52 40.21
C LEU D 215 -17.37 11.43 38.82
N SER D 216 -16.54 11.55 37.79
CA SER D 216 -17.01 11.48 36.43
C SER D 216 -17.46 10.08 36.05
N VAL D 217 -16.99 9.09 36.77
CA VAL D 217 -17.26 7.72 36.41
C VAL D 217 -18.18 6.85 37.26
N THR D 218 -18.43 7.20 38.53
CA THR D 218 -19.29 6.38 39.39
C THR D 218 -20.68 6.23 38.87
N PRO D 219 -21.24 5.01 38.94
CA PRO D 219 -22.59 4.81 38.44
C PRO D 219 -23.61 5.75 39.11
N GLU D 220 -23.58 5.86 40.43
CA GLU D 220 -24.54 6.76 41.08
C GLU D 220 -23.88 7.92 41.84
N PRO D 221 -24.27 9.17 41.49
CA PRO D 221 -23.74 10.40 42.10
C PRO D 221 -24.21 10.57 43.54
N SER D 222 -23.64 11.52 44.25
CA SER D 222 -24.02 11.76 45.64
C SER D 222 -25.22 12.72 45.72
N LYS D 223 -25.95 12.69 46.84
CA LYS D 223 -27.10 13.57 47.03
C LYS D 223 -26.63 15.00 46.80
N LYS D 224 -25.57 15.38 47.52
CA LYS D 224 -24.95 16.70 47.36
C LYS D 224 -24.33 16.56 45.96
N GLU D 225 -24.64 17.46 45.02
CA GLU D 225 -24.05 17.24 43.72
C GLU D 225 -22.83 18.05 43.33
N TRP D 226 -22.02 17.43 42.49
CA TRP D 226 -20.78 18.01 42.02
C TRP D 226 -20.88 18.88 40.78
N ASN D 227 -20.33 20.07 40.91
CA ASN D 227 -20.29 21.04 39.84
C ASN D 227 -18.91 20.85 39.19
N CYS D 228 -18.87 20.09 38.10
CA CYS D 228 -17.60 19.84 37.43
C CYS D 228 -16.87 21.07 36.88
N LYS D 229 -17.57 21.96 36.18
CA LYS D 229 -16.95 23.17 35.61
C LYS D 229 -16.28 24.02 36.69
N LYS D 230 -16.90 24.06 37.86
CA LYS D 230 -16.33 24.82 38.96
C LYS D 230 -14.92 24.30 39.27
N THR D 231 -14.85 22.99 39.49
CA THR D 231 -13.59 22.34 39.81
C THR D 231 -12.55 22.46 38.72
N THR D 232 -12.94 22.31 37.47
CA THR D 232 -11.92 22.38 36.45
C THR D 232 -11.45 23.83 36.27
N ASP D 233 -12.35 24.77 36.46
CA ASP D 233 -11.97 26.17 36.35
C ASP D 233 -11.00 26.51 37.48
N MET D 234 -11.33 26.08 38.69
CA MET D 234 -10.43 26.32 39.82
C MET D 234 -9.04 25.70 39.57
N ILE D 235 -9.01 24.54 38.91
CA ILE D 235 -7.73 23.89 38.63
C ILE D 235 -6.97 24.72 37.62
N LEU D 236 -7.66 25.31 36.66
CA LEU D 236 -7.00 26.13 35.66
C LEU D 236 -6.33 27.37 36.28
N ASN D 237 -6.98 27.98 37.26
CA ASN D 237 -6.42 29.15 37.94
C ASN D 237 -5.24 28.68 38.75
N GLU D 238 -5.39 27.51 39.34
CA GLU D 238 -4.36 26.89 40.15
C GLU D 238 -3.12 26.72 39.29
N ILE D 239 -3.30 26.35 38.02
CA ILE D 239 -2.14 26.20 37.13
C ILE D 239 -1.51 27.55 36.92
N LYS D 240 -2.37 28.55 36.72
CA LYS D 240 -1.94 29.92 36.54
C LYS D 240 -1.13 30.42 37.74
N GLN D 241 -1.54 30.03 38.94
CA GLN D 241 -0.84 30.41 40.15
C GLN D 241 0.53 29.72 40.23
N GLY D 242 0.81 28.84 39.28
CA GLY D 242 2.09 28.12 39.27
C GLY D 242 2.15 26.91 40.19
N LYS D 243 0.99 26.36 40.54
CA LYS D 243 0.88 25.22 41.44
C LYS D 243 1.23 23.85 40.85
N PHE D 244 1.58 23.82 39.56
CA PHE D 244 1.94 22.57 38.93
C PHE D 244 3.27 22.59 38.18
N HIS D 245 4.34 22.18 38.85
CA HIS D 245 5.65 22.14 38.21
C HIS D 245 6.14 20.69 38.32
N ASN D 246 5.63 19.99 39.34
CA ASN D 246 6.03 18.61 39.60
C ASN D 246 5.43 17.58 38.63
N PRO D 247 6.30 16.84 37.92
CA PRO D 247 5.90 15.82 36.95
C PRO D 247 4.78 14.89 37.40
N MET D 248 4.91 14.31 38.59
CA MET D 248 3.89 13.38 39.09
C MET D 248 2.54 14.10 39.32
N SER D 249 2.60 15.32 39.87
CA SER D 249 1.39 16.11 40.13
C SER D 249 0.67 16.42 38.82
N ILE D 250 1.45 16.69 37.77
CA ILE D 250 0.88 17.01 36.48
C ILE D 250 0.26 15.74 35.87
N ALA D 251 0.96 14.61 36.03
CA ALA D 251 0.50 13.35 35.50
C ALA D 251 -0.87 13.01 36.07
N GLN D 252 -1.15 13.51 37.27
CA GLN D 252 -2.41 13.22 37.90
C GLN D 252 -3.56 14.18 37.64
N ILE D 253 -3.31 15.29 36.94
CA ILE D 253 -4.42 16.16 36.58
C ILE D 253 -4.61 16.16 35.09
N LEU D 254 -3.53 15.90 34.35
CA LEU D 254 -3.62 15.97 32.92
C LEU D 254 -4.82 15.22 32.35
N PRO D 255 -4.96 13.92 32.66
CA PRO D 255 -6.08 13.10 32.17
C PRO D 255 -7.42 13.78 32.34
N SER D 256 -7.66 14.32 33.54
CA SER D 256 -8.92 15.01 33.80
C SER D 256 -9.05 16.20 32.88
N LEU D 257 -7.98 16.98 32.74
CA LEU D 257 -8.03 18.17 31.91
C LEU D 257 -8.25 17.83 30.44
N LYS D 258 -8.13 16.55 30.12
CA LYS D 258 -8.31 16.08 28.74
C LYS D 258 -9.60 15.27 28.56
N GLY D 259 -10.49 15.31 29.55
CA GLY D 259 -11.72 14.55 29.45
C GLY D 259 -11.49 13.04 29.46
N LYS D 260 -10.42 12.59 30.11
CA LYS D 260 -10.12 11.17 30.16
C LYS D 260 -10.00 10.68 31.58
N THR D 261 -10.07 9.37 31.77
CA THR D 261 -9.89 8.77 33.09
C THR D 261 -9.06 7.54 32.76
N TYR D 262 -8.54 6.89 33.80
CA TYR D 262 -7.77 5.69 33.61
C TYR D 262 -8.65 4.58 33.02
N LEU D 263 -9.97 4.75 33.05
CA LEU D 263 -10.82 3.73 32.48
C LEU D 263 -10.71 3.78 30.96
N ASP D 264 -10.10 4.83 30.42
CA ASP D 264 -9.98 4.97 28.98
C ASP D 264 -8.75 4.29 28.43
N VAL D 265 -7.85 3.90 29.32
CA VAL D 265 -6.62 3.25 28.93
C VAL D 265 -6.82 2.13 27.90
N PRO D 266 -7.69 1.14 28.17
CA PRO D 266 -7.84 0.09 27.16
C PRO D 266 -8.26 0.58 25.76
N GLN D 267 -8.91 1.74 25.67
CA GLN D 267 -9.38 2.26 24.39
C GLN D 267 -8.44 3.17 23.61
N VAL D 268 -7.23 3.38 24.11
CA VAL D 268 -6.28 4.24 23.44
C VAL D 268 -5.85 3.72 22.07
N THR D 269 -5.81 4.62 21.10
CA THR D 269 -5.39 4.31 19.73
C THR D 269 -3.90 4.65 19.64
N CYS D 270 -3.10 3.78 19.06
CA CYS D 270 -1.68 4.11 18.95
C CYS D 270 -1.24 4.63 17.59
N SER D 271 -0.24 5.51 17.62
CA SER D 271 0.31 6.20 16.45
C SER D 271 -0.79 6.99 15.80
N PRO D 272 -1.21 8.09 16.48
CA PRO D 272 -2.28 9.04 16.11
C PRO D 272 -2.29 9.52 14.65
N ASP D 273 -3.49 9.83 14.18
CA ASP D 273 -3.71 10.30 12.82
C ASP D 273 -3.82 11.84 12.87
#